data_9AVU
#
_entry.id   9AVU
#
_cell.length_a   1.00
_cell.length_b   1.00
_cell.length_c   1.00
_cell.angle_alpha   90.00
_cell.angle_beta   90.00
_cell.angle_gamma   90.00
#
_symmetry.space_group_name_H-M   'P 1'
#
loop_
_entity.id
_entity.type
_entity.pdbx_description
1 polymer 'Acetylcholine receptor subunit alpha'
2 polymer 'Acetylcholine receptor subunit beta'
3 polymer 'Acetylcholine receptor subunit delta'
4 polymer 'Acetylcholine receptor subunit gamma'
5 branched alpha-D-mannopyranose-(1-2)-alpha-D-mannopyranose-(1-3)-[alpha-D-mannopyranose-(1-2)-alpha-D-mannopyranose-(1-6)]alpha-D-mannopyranose-(1-6)-[alpha-D-mannopyranose-(1-2)-alpha-D-mannopyranose-(1-3)]beta-D-mannopyranose-(1-4)-2-acetamido-2-deoxy-beta-D-glucopyranose-(1-4)-2-acetamido-2-deoxy-beta-D-glucopyranose
6 branched alpha-D-mannopyranose-(1-6)-beta-D-mannopyranose-(1-4)-2-acetamido-2-deoxy-beta-D-glucopyranose-(1-4)-2-acetamido-2-deoxy-beta-D-glucopyranose
7 branched alpha-D-mannopyranose-(1-2)-alpha-D-mannopyranose-(1-6)-[alpha-D-mannopyranose-(1-3)]alpha-D-mannopyranose-(1-6)-[alpha-D-mannopyranose-(1-2)-alpha-D-mannopyranose-(1-3)]beta-D-mannopyranose-(1-4)-2-acetamido-2-deoxy-beta-D-glucopyranose-(1-4)-2-acetamido-2-deoxy-beta-D-glucopyranose
8 branched alpha-D-mannopyranose-(1-2)-alpha-D-mannopyranose-(1-3)-[alpha-D-mannopyranose-(1-3)-alpha-D-mannopyranose-(1-6)]beta-D-mannopyranose-(1-4)-2-acetamido-2-deoxy-beta-D-glucopyranose-(1-4)-2-acetamido-2-deoxy-beta-D-glucopyranose
9 branched 2-acetamido-2-deoxy-beta-D-glucopyranose-(1-4)-2-acetamido-2-deoxy-beta-D-glucopyranose
10 non-polymer '(2S)-3-(hexadecanoyloxy)-2-[(9Z)-octadec-9-enoyloxy]propyl 2-(trimethylammonio)ethyl phosphate'
11 non-polymer ACETYLCHOLINE
12 water water
#
loop_
_entity_poly.entity_id
_entity_poly.type
_entity_poly.pdbx_seq_one_letter_code
_entity_poly.pdbx_strand_id
1 'polypeptide(L)'
;SEHETRLVAKLFEDYNSVVRPVEDHRQAVEVTVGLQLIQLINVDEVNQIVTTNVRLKQQWVDYNLKWNPDDYGGVKKIHI
PSEKIWRPDLVLYNNADGDFAIVKFTKVLLDYTGHITWTPPAIFKSYCEIIVTHFPFDEQNCSMKLGTWTYDGSVVVINP
ESDQPDLSNFMESGEWVIKESRGWKHWVFYACCPSTPYLDITYHFVMQRLPLYFIVNVIIPCLLFSFLTGLVFYLPTDSG
EKMTLSISVLLSLTVFLLVIVELIPSTSSAVPLIGKYMLFTMVFVIASIIITVIVINTHHRSPSTHVMPEWVRKVFIDTI
PNIMFFSTMKRPSREKQDKKIFTEDIDISDISGKPGPPPMGFHSPLIKHPEVKSAIEGIKYIAETMKSDQESNNAAEEWK
YVAMVMDHILLAVFMLVCIIGTLAVFAGRLIELNQQG
;
A,C
2 'polypeptide(L)'
;SEAEGRLREKLFSGYDSTVRPAREVGDRVWVSIGLTLAQLISLNEKDEEMSTKVYLDLEWTDYRLSWDPEEHEGIDSLRI
SAESVWLPDVVLLNNNDGNFDVALDINVVVSSDGSMRWQPPGIYRSSCSIQVTYFPFDWQNCTMVFSSYSYDSSEVSLQT
GLSPEGQERQEVYIHEGTFIENGQWEIIHKPSRLIQPSVDPRGGGEGRREEVTFYLIIRRKPLFYLVNVIAPCILITLLA
IFVFYLPPDAGEKMGLSIFALLTLTVFLLLLADKVPETSLSVPIIIKYLMFTMVLVTFSVILSVVVLNLHHRSPHTHQMP
LWVRQIFIHKLPLYLGLKRPKPERDQMQEPPSIAPRDSPGSGWGRGTDEYFIRKPPNDFLFPKPNRFQPELSAPDLRRFI
DGPNRAVGLPPELREVVSSISYIARQLQEQEDHDVLKEDWQFVAMVVDRLFLWTFIIFTSVGTLVIFLDATYHLPPADPF
P
;
E
3 'polypeptide(L)'
;LNEEERLIRHLFEEKAYNKELRPAAHKESVEISLALTLSNLISLKEVEETLTTNVWIEQGWTDSRLQWDAEDFGNISVLR
LPADMVWLPEIVLENNNDGSFQISYSCNVLIYPSGSVYWLPPAIFRSSCPISVTYFPFDWQNCSLKFSSLKYTTKEITLS
LKQAEEDGRSYPVEWIIIDPEGFTENGEWEIVHRPARVNVDPSVPLDSPNRQDVTFYLIIRRKPLFYVINILVPCVLISF
MINLVFYLPADCGEKTSMAISVLLAQSVFLLLISKRLPATSMAIPLIGKFLLFGMVLVTMVVVICVIVLNIHFRTPSTHV
LSEPVKKLFLETLPEILHMSRPAEDGPSPGTLIRRSSSLGYISKAEEYFSLKSRSDLMFEKQSERHGLARRLTTARRPPA
GSEQAQQELFSELKPAVDGANFIVNHMKDQNNYNEEKDCWNRVARTVDRLCLFVVTPIMVVGTAWIFLQGAYNQPPPQPF
PGDPFSYLEKDKRFI
;
D
4 'polypeptide(L)'
;RNQEERLLGDLMQGYNPHLRPAEHDSDVVNVSLKLTLTNLISLNEREEALTTNVWIEMQWCDYRLRWDPRDYGGLWVLRV
PSTMVWRPDIVLENNVDGVFEVALYCNVLVSPDGCVYWLPPAIFRSSCPVSVTFFPFDWQNCSLIFQSQTYSTNEINLQL
SQEDGQTIEWIFIDPEAFTENGEWAIRHRPAKMLLDEAAPAEEAGHQKVVFYLLIQRKPLFYVINIIAPCVLISSVAILI
YFLPAKAGGQKCTVAINVLLAQTVFLFLVAKKVPETSQAVPLISKYLTFLLVVTILIVVNAVVVLNVSLRSPHTHSMARG
VRKVFLRLLPQLLRMHVRPLAPVAVQDAHPRLQNGSSSGWPITAGEEVALCLPRSELLFRQRQRNGLVRAALEKLEKGPE
SGQSPEWCGSLKQAAPAIQACVEACNLIARARHQQTHFDSGNKEWFLVGRVLDRVCFLAMLSLFVCGTAGIFLMAHYNRV
PALPFPGDPRSYLPSSD
;
B
#
loop_
_chem_comp.id
_chem_comp.type
_chem_comp.name
_chem_comp.formula
ACH non-polymer ACETYLCHOLINE 'C7 H16 N O2 1'
BMA D-saccharide, beta linking beta-D-mannopyranose 'C6 H12 O6'
MAN D-saccharide, alpha linking alpha-D-mannopyranose 'C6 H12 O6'
NAG D-saccharide, beta linking 2-acetamido-2-deoxy-beta-D-glucopyranose 'C8 H15 N O6'
POV non-polymer '(2S)-3-(hexadecanoyloxy)-2-[(9Z)-octadec-9-enoyloxy]propyl 2-(trimethylammonio)ethyl phosphate' 'C42 H82 N O8 P'
#
# COMPACT_ATOMS: atom_id res chain seq x y z
N SER A 1 39.01 15.71 -36.17
CA SER A 1 40.50 15.78 -36.20
C SER A 1 41.07 14.67 -37.07
N GLU A 2 41.83 15.06 -38.10
CA GLU A 2 42.46 14.06 -38.97
C GLU A 2 43.61 13.36 -38.24
N HIS A 3 44.36 14.09 -37.42
CA HIS A 3 45.43 13.48 -36.65
C HIS A 3 44.88 12.41 -35.71
N GLU A 4 43.82 12.75 -34.97
CA GLU A 4 43.25 11.80 -34.04
C GLU A 4 42.55 10.66 -34.77
N THR A 5 41.97 10.93 -35.94
CA THR A 5 41.36 9.87 -36.74
C THR A 5 42.42 8.86 -37.16
N ARG A 6 43.55 9.35 -37.66
CA ARG A 6 44.65 8.46 -38.05
C ARG A 6 45.19 7.70 -36.84
N LEU A 7 45.31 8.38 -35.70
CA LEU A 7 45.80 7.72 -34.50
C LEU A 7 44.88 6.59 -34.06
N VAL A 8 43.56 6.85 -34.02
CA VAL A 8 42.62 5.83 -33.58
C VAL A 8 42.57 4.69 -34.57
N ALA A 9 42.72 4.98 -35.87
CA ALA A 9 42.79 3.89 -36.85
C ALA A 9 44.05 3.05 -36.65
N LYS A 10 45.18 3.69 -36.36
CA LYS A 10 46.43 2.96 -36.19
C LYS A 10 46.41 2.10 -34.93
N LEU A 11 45.89 2.64 -33.83
CA LEU A 11 45.99 1.95 -32.54
C LEU A 11 45.17 0.67 -32.52
N PHE A 12 44.09 0.61 -33.29
CA PHE A 12 43.14 -0.50 -33.25
C PHE A 12 43.11 -1.30 -34.54
N GLU A 13 44.20 -1.28 -35.32
CA GLU A 13 44.26 -2.10 -36.52
C GLU A 13 44.49 -3.58 -36.17
N ASP A 14 45.30 -3.84 -35.14
CA ASP A 14 45.61 -5.20 -34.71
C ASP A 14 45.56 -5.30 -33.19
N TYR A 15 44.55 -4.67 -32.59
CA TYR A 15 44.38 -4.67 -31.15
C TYR A 15 43.51 -5.84 -30.73
N ASN A 16 43.89 -6.47 -29.62
CA ASN A 16 43.14 -7.59 -29.05
C ASN A 16 42.75 -7.21 -27.62
N SER A 17 41.45 -7.12 -27.38
CA SER A 17 40.92 -6.72 -26.08
C SER A 17 40.68 -7.90 -25.15
N VAL A 18 40.99 -9.13 -25.58
CA VAL A 18 40.80 -10.29 -24.72
C VAL A 18 41.96 -10.45 -23.76
N VAL A 19 43.17 -10.18 -24.21
CA VAL A 19 44.38 -10.49 -23.44
C VAL A 19 44.71 -9.31 -22.54
N ARG A 20 45.32 -9.62 -21.40
CA ARG A 20 45.68 -8.57 -20.44
C ARG A 20 46.73 -7.65 -21.05
N PRO A 21 46.71 -6.33 -20.76
CA PRO A 21 47.51 -5.37 -21.55
C PRO A 21 48.98 -5.26 -21.14
N VAL A 22 49.65 -6.41 -21.02
CA VAL A 22 51.02 -6.48 -20.54
C VAL A 22 51.93 -6.90 -21.69
N GLU A 23 53.18 -6.44 -21.64
CA GLU A 23 54.17 -6.87 -22.60
C GLU A 23 54.47 -8.36 -22.45
N ASP A 24 54.62 -8.82 -21.22
CA ASP A 24 54.87 -10.22 -20.89
C ASP A 24 53.69 -10.78 -20.10
N HIS A 25 53.33 -12.02 -20.39
CA HIS A 25 52.20 -12.64 -19.70
C HIS A 25 52.50 -12.95 -18.24
N ARG A 26 53.77 -12.90 -17.81
CA ARG A 26 54.15 -13.26 -16.45
C ARG A 26 54.01 -12.11 -15.46
N GLN A 27 53.83 -10.87 -15.93
CA GLN A 27 53.61 -9.72 -15.07
C GLN A 27 52.12 -9.43 -14.95
N ALA A 28 51.76 -8.79 -13.85
CA ALA A 28 50.38 -8.49 -13.53
C ALA A 28 50.02 -7.07 -13.95
N VAL A 29 48.74 -6.84 -14.21
CA VAL A 29 48.23 -5.51 -14.51
C VAL A 29 47.97 -4.79 -13.19
N GLU A 30 48.64 -3.66 -12.99
CA GLU A 30 48.44 -2.85 -11.79
C GLU A 30 47.29 -1.89 -12.03
N VAL A 31 46.23 -2.04 -11.25
CA VAL A 31 45.02 -1.24 -11.38
C VAL A 31 44.85 -0.42 -10.10
N THR A 32 44.56 0.86 -10.24
CA THR A 32 44.21 1.73 -9.13
C THR A 32 42.70 1.94 -9.15
N VAL A 33 42.04 1.59 -8.04
CA VAL A 33 40.59 1.64 -7.92
C VAL A 33 40.23 2.69 -6.90
N GLY A 34 39.23 3.51 -7.22
CA GLY A 34 38.74 4.52 -6.31
C GLY A 34 37.24 4.69 -6.41
N LEU A 35 36.55 4.56 -5.29
CA LEU A 35 35.11 4.74 -5.25
C LEU A 35 34.79 6.19 -4.91
N GLN A 36 33.81 6.75 -5.62
CA GLN A 36 33.29 8.09 -5.36
C GLN A 36 31.80 7.96 -5.10
N LEU A 37 31.38 8.18 -3.86
CA LEU A 37 29.97 8.14 -3.51
C LEU A 37 29.33 9.47 -3.88
N ILE A 38 28.47 9.45 -4.89
CA ILE A 38 27.78 10.67 -5.30
C ILE A 38 26.54 10.90 -4.45
N GLN A 39 25.79 9.84 -4.16
CA GLN A 39 24.54 9.97 -3.43
C GLN A 39 24.22 8.62 -2.78
N LEU A 40 23.64 8.69 -1.59
CA LEU A 40 23.11 7.52 -0.89
C LEU A 40 21.60 7.50 -1.14
N ILE A 41 21.18 6.72 -2.12
CA ILE A 41 19.79 6.79 -2.58
C ILE A 41 18.85 6.27 -1.51
N ASN A 42 19.14 5.10 -0.93
CA ASN A 42 18.17 4.49 -0.03
C ASN A 42 18.86 3.50 0.89
N VAL A 43 18.29 3.34 2.08
CA VAL A 43 18.68 2.30 3.04
C VAL A 43 17.39 1.59 3.43
N ASP A 44 17.06 0.53 2.71
CA ASP A 44 15.87 -0.26 2.99
C ASP A 44 16.18 -1.21 4.14
N GLU A 45 15.58 -0.94 5.30
CA GLU A 45 15.81 -1.75 6.49
C GLU A 45 15.06 -3.07 6.42
N VAL A 46 13.85 -3.06 5.86
CA VAL A 46 13.03 -4.28 5.82
C VAL A 46 13.71 -5.33 4.95
N ASN A 47 14.17 -4.93 3.76
CA ASN A 47 14.87 -5.83 2.86
C ASN A 47 16.38 -5.79 3.03
N GLN A 48 16.91 -4.90 3.88
CA GLN A 48 18.33 -4.85 4.20
C GLN A 48 19.18 -4.63 2.95
N ILE A 49 18.84 -3.60 2.18
CA ILE A 49 19.51 -3.29 0.92
C ILE A 49 19.84 -1.80 0.90
N VAL A 50 21.07 -1.49 0.50
CA VAL A 50 21.56 -0.12 0.43
C VAL A 50 21.76 0.22 -1.04
N THR A 51 21.02 1.22 -1.52
CA THR A 51 21.12 1.72 -2.88
C THR A 51 21.95 2.99 -2.88
N THR A 52 23.07 2.97 -3.60
CA THR A 52 24.01 4.08 -3.69
C THR A 52 24.35 4.36 -5.15
N ASN A 53 24.43 5.65 -5.47
CA ASN A 53 24.92 6.11 -6.77
C ASN A 53 26.41 6.43 -6.63
N VAL A 54 27.23 5.80 -7.48
CA VAL A 54 28.68 5.85 -7.32
C VAL A 54 29.36 6.02 -8.68
N ARG A 55 30.61 6.44 -8.62
CA ARG A 55 31.52 6.46 -9.77
C ARG A 55 32.73 5.64 -9.41
N LEU A 56 33.04 4.63 -10.24
CA LEU A 56 34.11 3.68 -9.94
C LEU A 56 35.33 3.99 -10.80
N LYS A 57 36.15 4.94 -10.33
CA LYS A 57 37.33 5.35 -11.08
C LYS A 57 38.35 4.22 -11.10
N GLN A 58 38.84 3.89 -12.29
CA GLN A 58 39.81 2.82 -12.50
C GLN A 58 40.92 3.36 -13.38
N GLN A 59 42.17 3.16 -12.96
CA GLN A 59 43.33 3.65 -13.68
C GLN A 59 44.30 2.51 -13.93
N TRP A 60 44.76 2.37 -15.17
CA TRP A 60 45.76 1.34 -15.46
C TRP A 60 46.46 1.66 -16.77
N VAL A 61 47.63 1.06 -16.96
CA VAL A 61 48.46 1.31 -18.14
C VAL A 61 48.23 0.18 -19.14
N ASP A 62 48.01 0.55 -20.40
CA ASP A 62 47.91 -0.38 -21.51
C ASP A 62 49.18 -0.33 -22.35
N TYR A 63 49.80 -1.49 -22.55
CA TYR A 63 51.10 -1.52 -23.22
C TYR A 63 50.98 -1.15 -24.70
N ASN A 64 49.92 -1.60 -25.36
CA ASN A 64 49.79 -1.47 -26.81
C ASN A 64 49.00 -0.25 -27.24
N LEU A 65 48.72 0.69 -26.33
CA LEU A 65 47.99 1.91 -26.65
C LEU A 65 48.83 3.13 -26.32
N LYS A 66 50.09 3.11 -26.76
CA LYS A 66 51.01 4.22 -26.63
C LYS A 66 51.32 4.80 -28.01
N TRP A 67 51.69 6.07 -28.04
CA TRP A 67 52.06 6.72 -29.29
C TRP A 67 52.96 7.91 -29.00
N ASN A 68 53.60 8.38 -30.05
CA ASN A 68 54.41 9.59 -29.99
C ASN A 68 53.56 10.78 -30.43
N PRO A 69 53.33 11.80 -29.59
CA PRO A 69 52.51 12.94 -30.05
C PRO A 69 53.08 13.67 -31.25
N ASP A 70 54.40 13.67 -31.42
CA ASP A 70 55.00 14.38 -32.55
C ASP A 70 54.59 13.77 -33.88
N ASP A 71 54.30 12.48 -33.90
CA ASP A 71 53.86 11.82 -35.13
C ASP A 71 52.40 12.09 -35.46
N TYR A 72 51.64 12.71 -34.56
CA TYR A 72 50.20 12.90 -34.71
C TYR A 72 49.80 14.33 -34.37
N GLY A 73 50.63 15.30 -34.76
CA GLY A 73 50.28 16.69 -34.60
C GLY A 73 50.22 17.19 -33.18
N GLY A 74 50.81 16.46 -32.23
CA GLY A 74 50.84 16.88 -30.85
C GLY A 74 49.68 16.42 -30.00
N VAL A 75 48.89 15.45 -30.48
CA VAL A 75 47.80 14.90 -29.68
C VAL A 75 48.40 14.10 -28.53
N LYS A 76 48.00 14.44 -27.29
CA LYS A 76 48.53 13.82 -26.09
C LYS A 76 47.49 13.05 -25.28
N LYS A 77 46.21 13.38 -25.41
CA LYS A 77 45.14 12.65 -24.75
C LYS A 77 43.97 12.53 -25.71
N ILE A 78 43.29 11.39 -25.67
CA ILE A 78 42.10 11.16 -26.47
C ILE A 78 41.05 10.48 -25.60
N HIS A 79 39.82 10.49 -26.09
CA HIS A 79 38.69 9.82 -25.46
C HIS A 79 38.19 8.75 -26.41
N ILE A 80 38.17 7.50 -25.96
CA ILE A 80 37.79 6.39 -26.83
C ILE A 80 36.70 5.55 -26.15
N PRO A 81 35.85 4.83 -26.91
CA PRO A 81 34.89 3.95 -26.25
C PRO A 81 35.58 2.87 -25.43
N SER A 82 35.00 2.56 -24.27
CA SER A 82 35.59 1.57 -23.38
C SER A 82 35.32 0.14 -23.82
N GLU A 83 34.27 -0.10 -24.61
CA GLU A 83 33.93 -1.46 -25.00
C GLU A 83 34.95 -2.09 -25.92
N LYS A 84 35.79 -1.29 -26.58
CA LYS A 84 36.74 -1.80 -27.56
C LYS A 84 38.10 -2.16 -26.97
N ILE A 85 38.34 -1.89 -25.68
CA ILE A 85 39.62 -2.17 -25.04
C ILE A 85 39.42 -3.14 -23.90
N TRP A 86 40.53 -3.73 -23.45
CA TRP A 86 40.52 -4.56 -22.27
C TRP A 86 40.25 -3.71 -21.03
N ARG A 87 39.40 -4.23 -20.15
CA ARG A 87 39.04 -3.57 -18.91
C ARG A 87 39.12 -4.55 -17.76
N PRO A 88 39.41 -4.08 -16.53
CA PRO A 88 39.23 -4.96 -15.38
C PRO A 88 37.76 -5.32 -15.19
N ASP A 89 37.51 -6.55 -14.77
CA ASP A 89 36.15 -7.03 -14.53
C ASP A 89 35.88 -6.93 -13.04
N LEU A 90 35.54 -5.73 -12.59
CA LEU A 90 35.32 -5.46 -11.17
C LEU A 90 33.87 -5.78 -10.85
N VAL A 91 33.68 -6.61 -9.83
CA VAL A 91 32.38 -7.14 -9.46
C VAL A 91 32.15 -6.81 -8.00
N LEU A 92 30.90 -6.44 -7.69
CA LEU A 92 30.45 -6.19 -6.33
C LEU A 92 30.00 -7.51 -5.74
N TYR A 93 30.78 -8.05 -4.79
CA TYR A 93 30.50 -9.37 -4.25
C TYR A 93 29.16 -9.43 -3.54
N ASN A 94 28.84 -8.38 -2.77
CA ASN A 94 27.65 -8.37 -1.92
C ASN A 94 26.44 -7.75 -2.62
N ASN A 95 26.37 -7.86 -3.94
CA ASN A 95 25.19 -7.39 -4.66
C ASN A 95 23.95 -8.17 -4.21
N ALA A 96 22.83 -7.46 -4.08
CA ALA A 96 21.59 -8.03 -3.57
C ALA A 96 20.45 -7.99 -4.57
N ASP A 97 20.21 -6.85 -5.22
CA ASP A 97 19.04 -6.66 -6.08
C ASP A 97 19.42 -5.85 -7.30
N GLY A 98 20.64 -6.03 -7.81
CA GLY A 98 21.10 -5.23 -8.94
C GLY A 98 22.12 -5.93 -9.81
N ASP A 99 22.91 -5.15 -10.54
CA ASP A 99 23.94 -5.69 -11.41
C ASP A 99 25.22 -5.97 -10.63
N PHE A 100 25.92 -7.03 -11.03
CA PHE A 100 27.16 -7.40 -10.35
C PHE A 100 28.32 -6.51 -10.77
N ALA A 101 28.36 -6.08 -12.03
CA ALA A 101 29.46 -5.32 -12.58
C ALA A 101 28.93 -4.04 -13.22
N ILE A 102 29.86 -3.26 -13.79
CA ILE A 102 29.47 -2.06 -14.52
C ILE A 102 28.68 -2.45 -15.75
N VAL A 103 27.62 -1.69 -16.03
CA VAL A 103 26.81 -1.87 -17.22
C VAL A 103 26.73 -0.62 -18.07
N LYS A 104 27.16 0.54 -17.56
CA LYS A 104 27.26 1.78 -18.33
C LYS A 104 28.70 1.93 -18.80
N PHE A 105 28.93 1.79 -20.10
CA PHE A 105 30.28 1.81 -20.67
C PHE A 105 30.55 3.19 -21.26
N THR A 106 30.95 4.10 -20.37
CA THR A 106 31.33 5.45 -20.76
C THR A 106 32.74 5.43 -21.36
N LYS A 107 33.11 6.56 -21.96
CA LYS A 107 34.41 6.65 -22.63
C LYS A 107 35.55 6.60 -21.61
N VAL A 108 36.71 6.15 -22.09
CA VAL A 108 37.94 6.16 -21.31
C VAL A 108 38.83 7.27 -21.83
N LEU A 109 39.53 7.94 -20.92
CA LEU A 109 40.57 8.91 -21.25
C LEU A 109 41.89 8.17 -21.37
N LEU A 110 42.50 8.22 -22.56
CA LEU A 110 43.74 7.54 -22.88
C LEU A 110 44.83 8.56 -23.13
N ASP A 111 45.93 8.45 -22.40
CA ASP A 111 47.10 9.29 -22.58
C ASP A 111 48.06 8.64 -23.58
N TYR A 112 49.01 9.43 -24.07
CA TYR A 112 49.98 8.92 -25.02
C TYR A 112 50.96 7.94 -24.40
N THR A 113 51.05 7.88 -23.07
CA THR A 113 51.89 6.92 -22.37
C THR A 113 51.18 5.62 -22.08
N GLY A 114 49.97 5.43 -22.61
CA GLY A 114 49.19 4.22 -22.36
C GLY A 114 48.31 4.26 -21.15
N HIS A 115 48.35 5.33 -20.35
CA HIS A 115 47.54 5.42 -19.15
C HIS A 115 46.08 5.59 -19.52
N ILE A 116 45.22 4.75 -18.94
CA ILE A 116 43.78 4.76 -19.16
C ILE A 116 43.11 5.12 -17.85
N THR A 117 42.19 6.09 -17.91
CA THR A 117 41.29 6.41 -16.81
C THR A 117 39.87 6.14 -17.28
N TRP A 118 39.15 5.29 -16.54
CA TRP A 118 37.77 4.93 -16.85
C TRP A 118 36.95 5.12 -15.58
N THR A 119 35.95 6.00 -15.64
CA THR A 119 35.19 6.42 -14.46
C THR A 119 33.70 6.19 -14.72
N PRO A 120 33.28 4.94 -14.82
CA PRO A 120 31.87 4.67 -15.12
C PRO A 120 31.00 4.96 -13.92
N PRO A 121 29.72 5.27 -14.13
CA PRO A 121 28.78 5.37 -13.02
C PRO A 121 28.09 4.03 -12.75
N ALA A 122 27.51 3.93 -11.57
CA ALA A 122 26.79 2.73 -11.21
C ALA A 122 25.77 3.04 -10.14
N ILE A 123 24.75 2.19 -10.06
CA ILE A 123 23.75 2.22 -9.01
C ILE A 123 23.86 0.87 -8.30
N PHE A 124 24.66 0.83 -7.24
CA PHE A 124 24.90 -0.41 -6.51
C PHE A 124 23.82 -0.61 -5.47
N LYS A 125 23.18 -1.77 -5.52
CA LYS A 125 22.20 -2.21 -4.52
C LYS A 125 22.85 -3.33 -3.72
N SER A 126 23.61 -2.95 -2.70
CA SER A 126 24.40 -3.88 -1.91
C SER A 126 23.62 -4.37 -0.70
N TYR A 127 24.12 -5.45 -0.10
CA TYR A 127 23.52 -6.03 1.08
C TYR A 127 24.20 -5.46 2.33
N CYS A 128 23.40 -4.89 3.23
CA CYS A 128 23.88 -4.38 4.52
C CYS A 128 23.08 -5.04 5.62
N GLU A 129 23.75 -5.70 6.55
CA GLU A 129 23.08 -6.22 7.73
C GLU A 129 22.64 -5.05 8.61
N ILE A 130 21.34 -4.96 8.86
CA ILE A 130 20.75 -3.83 9.56
C ILE A 130 20.55 -4.22 11.01
N ILE A 131 21.26 -3.54 11.91
CA ILE A 131 21.13 -3.77 13.35
C ILE A 131 20.02 -2.85 13.85
N VAL A 132 18.99 -3.45 14.46
CA VAL A 132 17.81 -2.71 14.88
C VAL A 132 17.82 -2.35 16.36
N THR A 133 18.91 -2.68 17.08
CA THR A 133 18.90 -2.63 18.53
C THR A 133 18.58 -1.24 19.08
N HIS A 134 18.99 -0.18 18.35
CA HIS A 134 18.83 1.20 18.81
C HIS A 134 17.94 2.01 17.86
N PHE A 135 17.16 1.35 17.01
CA PHE A 135 16.26 2.06 16.12
C PHE A 135 15.23 2.83 16.96
N PRO A 136 14.90 4.09 16.61
CA PRO A 136 15.31 4.91 15.45
C PRO A 136 16.56 5.75 15.68
N PHE A 137 17.38 5.43 16.68
CA PHE A 137 18.65 6.10 16.92
C PHE A 137 19.84 5.23 16.52
N ASP A 138 19.64 4.33 15.57
CA ASP A 138 20.62 3.31 15.26
C ASP A 138 21.74 3.84 14.37
N GLU A 139 22.87 3.15 14.43
CA GLU A 139 24.02 3.38 13.56
C GLU A 139 24.26 2.13 12.74
N GLN A 140 24.50 2.30 11.43
CA GLN A 140 24.63 1.18 10.50
C GLN A 140 25.97 1.27 9.78
N ASN A 141 26.71 0.17 9.78
CA ASN A 141 27.96 0.04 9.04
C ASN A 141 27.69 -0.80 7.80
N CYS A 142 27.75 -0.17 6.62
CA CYS A 142 27.40 -0.81 5.37
C CYS A 142 28.60 -0.81 4.44
N SER A 143 28.92 -1.99 3.89
CA SER A 143 30.14 -2.22 3.14
C SER A 143 29.85 -2.56 1.69
N MET A 144 30.88 -2.40 0.87
CA MET A 144 30.82 -2.62 -0.57
C MET A 144 32.13 -3.30 -0.96
N LYS A 145 32.07 -4.59 -1.26
CA LYS A 145 33.24 -5.39 -1.58
C LYS A 145 33.38 -5.46 -3.09
N LEU A 146 34.42 -4.83 -3.63
CA LEU A 146 34.68 -4.78 -5.07
C LEU A 146 35.96 -5.53 -5.38
N GLY A 147 35.90 -6.45 -6.34
CA GLY A 147 37.08 -7.21 -6.69
C GLY A 147 37.00 -7.74 -8.10
N THR A 148 38.17 -7.97 -8.70
CA THR A 148 38.22 -8.61 -10.01
C THR A 148 37.74 -10.05 -9.88
N TRP A 149 36.82 -10.44 -10.75
CA TRP A 149 36.17 -11.74 -10.59
C TRP A 149 37.07 -12.88 -11.06
N THR A 150 37.43 -12.89 -12.34
CA THR A 150 38.13 -14.00 -12.95
C THR A 150 39.65 -13.88 -12.90
N TYR A 151 40.18 -12.73 -12.47
CA TYR A 151 41.62 -12.49 -12.43
C TYR A 151 42.08 -12.54 -10.97
N ASP A 152 43.05 -13.40 -10.70
CA ASP A 152 43.61 -13.51 -9.36
C ASP A 152 44.71 -12.47 -9.17
N GLY A 153 45.25 -12.39 -7.96
CA GLY A 153 46.24 -11.38 -7.65
C GLY A 153 47.54 -11.50 -8.42
N SER A 154 47.81 -12.68 -9.00
CA SER A 154 49.04 -12.87 -9.76
C SER A 154 48.96 -12.31 -11.18
N VAL A 155 47.75 -12.07 -11.70
CA VAL A 155 47.58 -11.59 -13.06
C VAL A 155 47.02 -10.18 -13.12
N VAL A 156 46.24 -9.75 -12.13
CA VAL A 156 45.73 -8.39 -12.04
C VAL A 156 45.79 -7.97 -10.58
N VAL A 157 46.44 -6.85 -10.30
CA VAL A 157 46.61 -6.33 -8.94
C VAL A 157 45.83 -5.03 -8.84
N ILE A 158 44.84 -5.00 -7.96
CA ILE A 158 44.05 -3.80 -7.68
C ILE A 158 44.60 -3.13 -6.43
N ASN A 159 44.75 -1.81 -6.49
CA ASN A 159 45.23 -1.00 -5.38
C ASN A 159 44.20 0.10 -5.06
N PRO A 160 43.97 0.42 -3.78
CA PRO A 160 43.12 1.57 -3.49
C PRO A 160 43.78 2.87 -3.91
N GLU A 161 42.99 3.78 -4.46
CA GLU A 161 43.51 5.10 -4.81
C GLU A 161 43.76 5.93 -3.55
N SER A 162 42.91 5.78 -2.54
CA SER A 162 43.06 6.50 -1.29
C SER A 162 42.54 5.63 -0.16
N ASP A 163 42.91 6.00 1.07
CA ASP A 163 42.45 5.26 2.23
C ASP A 163 40.95 5.37 2.43
N GLN A 164 40.31 6.42 1.90
CA GLN A 164 38.90 6.71 2.13
C GLN A 164 38.17 6.83 0.80
N PRO A 165 36.86 6.56 0.76
CA PRO A 165 36.09 6.89 -0.45
C PRO A 165 36.07 8.39 -0.68
N ASP A 166 35.98 8.77 -1.95
CA ASP A 166 35.94 10.18 -2.33
C ASP A 166 34.53 10.71 -2.14
N LEU A 167 34.36 11.63 -1.18
CA LEU A 167 33.07 12.20 -0.85
C LEU A 167 32.97 13.68 -1.22
N SER A 168 33.86 14.15 -2.12
CA SER A 168 33.87 15.56 -2.49
C SER A 168 32.68 15.98 -3.34
N ASN A 169 31.94 15.03 -3.92
CA ASN A 169 30.75 15.31 -4.71
C ASN A 169 29.52 14.64 -4.10
N PHE A 170 29.54 14.38 -2.80
CA PHE A 170 28.46 13.65 -2.15
C PHE A 170 27.32 14.60 -1.85
N MET A 171 26.12 14.28 -2.35
CA MET A 171 24.93 15.05 -2.02
C MET A 171 24.46 14.64 -0.64
N GLU A 172 24.36 15.61 0.27
CA GLU A 172 24.00 15.32 1.65
C GLU A 172 22.60 14.72 1.72
N SER A 173 22.47 13.65 2.51
CA SER A 173 21.21 12.94 2.67
C SER A 173 20.37 13.59 3.77
N GLY A 174 19.06 13.55 3.58
CA GLY A 174 18.12 14.02 4.57
C GLY A 174 17.71 13.00 5.61
N GLU A 175 18.34 11.82 5.61
CA GLU A 175 18.02 10.76 6.56
C GLU A 175 19.24 10.14 7.23
N TRP A 176 20.43 10.27 6.66
CA TRP A 176 21.63 9.63 7.19
C TRP A 176 22.79 10.61 7.14
N VAL A 177 23.69 10.48 8.12
CA VAL A 177 24.94 11.23 8.19
C VAL A 177 26.07 10.22 8.22
N ILE A 178 27.02 10.37 7.30
CA ILE A 178 28.17 9.46 7.23
C ILE A 178 29.18 9.92 8.27
N LYS A 179 29.41 9.07 9.29
CA LYS A 179 30.35 9.42 10.35
C LYS A 179 31.79 9.13 9.91
N GLU A 180 32.04 7.91 9.43
CA GLU A 180 33.37 7.46 9.04
C GLU A 180 33.24 6.67 7.75
N SER A 181 34.30 6.68 6.96
CA SER A 181 34.34 5.89 5.73
C SER A 181 35.77 5.44 5.48
N ARG A 182 35.98 4.18 5.11
CA ARG A 182 37.37 3.66 4.96
C ARG A 182 37.41 2.47 4.02
N GLY A 183 38.38 2.43 3.11
CA GLY A 183 38.61 1.34 2.18
C GLY A 183 39.78 0.46 2.56
N TRP A 184 39.55 -0.85 2.68
CA TRP A 184 40.56 -1.82 3.06
C TRP A 184 40.77 -2.83 1.96
N LYS A 185 42.04 -3.11 1.64
CA LYS A 185 42.40 -4.14 0.67
C LYS A 185 42.61 -5.46 1.40
N HIS A 186 42.05 -6.54 0.84
CA HIS A 186 42.12 -7.87 1.43
C HIS A 186 42.59 -8.89 0.40
N TRP A 187 43.43 -9.82 0.87
CA TRP A 187 43.87 -10.99 0.13
C TRP A 187 43.14 -12.20 0.69
N VAL A 188 42.30 -12.83 -0.13
CA VAL A 188 41.39 -13.88 0.34
C VAL A 188 41.64 -15.13 -0.48
N PHE A 189 41.76 -16.26 0.21
CA PHE A 189 41.85 -17.58 -0.44
C PHE A 189 40.48 -18.23 -0.43
N TYR A 190 39.97 -18.54 -1.61
CA TYR A 190 38.66 -19.19 -1.76
C TYR A 190 38.85 -20.67 -2.03
N ALA A 191 37.88 -21.47 -1.58
CA ALA A 191 37.95 -22.91 -1.77
C ALA A 191 37.92 -23.28 -3.25
N CYS A 192 37.27 -22.46 -4.08
CA CYS A 192 37.23 -22.72 -5.51
C CYS A 192 38.61 -22.63 -6.13
N CYS A 193 39.42 -21.67 -5.69
CA CYS A 193 40.76 -21.42 -6.22
C CYS A 193 41.75 -21.39 -5.07
N PRO A 194 42.07 -22.55 -4.49
CA PRO A 194 42.92 -22.57 -3.29
C PRO A 194 44.38 -22.24 -3.55
N SER A 195 44.82 -22.16 -4.80
CA SER A 195 46.23 -21.97 -5.09
C SER A 195 46.66 -20.52 -4.93
N THR A 196 45.92 -19.59 -5.54
CA THR A 196 46.27 -18.18 -5.60
C THR A 196 45.30 -17.35 -4.76
N PRO A 197 45.74 -16.22 -4.18
CA PRO A 197 44.79 -15.34 -3.50
C PRO A 197 44.09 -14.40 -4.48
N TYR A 198 42.83 -14.11 -4.17
CA TYR A 198 42.05 -13.11 -4.90
C TYR A 198 41.98 -11.84 -4.07
N LEU A 199 42.17 -10.71 -4.74
CA LEU A 199 42.19 -9.41 -4.09
C LEU A 199 40.81 -8.77 -4.12
N ASP A 200 40.51 -8.01 -3.07
CA ASP A 200 39.31 -7.20 -3.05
C ASP A 200 39.59 -5.92 -2.27
N ILE A 201 38.78 -4.90 -2.54
CA ILE A 201 38.78 -3.66 -1.78
C ILE A 201 37.37 -3.51 -1.24
N THR A 202 37.25 -3.48 0.09
CA THR A 202 35.97 -3.27 0.76
C THR A 202 35.91 -1.84 1.25
N TYR A 203 34.96 -1.07 0.73
CA TYR A 203 34.70 0.29 1.16
C TYR A 203 33.50 0.28 2.09
N HIS A 204 33.70 0.67 3.35
CA HIS A 204 32.65 0.68 4.34
C HIS A 204 32.33 2.11 4.74
N PHE A 205 31.05 2.34 5.03
CA PHE A 205 30.52 3.64 5.44
C PHE A 205 29.73 3.43 6.72
N VAL A 206 30.07 4.18 7.76
CA VAL A 206 29.33 4.22 9.00
C VAL A 206 28.32 5.36 8.90
N MET A 207 27.05 5.07 9.15
CA MET A 207 25.94 5.98 8.91
C MET A 207 25.13 6.13 10.18
N GLN A 208 24.89 7.37 10.57
CA GLN A 208 24.04 7.70 11.72
C GLN A 208 22.70 8.20 11.19
N ARG A 209 21.62 7.56 11.61
CA ARG A 209 20.29 7.98 11.20
C ARG A 209 19.92 9.30 11.89
N LEU A 210 19.33 10.19 11.12
CA LEU A 210 18.72 11.39 11.68
C LEU A 210 17.34 11.02 12.21
N PRO A 211 17.07 11.10 13.51
CA PRO A 211 15.85 10.49 14.06
C PRO A 211 14.64 11.40 14.17
N LEU A 212 14.68 12.62 13.61
CA LEU A 212 13.60 13.58 13.84
C LEU A 212 12.27 13.08 13.29
N TYR A 213 12.28 12.48 12.11
CA TYR A 213 11.03 12.02 11.49
C TYR A 213 10.35 10.97 12.36
N PHE A 214 11.11 9.98 12.82
CA PHE A 214 10.52 8.92 13.63
C PHE A 214 10.17 9.40 15.03
N ILE A 215 10.90 10.40 15.54
CA ILE A 215 10.55 10.99 16.83
C ILE A 215 9.19 11.69 16.72
N VAL A 216 9.02 12.50 15.68
CA VAL A 216 7.79 13.28 15.56
C VAL A 216 6.60 12.39 15.22
N ASN A 217 6.78 11.45 14.29
CA ASN A 217 5.64 10.72 13.73
C ASN A 217 5.27 9.46 14.51
N VAL A 218 6.14 8.98 15.39
CA VAL A 218 5.90 7.71 16.09
C VAL A 218 6.05 7.89 17.60
N ILE A 219 7.19 8.40 18.03
CA ILE A 219 7.52 8.37 19.46
C ILE A 219 6.63 9.33 20.24
N ILE A 220 6.42 10.55 19.74
CA ILE A 220 5.65 11.54 20.48
C ILE A 220 4.19 11.10 20.68
N PRO A 221 3.48 10.62 19.65
CA PRO A 221 2.14 10.07 19.91
C PRO A 221 2.13 8.94 20.92
N CYS A 222 3.13 8.06 20.88
CA CYS A 222 3.19 6.97 21.85
C CYS A 222 3.39 7.50 23.26
N LEU A 223 4.23 8.52 23.43
CA LEU A 223 4.40 9.15 24.73
C LEU A 223 3.10 9.78 25.21
N LEU A 224 2.38 10.46 24.30
CA LEU A 224 1.11 11.08 24.66
C LEU A 224 0.11 10.04 25.12
N PHE A 225 0.06 8.89 24.45
CA PHE A 225 -0.93 7.88 24.82
C PHE A 225 -0.52 7.14 26.09
N SER A 226 0.79 6.93 26.29
CA SER A 226 1.23 6.30 27.53
C SER A 226 1.02 7.21 28.73
N PHE A 227 1.11 8.52 28.53
CA PHE A 227 0.88 9.45 29.63
C PHE A 227 -0.56 9.38 30.14
N LEU A 228 -1.51 9.05 29.26
CA LEU A 228 -2.91 8.94 29.66
C LEU A 228 -3.23 7.63 30.35
N THR A 229 -2.28 6.70 30.46
CA THR A 229 -2.56 5.41 31.09
C THR A 229 -2.82 5.57 32.58
N GLY A 230 -1.94 6.29 33.28
CA GLY A 230 -2.08 6.43 34.71
C GLY A 230 -3.26 7.28 35.14
N LEU A 231 -3.71 8.19 34.27
CA LEU A 231 -4.82 9.07 34.62
C LEU A 231 -6.14 8.35 34.80
N VAL A 232 -6.21 7.07 34.41
CA VAL A 232 -7.40 6.28 34.75
C VAL A 232 -7.59 6.21 36.26
N PHE A 233 -6.51 6.25 37.02
CA PHE A 233 -6.61 6.13 38.47
C PHE A 233 -7.02 7.43 39.15
N TYR A 234 -7.01 8.55 38.44
CA TYR A 234 -7.60 9.80 38.94
C TYR A 234 -9.06 9.94 38.56
N LEU A 235 -9.54 9.19 37.56
CA LEU A 235 -10.95 9.23 37.22
C LEU A 235 -11.79 8.62 38.35
N PRO A 236 -12.93 9.21 38.70
CA PRO A 236 -13.81 8.53 39.65
C PRO A 236 -14.41 7.26 39.08
N THR A 237 -14.72 6.33 39.98
CA THR A 237 -15.46 5.13 39.58
C THR A 237 -16.93 5.44 39.28
N ASP A 238 -17.45 6.55 39.80
CA ASP A 238 -18.85 6.91 39.56
C ASP A 238 -19.06 7.56 38.20
N SER A 239 -17.99 7.92 37.49
CA SER A 239 -18.14 8.48 36.15
C SER A 239 -18.51 7.42 35.12
N GLY A 240 -18.10 6.18 35.35
CA GLY A 240 -18.34 5.13 34.37
C GLY A 240 -17.61 5.37 33.07
N GLU A 241 -16.35 5.82 33.13
CA GLU A 241 -15.58 6.14 31.94
C GLU A 241 -14.13 5.70 32.05
N LYS A 242 -13.77 4.89 33.05
CA LYS A 242 -12.39 4.44 33.20
C LYS A 242 -12.02 3.47 32.08
N MET A 243 -12.91 2.52 31.80
CA MET A 243 -12.66 1.52 30.77
C MET A 243 -12.51 2.17 29.41
N THR A 244 -13.29 3.23 29.14
CA THR A 244 -13.18 3.94 27.87
C THR A 244 -11.76 4.44 27.66
N LEU A 245 -11.22 5.15 28.65
CA LEU A 245 -9.86 5.67 28.56
C LEU A 245 -8.84 4.55 28.37
N SER A 246 -8.90 3.53 29.23
CA SER A 246 -7.87 2.49 29.17
C SER A 246 -7.92 1.73 27.85
N ILE A 247 -9.12 1.37 27.40
CA ILE A 247 -9.28 0.55 26.21
C ILE A 247 -8.91 1.35 24.97
N SER A 248 -9.27 2.63 24.91
CA SER A 248 -8.89 3.45 23.76
C SER A 248 -7.37 3.60 23.70
N VAL A 249 -6.73 3.79 24.85
CA VAL A 249 -5.27 3.84 24.87
C VAL A 249 -4.69 2.53 24.35
N LEU A 250 -5.24 1.40 24.79
CA LEU A 250 -4.75 0.10 24.34
C LEU A 250 -4.88 -0.06 22.83
N LEU A 251 -6.03 0.32 22.27
CA LEU A 251 -6.24 0.19 20.83
C LEU A 251 -5.28 1.09 20.06
N SER A 252 -5.06 2.31 20.55
CA SER A 252 -4.14 3.22 19.86
C SER A 252 -2.72 2.67 19.86
N LEU A 253 -2.27 2.14 21.00
CA LEU A 253 -0.95 1.50 21.02
C LEU A 253 -0.90 0.26 20.14
N THR A 254 -2.01 -0.46 19.99
CA THR A 254 -2.03 -1.59 19.07
C THR A 254 -1.81 -1.13 17.63
N VAL A 255 -2.51 -0.07 17.24
CA VAL A 255 -2.35 0.48 15.90
C VAL A 255 -0.91 0.95 15.69
N PHE A 256 -0.35 1.62 16.68
CA PHE A 256 1.03 2.09 16.54
C PHE A 256 2.02 0.93 16.51
N LEU A 257 1.73 -0.16 17.22
CA LEU A 257 2.55 -1.35 17.12
C LEU A 257 2.53 -1.92 15.70
N LEU A 258 1.35 -1.93 15.08
CA LEU A 258 1.29 -2.34 13.68
C LEU A 258 2.16 -1.45 12.81
N VAL A 259 2.08 -0.14 13.04
CA VAL A 259 2.86 0.82 12.26
C VAL A 259 4.36 0.55 12.42
N ILE A 260 4.82 0.34 13.65
CA ILE A 260 6.25 0.08 13.86
C ILE A 260 6.65 -1.26 13.27
N VAL A 261 5.79 -2.27 13.39
CA VAL A 261 6.14 -3.60 12.86
C VAL A 261 6.28 -3.55 11.35
N GLU A 262 5.55 -2.67 10.68
CA GLU A 262 5.72 -2.54 9.24
C GLU A 262 6.99 -1.77 8.84
N LEU A 263 7.81 -1.34 9.80
CA LEU A 263 8.94 -0.45 9.55
C LEU A 263 10.31 -1.08 9.76
N ILE A 264 10.38 -2.34 10.18
CA ILE A 264 11.64 -2.95 10.61
C ILE A 264 11.78 -4.32 9.93
N PRO A 265 13.01 -4.83 9.80
CA PRO A 265 13.19 -6.18 9.27
C PRO A 265 12.65 -7.23 10.24
N SER A 266 12.30 -8.38 9.67
CA SER A 266 11.81 -9.52 10.43
C SER A 266 12.94 -10.39 10.97
N THR A 267 14.17 -9.91 10.97
CA THR A 267 15.29 -10.67 11.51
C THR A 267 15.12 -10.87 13.01
N SER A 268 15.65 -11.99 13.50
CA SER A 268 15.55 -12.39 14.89
C SER A 268 16.86 -12.16 15.66
N SER A 269 17.76 -11.36 15.12
CA SER A 269 19.06 -11.15 15.77
C SER A 269 19.00 -10.15 16.91
N ALA A 270 17.95 -9.34 17.00
CA ALA A 270 17.85 -8.34 18.05
C ALA A 270 16.42 -7.83 18.10
N VAL A 271 16.04 -7.32 19.25
CA VAL A 271 14.73 -6.69 19.48
C VAL A 271 14.91 -5.19 19.41
N PRO A 272 14.13 -4.45 18.62
CA PRO A 272 14.35 -3.00 18.54
C PRO A 272 14.02 -2.28 19.84
N LEU A 273 14.66 -1.12 20.00
CA LEU A 273 14.39 -0.26 21.15
C LEU A 273 12.94 0.21 21.15
N ILE A 274 12.45 0.64 19.99
CA ILE A 274 11.08 1.11 19.88
C ILE A 274 10.09 -0.04 20.13
N GLY A 275 10.42 -1.23 19.65
CA GLY A 275 9.58 -2.38 19.93
C GLY A 275 9.56 -2.74 21.41
N LYS A 276 10.73 -2.65 22.05
CA LYS A 276 10.78 -2.86 23.50
C LYS A 276 9.91 -1.85 24.23
N TYR A 277 9.98 -0.59 23.81
CA TYR A 277 9.13 0.42 24.43
C TYR A 277 7.65 0.10 24.22
N MET A 278 7.28 -0.29 23.00
CA MET A 278 5.89 -0.59 22.70
C MET A 278 5.38 -1.72 23.59
N LEU A 279 6.15 -2.81 23.68
CA LEU A 279 5.72 -3.92 24.52
C LEU A 279 5.65 -3.50 25.99
N PHE A 280 6.56 -2.62 26.42
CA PHE A 280 6.52 -2.15 27.81
C PHE A 280 5.23 -1.37 28.08
N THR A 281 4.90 -0.41 27.23
CA THR A 281 3.66 0.34 27.44
C THR A 281 2.43 -0.54 27.28
N MET A 282 2.48 -1.57 26.44
CA MET A 282 1.34 -2.48 26.38
C MET A 282 1.15 -3.22 27.69
N VAL A 283 2.23 -3.79 28.24
CA VAL A 283 2.11 -4.47 29.54
C VAL A 283 1.67 -3.47 30.60
N PHE A 284 2.13 -2.23 30.49
CA PHE A 284 1.77 -1.16 31.42
C PHE A 284 0.26 -0.91 31.38
N VAL A 285 -0.31 -0.77 30.18
CA VAL A 285 -1.72 -0.47 30.03
C VAL A 285 -2.57 -1.66 30.46
N ILE A 286 -2.13 -2.88 30.14
CA ILE A 286 -2.90 -4.06 30.52
C ILE A 286 -2.88 -4.25 32.04
N ALA A 287 -1.75 -3.96 32.67
CA ALA A 287 -1.72 -3.96 34.13
C ALA A 287 -2.66 -2.90 34.69
N SER A 288 -2.66 -1.71 34.08
CA SER A 288 -3.59 -0.66 34.51
C SER A 288 -5.03 -1.12 34.38
N ILE A 289 -5.34 -1.84 33.31
CA ILE A 289 -6.70 -2.36 33.13
C ILE A 289 -7.05 -3.37 34.21
N ILE A 290 -6.10 -4.26 34.56
CA ILE A 290 -6.39 -5.29 35.55
C ILE A 290 -6.66 -4.67 36.91
N ILE A 291 -5.77 -3.77 37.35
CA ILE A 291 -6.00 -3.15 38.67
C ILE A 291 -7.15 -2.15 38.61
N THR A 292 -7.49 -1.61 37.44
CA THR A 292 -8.69 -0.78 37.35
C THR A 292 -9.93 -1.63 37.52
N VAL A 293 -9.94 -2.83 36.96
CA VAL A 293 -11.06 -3.75 37.17
C VAL A 293 -11.17 -4.10 38.64
N ILE A 294 -10.02 -4.33 39.30
CA ILE A 294 -10.04 -4.64 40.73
C ILE A 294 -10.60 -3.46 41.52
N VAL A 295 -10.19 -2.24 41.18
CA VAL A 295 -10.68 -1.04 41.87
C VAL A 295 -12.18 -0.89 41.68
N ILE A 296 -12.66 -1.09 40.45
CA ILE A 296 -14.09 -0.95 40.18
C ILE A 296 -14.87 -2.02 40.93
N ASN A 297 -14.33 -3.23 41.00
CA ASN A 297 -15.00 -4.29 41.75
C ASN A 297 -15.05 -3.94 43.24
N THR A 298 -13.96 -3.41 43.79
CA THR A 298 -13.96 -3.02 45.20
C THR A 298 -14.96 -1.90 45.47
N HIS A 299 -15.05 -0.94 44.54
CA HIS A 299 -15.96 0.19 44.74
C HIS A 299 -17.41 -0.26 44.79
N HIS A 300 -17.79 -1.21 43.94
CA HIS A 300 -19.17 -1.66 43.82
C HIS A 300 -19.48 -2.86 44.72
N ARG A 301 -18.56 -3.27 45.58
CA ARG A 301 -18.79 -4.41 46.46
C ARG A 301 -19.97 -4.12 47.39
N SER A 302 -21.06 -4.86 47.22
CA SER A 302 -22.25 -4.61 48.02
C SER A 302 -22.02 -5.04 49.46
N PRO A 303 -22.24 -4.18 50.46
CA PRO A 303 -21.97 -4.59 51.84
C PRO A 303 -22.82 -5.76 52.31
N SER A 304 -24.06 -5.87 51.82
CA SER A 304 -24.89 -7.02 52.19
C SER A 304 -24.29 -8.32 51.68
N THR A 305 -23.66 -8.29 50.51
CA THR A 305 -23.04 -9.46 49.90
C THR A 305 -21.56 -9.60 50.24
N HIS A 306 -20.96 -8.61 50.89
CA HIS A 306 -19.53 -8.62 51.18
C HIS A 306 -19.29 -7.99 52.55
N VAL A 307 -18.60 -8.72 53.41
CA VAL A 307 -18.21 -8.22 54.72
C VAL A 307 -16.84 -7.59 54.59
N MET A 308 -16.63 -6.49 55.29
CA MET A 308 -15.36 -5.80 55.24
C MET A 308 -14.32 -6.62 56.01
N PRO A 309 -13.26 -7.13 55.39
CA PRO A 309 -12.23 -7.81 56.18
C PRO A 309 -11.48 -6.82 57.05
N GLU A 310 -11.15 -7.25 58.27
CA GLU A 310 -10.49 -6.35 59.20
C GLU A 310 -9.09 -5.98 58.72
N TRP A 311 -8.43 -6.88 57.99
CA TRP A 311 -7.11 -6.56 57.45
C TRP A 311 -7.19 -5.45 56.41
N VAL A 312 -8.24 -5.46 55.58
CA VAL A 312 -8.43 -4.39 54.60
C VAL A 312 -8.67 -3.07 55.33
N ARG A 313 -9.49 -3.11 56.38
CA ARG A 313 -9.78 -1.91 57.16
C ARG A 313 -8.51 -1.37 57.82
N LYS A 314 -7.64 -2.26 58.29
CA LYS A 314 -6.38 -1.81 58.89
C LYS A 314 -5.47 -1.20 57.83
N VAL A 315 -5.33 -1.87 56.69
CA VAL A 315 -4.36 -1.44 55.69
C VAL A 315 -4.76 -0.11 55.07
N PHE A 316 -6.05 0.07 54.77
CA PHE A 316 -6.49 1.19 53.96
C PHE A 316 -7.14 2.32 54.75
N ILE A 317 -7.95 2.03 55.76
CA ILE A 317 -8.61 3.07 56.55
C ILE A 317 -7.76 3.46 57.76
N ASP A 318 -7.29 2.49 58.53
CA ASP A 318 -6.49 2.80 59.71
C ASP A 318 -5.08 3.21 59.32
N THR A 319 -4.38 2.34 58.60
CA THR A 319 -3.03 2.62 58.14
C THR A 319 -3.09 3.51 56.90
N ILE A 320 -1.93 4.02 56.46
CA ILE A 320 -1.80 4.87 55.23
C ILE A 320 -2.49 6.21 55.48
N PRO A 321 -2.00 7.04 56.42
CA PRO A 321 -2.55 8.39 56.58
C PRO A 321 -1.98 9.28 55.47
N ASN A 322 -0.66 9.22 55.23
CA ASN A 322 0.01 10.04 54.19
C ASN A 322 -0.60 11.44 54.29
N ILE A 323 -1.17 11.99 53.21
CA ILE A 323 -1.90 13.29 53.26
C ILE A 323 -3.35 12.94 53.59
N MET A 324 -3.80 13.21 54.81
CA MET A 324 -5.17 12.83 55.27
C MET A 324 -6.14 13.99 55.07
N PHE A 325 -6.19 14.60 53.88
CA PHE A 325 -7.25 15.62 53.62
C PHE A 325 -8.56 14.82 53.58
N PHE A 326 -8.48 13.48 53.56
CA PHE A 326 -9.67 12.59 53.62
C PHE A 326 -10.33 12.72 55.00
N SER A 327 -11.42 12.00 55.25
CA SER A 327 -12.11 11.98 56.57
C SER A 327 -11.87 10.64 57.25
N THR A 328 -11.57 9.57 56.49
CA THR A 328 -11.29 8.20 57.02
C THR A 328 -12.59 7.59 57.54
N MET A 329 -13.70 8.32 57.48
CA MET A 329 -15.00 7.82 58.03
C MET A 329 -14.71 6.92 59.23
N ILE A 367 -60.60 5.49 73.14
CA ILE A 367 -59.25 5.58 73.67
C ILE A 367 -58.46 4.38 73.17
N LYS A 368 -57.25 4.64 72.66
CA LYS A 368 -56.36 3.60 72.14
C LYS A 368 -57.04 2.83 71.00
N HIS A 369 -57.32 3.56 69.93
CA HIS A 369 -57.94 2.93 68.77
C HIS A 369 -56.95 1.97 68.12
N PRO A 370 -57.44 0.93 67.43
CA PRO A 370 -56.52 0.14 66.60
C PRO A 370 -55.87 0.97 65.50
N GLU A 371 -56.54 2.02 65.06
CA GLU A 371 -55.98 2.90 64.04
C GLU A 371 -54.70 3.58 64.53
N VAL A 372 -54.72 4.05 65.78
CA VAL A 372 -53.53 4.64 66.37
C VAL A 372 -52.40 3.62 66.39
N LYS A 373 -52.72 2.37 66.75
CA LYS A 373 -51.73 1.30 66.77
C LYS A 373 -51.12 1.07 65.39
N SER A 374 -51.96 1.09 64.35
CA SER A 374 -51.45 0.97 62.99
C SER A 374 -50.51 2.13 62.66
N ALA A 375 -50.85 3.33 63.12
CA ALA A 375 -49.97 4.48 62.90
C ALA A 375 -48.62 4.27 63.59
N ILE A 376 -48.64 3.76 64.83
CA ILE A 376 -47.38 3.51 65.55
C ILE A 376 -46.54 2.52 64.77
N GLU A 377 -47.17 1.43 64.31
CA GLU A 377 -46.42 0.40 63.60
C GLU A 377 -45.83 0.96 62.30
N GLY A 378 -46.60 1.76 61.57
CA GLY A 378 -46.09 2.34 60.34
C GLY A 378 -44.90 3.25 60.57
N ILE A 379 -45.01 4.13 61.58
CA ILE A 379 -43.93 5.07 61.86
C ILE A 379 -42.67 4.31 62.29
N LYS A 380 -42.84 3.28 63.11
CA LYS A 380 -41.69 2.47 63.51
C LYS A 380 -41.06 1.77 62.32
N TYR A 381 -41.88 1.26 61.40
CA TYR A 381 -41.32 0.60 60.23
C TYR A 381 -40.52 1.56 59.37
N ILE A 382 -41.04 2.78 59.19
CA ILE A 382 -40.29 3.79 58.42
C ILE A 382 -38.95 4.08 59.09
N ALA A 383 -38.97 4.29 60.41
CA ALA A 383 -37.74 4.62 61.12
C ALA A 383 -36.72 3.50 61.02
N GLU A 384 -37.17 2.25 61.20
CA GLU A 384 -36.25 1.12 61.12
C GLU A 384 -35.72 0.94 59.71
N THR A 385 -36.55 1.20 58.70
CA THR A 385 -36.09 1.10 57.32
C THR A 385 -34.99 2.12 57.04
N MET A 386 -35.15 3.35 57.55
CA MET A 386 -34.09 4.33 57.33
C MET A 386 -32.84 3.96 58.11
N LYS A 387 -32.99 3.39 59.31
CA LYS A 387 -31.83 2.88 60.04
C LYS A 387 -31.05 1.88 59.19
N SER A 388 -31.74 0.88 58.65
CA SER A 388 -31.09 -0.15 57.85
C SER A 388 -30.44 0.46 56.61
N ASP A 389 -31.14 1.38 55.94
CA ASP A 389 -30.58 2.02 54.76
C ASP A 389 -29.33 2.81 55.11
N GLN A 390 -29.33 3.51 56.24
CA GLN A 390 -28.18 4.30 56.64
C GLN A 390 -26.97 3.40 56.90
N GLU A 391 -27.16 2.30 57.63
CA GLU A 391 -26.02 1.42 57.90
C GLU A 391 -25.49 0.78 56.62
N SER A 392 -26.38 0.33 55.74
CA SER A 392 -25.93 -0.25 54.48
C SER A 392 -25.17 0.78 53.65
N ASN A 393 -25.69 2.01 53.59
CA ASN A 393 -25.01 3.07 52.86
C ASN A 393 -23.64 3.34 53.44
N ASN A 394 -23.52 3.40 54.77
CA ASN A 394 -22.24 3.70 55.40
C ASN A 394 -21.21 2.62 55.09
N ALA A 395 -21.62 1.35 55.12
CA ALA A 395 -20.70 0.28 54.72
C ALA A 395 -20.29 0.44 53.26
N ALA A 396 -21.24 0.86 52.40
CA ALA A 396 -20.89 1.13 51.01
C ALA A 396 -19.85 2.24 50.90
N GLU A 397 -19.98 3.30 51.70
CA GLU A 397 -18.98 4.36 51.62
C GLU A 397 -17.64 3.89 52.16
N GLU A 398 -17.63 2.96 53.11
CA GLU A 398 -16.35 2.37 53.53
C GLU A 398 -15.68 1.67 52.37
N TRP A 399 -16.44 0.89 51.60
CA TRP A 399 -15.88 0.24 50.42
C TRP A 399 -15.38 1.27 49.41
N LYS A 400 -16.17 2.32 49.18
CA LYS A 400 -15.78 3.35 48.22
C LYS A 400 -14.53 4.09 48.68
N TYR A 401 -14.38 4.30 49.98
CA TYR A 401 -13.18 4.95 50.51
C TYR A 401 -11.95 4.08 50.31
N VAL A 402 -12.10 2.76 50.51
CA VAL A 402 -10.99 1.85 50.22
C VAL A 402 -10.60 1.96 48.75
N ALA A 403 -11.58 1.98 47.86
CA ALA A 403 -11.29 2.12 46.44
C ALA A 403 -10.60 3.44 46.14
N MET A 404 -11.04 4.52 46.81
CA MET A 404 -10.45 5.84 46.61
C MET A 404 -8.98 5.86 46.99
N VAL A 405 -8.64 5.32 48.17
CA VAL A 405 -7.25 5.35 48.60
C VAL A 405 -6.41 4.46 47.69
N MET A 406 -6.97 3.31 47.26
CA MET A 406 -6.24 2.46 46.33
C MET A 406 -5.95 3.20 45.03
N ASP A 407 -6.93 3.95 44.53
CA ASP A 407 -6.73 4.74 43.32
C ASP A 407 -5.66 5.79 43.53
N HIS A 408 -5.64 6.44 44.70
CA HIS A 408 -4.65 7.48 44.94
C HIS A 408 -3.23 6.91 45.00
N ILE A 409 -3.04 5.74 45.61
CA ILE A 409 -1.72 5.12 45.58
C ILE A 409 -1.35 4.74 44.16
N LEU A 410 -2.30 4.11 43.45
CA LEU A 410 -1.99 3.58 42.13
C LEU A 410 -1.69 4.69 41.12
N LEU A 411 -2.31 5.87 41.28
CA LEU A 411 -2.03 6.98 40.39
C LEU A 411 -0.57 7.37 40.48
N ALA A 412 -0.07 7.59 41.70
CA ALA A 412 1.34 7.94 41.87
C ALA A 412 2.24 6.83 41.35
N VAL A 413 1.91 5.59 41.67
CA VAL A 413 2.76 4.46 41.25
C VAL A 413 2.86 4.41 39.74
N PHE A 414 1.73 4.50 39.04
CA PHE A 414 1.74 4.37 37.59
C PHE A 414 2.35 5.59 36.91
N MET A 415 2.10 6.78 37.44
CA MET A 415 2.71 7.97 36.86
C MET A 415 4.22 7.91 36.98
N LEU A 416 4.73 7.46 38.13
CA LEU A 416 6.18 7.34 38.28
C LEU A 416 6.73 6.24 37.39
N VAL A 417 6.04 5.11 37.28
CA VAL A 417 6.50 4.01 36.45
C VAL A 417 6.59 4.42 34.99
N CYS A 418 5.68 5.29 34.54
CA CYS A 418 5.73 5.76 33.16
C CYS A 418 7.06 6.47 32.86
N ILE A 419 7.40 7.46 33.69
CA ILE A 419 8.63 8.21 33.46
C ILE A 419 9.84 7.30 33.60
N ILE A 420 9.84 6.44 34.63
CA ILE A 420 10.98 5.57 34.88
C ILE A 420 11.20 4.62 33.70
N GLY A 421 10.13 4.02 33.20
CA GLY A 421 10.28 3.12 32.07
C GLY A 421 10.72 3.82 30.80
N THR A 422 10.13 4.99 30.51
CA THR A 422 10.52 5.72 29.31
C THR A 422 12.00 6.10 29.35
N LEU A 423 12.46 6.61 30.50
CA LEU A 423 13.86 6.95 30.64
C LEU A 423 14.74 5.72 30.55
N ALA A 424 14.38 4.64 31.25
CA ALA A 424 15.20 3.44 31.25
C ALA A 424 15.31 2.84 29.86
N VAL A 425 14.33 3.08 28.99
CA VAL A 425 14.43 2.61 27.62
C VAL A 425 15.31 3.54 26.79
N PHE A 426 14.99 4.84 26.75
CA PHE A 426 15.61 5.71 25.75
C PHE A 426 16.91 6.35 26.21
N ALA A 427 17.02 6.70 27.49
CA ALA A 427 18.09 7.57 27.97
C ALA A 427 19.47 6.96 27.76
N GLY A 428 19.59 5.63 27.80
CA GLY A 428 20.89 5.02 27.59
C GLY A 428 21.47 5.34 26.22
N ARG A 429 20.68 5.08 25.17
CA ARG A 429 21.15 5.40 23.83
C ARG A 429 21.26 6.90 23.64
N LEU A 430 20.35 7.68 24.24
CA LEU A 430 20.41 9.13 24.07
C LEU A 430 21.68 9.71 24.66
N ILE A 431 22.04 9.31 25.89
CA ILE A 431 23.26 9.84 26.50
C ILE A 431 24.48 9.27 25.78
N GLU A 432 24.41 8.04 25.27
CA GLU A 432 25.52 7.54 24.46
C GLU A 432 25.77 8.42 23.25
N LEU A 433 24.70 8.82 22.57
CA LEU A 433 24.87 9.66 21.38
C LEU A 433 25.31 11.07 21.74
N ASN A 434 24.78 11.63 22.84
CA ASN A 434 25.20 12.96 23.25
C ASN A 434 26.60 12.97 23.83
N GLN A 435 27.13 11.82 24.27
CA GLN A 435 28.45 11.74 24.86
C GLN A 435 29.54 11.35 23.87
N GLN A 436 29.21 10.60 22.83
CA GLN A 436 30.21 10.21 21.84
C GLN A 436 30.72 11.44 21.09
N SER B 1 16.99 10.33 -52.40
CA SER B 1 17.47 10.71 -53.75
C SER B 1 18.89 10.23 -53.97
N GLU B 2 19.26 10.00 -55.23
CA GLU B 2 20.62 9.57 -55.54
C GLU B 2 21.64 10.64 -55.21
N ALA B 3 21.27 11.91 -55.38
CA ALA B 3 22.15 13.00 -54.98
C ALA B 3 22.42 12.97 -53.48
N GLU B 4 21.37 12.72 -52.69
CA GLU B 4 21.54 12.63 -51.24
C GLU B 4 22.42 11.45 -50.87
N GLY B 5 22.25 10.31 -51.56
CA GLY B 5 23.09 9.16 -51.29
C GLY B 5 24.55 9.42 -51.60
N ARG B 6 24.82 10.07 -52.75
CA ARG B 6 26.19 10.40 -53.10
C ARG B 6 26.79 11.38 -52.10
N LEU B 7 26.01 12.38 -51.68
CA LEU B 7 26.51 13.34 -50.69
C LEU B 7 26.83 12.64 -49.37
N ARG B 8 25.94 11.74 -48.92
CA ARG B 8 26.19 11.02 -47.68
C ARG B 8 27.42 10.14 -47.79
N GLU B 9 27.61 9.49 -48.94
CA GLU B 9 28.81 8.70 -49.15
C GLU B 9 30.07 9.56 -49.10
N LYS B 10 30.00 10.75 -49.72
CA LYS B 10 31.16 11.64 -49.71
C LYS B 10 31.49 12.08 -48.29
N LEU B 11 30.48 12.46 -47.51
CA LEU B 11 30.74 13.03 -46.19
C LEU B 11 31.30 11.98 -45.24
N PHE B 12 30.79 10.75 -45.29
CA PHE B 12 31.18 9.69 -44.37
C PHE B 12 32.26 8.78 -44.95
N SER B 13 33.12 9.33 -45.81
CA SER B 13 34.30 8.62 -46.29
C SER B 13 35.46 9.00 -45.36
N GLY B 14 35.96 8.02 -44.63
CA GLY B 14 37.01 8.29 -43.65
C GLY B 14 36.56 9.18 -42.52
N TYR B 15 35.32 9.06 -42.08
CA TYR B 15 34.76 9.83 -40.98
C TYR B 15 34.62 8.92 -39.77
N ASP B 16 35.16 9.36 -38.64
CA ASP B 16 35.12 8.61 -37.38
C ASP B 16 34.19 9.34 -36.42
N SER B 17 33.06 8.71 -36.10
CA SER B 17 32.08 9.31 -35.21
C SER B 17 32.54 9.36 -33.76
N THR B 18 33.61 8.65 -33.41
CA THR B 18 34.14 8.66 -32.06
C THR B 18 35.23 9.71 -31.84
N VAL B 19 35.61 10.45 -32.88
CA VAL B 19 36.66 11.46 -32.81
C VAL B 19 36.02 12.83 -32.75
N ARG B 20 36.41 13.62 -31.75
CA ARG B 20 35.83 14.94 -31.58
C ARG B 20 36.24 15.84 -32.74
N PRO B 21 35.31 16.66 -33.29
CA PRO B 21 35.72 17.50 -34.44
C PRO B 21 36.55 18.72 -34.05
N ALA B 22 37.85 18.48 -33.87
CA ALA B 22 38.84 19.53 -33.61
C ALA B 22 39.78 19.58 -34.80
N ARG B 23 39.67 20.64 -35.59
CA ARG B 23 40.51 20.76 -36.79
C ARG B 23 41.98 20.86 -36.40
N GLU B 24 42.30 21.62 -35.36
CA GLU B 24 43.64 21.77 -34.84
C GLU B 24 43.68 21.28 -33.39
N VAL B 25 44.85 20.81 -32.97
CA VAL B 25 45.02 20.38 -31.59
C VAL B 25 44.93 21.61 -30.68
N GLY B 26 44.12 21.50 -29.63
CA GLY B 26 43.80 22.62 -28.78
C GLY B 26 42.52 23.35 -29.13
N ASP B 27 41.85 22.96 -30.21
CA ASP B 27 40.59 23.58 -30.58
C ASP B 27 39.47 23.07 -29.68
N ARG B 28 38.57 23.98 -29.31
CA ARG B 28 37.41 23.67 -28.50
C ARG B 28 36.18 23.53 -29.39
N VAL B 29 35.28 22.64 -28.97
CA VAL B 29 33.99 22.45 -29.62
C VAL B 29 32.95 23.15 -28.75
N TRP B 30 32.36 24.21 -29.26
CA TRP B 30 31.36 24.98 -28.53
C TRP B 30 29.99 24.34 -28.73
N VAL B 31 29.34 23.98 -27.62
CA VAL B 31 28.04 23.31 -27.63
C VAL B 31 27.05 24.21 -26.92
N SER B 32 25.94 24.53 -27.60
CA SER B 32 24.85 25.29 -27.02
C SER B 32 23.76 24.32 -26.59
N ILE B 33 23.30 24.46 -25.34
CA ILE B 33 22.32 23.58 -24.74
C ILE B 33 21.09 24.41 -24.37
N GLY B 34 19.92 23.97 -24.83
CA GLY B 34 18.67 24.50 -24.37
C GLY B 34 17.73 23.37 -24.01
N LEU B 35 16.68 23.71 -23.28
CA LEU B 35 15.72 22.73 -22.79
C LEU B 35 14.31 23.23 -23.07
N THR B 36 13.42 22.30 -23.41
CA THR B 36 12.00 22.59 -23.61
C THR B 36 11.21 21.60 -22.77
N LEU B 37 10.50 22.10 -21.76
CA LEU B 37 9.70 21.24 -20.89
C LEU B 37 8.38 20.92 -21.57
N ALA B 38 8.18 19.66 -21.95
CA ALA B 38 6.91 19.25 -22.52
C ALA B 38 5.91 18.90 -21.43
N GLN B 39 6.37 18.30 -20.34
CA GLN B 39 5.49 17.92 -19.24
C GLN B 39 6.31 17.80 -17.96
N LEU B 40 5.84 18.43 -16.90
CA LEU B 40 6.34 18.17 -15.55
C LEU B 40 5.53 16.99 -15.02
N ILE B 41 6.08 15.78 -15.14
CA ILE B 41 5.30 14.58 -14.83
C ILE B 41 4.96 14.54 -13.35
N SER B 42 5.95 14.73 -12.48
CA SER B 42 5.67 14.66 -11.04
C SER B 42 6.86 15.18 -10.26
N LEU B 43 6.64 15.42 -8.97
CA LEU B 43 7.70 15.59 -7.97
C LEU B 43 7.35 14.67 -6.82
N ASN B 44 7.98 13.51 -6.77
CA ASN B 44 7.76 12.55 -5.70
C ASN B 44 8.62 12.94 -4.50
N GLU B 45 7.97 13.37 -3.42
CA GLU B 45 8.69 13.85 -2.25
C GLU B 45 9.27 12.70 -1.42
N LYS B 46 8.64 11.54 -1.44
CA LYS B 46 9.18 10.40 -0.71
C LYS B 46 10.52 9.97 -1.30
N ASP B 47 10.59 9.83 -2.62
CA ASP B 47 11.85 9.53 -3.28
C ASP B 47 12.70 10.77 -3.52
N GLU B 48 12.16 11.97 -3.29
CA GLU B 48 12.88 13.23 -3.51
C GLU B 48 13.39 13.31 -4.94
N GLU B 49 12.47 13.12 -5.89
CA GLU B 49 12.83 12.99 -7.30
C GLU B 49 11.80 13.68 -8.16
N MET B 50 12.28 14.50 -9.09
CA MET B 50 11.44 15.23 -10.04
C MET B 50 11.47 14.51 -11.38
N SER B 51 10.31 14.06 -11.85
CA SER B 51 10.16 13.37 -13.12
C SER B 51 9.61 14.36 -14.14
N THR B 52 10.32 14.52 -15.26
CA THR B 52 9.94 15.45 -16.31
C THR B 52 10.14 14.82 -17.67
N LYS B 53 9.39 15.34 -18.65
CA LYS B 53 9.55 15.03 -20.06
C LYS B 53 10.02 16.29 -20.76
N VAL B 54 11.15 16.19 -21.46
CA VAL B 54 11.80 17.36 -22.04
C VAL B 54 12.26 17.05 -23.46
N TYR B 55 12.50 18.12 -24.22
CA TYR B 55 13.19 18.09 -25.49
C TYR B 55 14.47 18.90 -25.33
N LEU B 56 15.61 18.24 -25.45
CA LEU B 56 16.86 18.97 -25.47
C LEU B 56 17.00 19.73 -26.78
N ASP B 57 17.92 20.68 -26.81
CA ASP B 57 18.23 21.43 -28.02
C ASP B 57 19.75 21.66 -27.98
N LEU B 58 20.47 20.75 -28.63
CA LEU B 58 21.93 20.75 -28.66
C LEU B 58 22.38 21.25 -30.03
N GLU B 59 23.29 22.22 -30.04
CA GLU B 59 23.78 22.81 -31.28
C GLU B 59 25.30 22.91 -31.22
N TRP B 60 25.96 22.46 -32.29
CA TRP B 60 27.41 22.62 -32.39
C TRP B 60 27.79 22.63 -33.86
N THR B 61 29.09 22.52 -34.13
CA THR B 61 29.62 22.55 -35.50
C THR B 61 30.56 21.38 -35.70
N ASP B 62 30.38 20.66 -36.80
CA ASP B 62 31.27 19.59 -37.23
C ASP B 62 31.86 20.01 -38.57
N TYR B 63 33.14 20.40 -38.58
CA TYR B 63 33.76 20.90 -39.80
C TYR B 63 33.92 19.82 -40.86
N ARG B 64 33.87 18.54 -40.48
CA ARG B 64 34.02 17.45 -41.43
C ARG B 64 32.75 17.18 -42.24
N LEU B 65 31.60 17.72 -41.83
CA LEU B 65 30.32 17.46 -42.46
C LEU B 65 29.79 18.68 -43.22
N SER B 66 30.69 19.48 -43.79
CA SER B 66 30.33 20.62 -44.61
C SER B 66 30.50 20.28 -46.09
N TRP B 67 29.73 20.97 -46.93
CA TRP B 67 29.79 20.75 -48.37
C TRP B 67 29.29 22.01 -49.07
N ASP B 68 29.44 22.01 -50.40
CA ASP B 68 28.91 23.07 -51.25
C ASP B 68 27.57 22.63 -51.82
N PRO B 69 26.45 23.31 -51.52
CA PRO B 69 25.17 22.86 -52.10
C PRO B 69 25.13 22.90 -53.61
N GLU B 70 25.87 23.81 -54.25
CA GLU B 70 25.85 23.92 -55.70
C GLU B 70 26.39 22.67 -56.38
N GLU B 71 27.34 21.99 -55.74
CA GLU B 71 27.92 20.77 -56.30
C GLU B 71 27.10 19.53 -56.00
N HIS B 72 25.98 19.65 -55.30
CA HIS B 72 25.15 18.51 -54.89
C HIS B 72 23.68 18.80 -55.12
N GLU B 73 23.37 19.44 -56.25
CA GLU B 73 21.99 19.67 -56.68
C GLU B 73 21.21 20.50 -55.65
N GLY B 74 21.89 21.44 -55.01
CA GLY B 74 21.23 22.36 -54.12
C GLY B 74 20.86 21.81 -52.76
N ILE B 75 21.31 20.61 -52.41
CA ILE B 75 21.03 20.07 -51.08
C ILE B 75 21.81 20.88 -50.07
N ASP B 76 21.09 21.56 -49.17
CA ASP B 76 21.69 22.42 -48.16
C ASP B 76 21.46 21.92 -46.74
N SER B 77 20.79 20.78 -46.55
CA SER B 77 20.59 20.24 -45.22
C SER B 77 20.29 18.76 -45.33
N LEU B 78 20.73 18.00 -44.33
CA LEU B 78 20.55 16.57 -44.26
C LEU B 78 20.03 16.20 -42.87
N ARG B 79 19.28 15.11 -42.80
CA ARG B 79 18.81 14.53 -41.55
C ARG B 79 19.46 13.16 -41.42
N ILE B 80 20.49 13.06 -40.59
CA ILE B 80 21.34 11.88 -40.49
C ILE B 80 21.10 11.22 -39.14
N SER B 81 21.16 9.89 -39.12
CA SER B 81 21.01 9.16 -37.87
C SER B 81 22.06 9.61 -36.86
N ALA B 82 21.63 9.82 -35.61
CA ALA B 82 22.50 10.39 -34.60
C ALA B 82 23.67 9.48 -34.23
N GLU B 83 23.61 8.20 -34.59
CA GLU B 83 24.71 7.28 -34.32
C GLU B 83 25.78 7.33 -35.39
N SER B 84 25.54 7.99 -36.52
CA SER B 84 26.51 8.08 -37.60
C SER B 84 27.41 9.31 -37.49
N VAL B 85 27.15 10.22 -36.54
CA VAL B 85 27.92 11.44 -36.36
C VAL B 85 28.41 11.51 -34.92
N TRP B 86 29.48 12.28 -34.73
CA TRP B 86 29.97 12.54 -33.39
C TRP B 86 28.95 13.37 -32.61
N LEU B 87 28.66 12.94 -31.39
CA LEU B 87 27.72 13.61 -30.51
C LEU B 87 28.45 14.10 -29.26
N PRO B 88 28.13 15.29 -28.74
CA PRO B 88 28.62 15.62 -27.40
C PRO B 88 28.06 14.64 -26.39
N ASP B 89 28.87 14.29 -25.40
CA ASP B 89 28.47 13.30 -24.41
C ASP B 89 27.64 13.93 -23.30
N VAL B 90 26.61 14.69 -23.68
CA VAL B 90 25.84 15.47 -22.72
C VAL B 90 24.89 14.54 -21.98
N VAL B 91 24.94 14.59 -20.66
CA VAL B 91 24.16 13.73 -19.79
C VAL B 91 23.60 14.59 -18.66
N LEU B 92 22.47 14.13 -18.11
CA LEU B 92 21.92 14.70 -16.89
C LEU B 92 22.76 14.19 -15.72
N LEU B 93 23.59 15.08 -15.17
CA LEU B 93 24.52 14.66 -14.12
C LEU B 93 23.78 14.27 -12.84
N ASN B 94 22.73 15.01 -12.48
CA ASN B 94 22.03 14.83 -11.22
C ASN B 94 20.82 13.91 -11.34
N ASN B 95 20.87 12.93 -12.24
CA ASN B 95 19.79 11.96 -12.35
C ASN B 95 19.72 11.10 -11.09
N ASN B 96 18.51 10.61 -10.81
CA ASN B 96 18.25 9.83 -9.60
C ASN B 96 18.12 8.33 -9.85
N ASP B 97 17.75 7.93 -11.07
CA ASP B 97 17.48 6.53 -11.39
C ASP B 97 18.64 5.84 -12.10
N GLY B 98 19.76 6.52 -12.32
CA GLY B 98 20.88 5.95 -13.03
C GLY B 98 20.82 6.08 -14.53
N ASN B 99 19.74 6.62 -15.09
CA ASN B 99 19.62 6.81 -16.53
C ASN B 99 20.19 8.17 -16.90
N PHE B 100 21.25 8.17 -17.71
CA PHE B 100 21.93 9.39 -18.12
C PHE B 100 21.53 9.90 -19.49
N ASP B 101 21.16 8.99 -20.40
CA ASP B 101 21.05 9.31 -21.81
C ASP B 101 19.63 9.72 -22.19
N VAL B 102 19.46 10.09 -23.45
CA VAL B 102 18.19 10.57 -23.99
C VAL B 102 17.25 9.39 -24.21
N ALA B 103 15.97 9.69 -24.45
CA ALA B 103 14.96 8.64 -24.51
C ALA B 103 14.92 7.95 -25.87
N LEU B 104 15.12 8.70 -26.95
CA LEU B 104 14.96 8.18 -28.31
C LEU B 104 16.11 8.65 -29.17
N ASP B 105 16.57 7.77 -30.06
CA ASP B 105 17.61 8.09 -31.03
C ASP B 105 16.93 8.62 -32.28
N ILE B 106 17.16 9.90 -32.58
CA ILE B 106 16.49 10.58 -33.70
C ILE B 106 17.56 11.15 -34.63
N ASN B 107 17.12 11.89 -35.65
CA ASN B 107 18.02 12.47 -36.61
C ASN B 107 18.67 13.75 -36.07
N VAL B 108 19.92 13.94 -36.42
CA VAL B 108 20.61 15.21 -36.31
C VAL B 108 20.47 15.94 -37.64
N VAL B 109 20.15 17.22 -37.58
CA VAL B 109 20.05 18.06 -38.77
C VAL B 109 21.40 18.71 -39.01
N VAL B 110 22.02 18.40 -40.15
CA VAL B 110 23.32 18.92 -40.53
C VAL B 110 23.14 19.90 -41.68
N SER B 111 23.64 21.12 -41.49
CA SER B 111 23.60 22.14 -42.53
C SER B 111 24.87 22.07 -43.38
N SER B 112 24.81 22.74 -44.54
CA SER B 112 25.91 22.67 -45.49
C SER B 112 27.20 23.27 -44.94
N ASP B 113 27.11 24.18 -43.97
CA ASP B 113 28.29 24.76 -43.33
C ASP B 113 28.82 23.91 -42.18
N GLY B 114 28.20 22.77 -41.89
CA GLY B 114 28.64 21.91 -40.82
C GLY B 114 27.95 22.12 -39.49
N SER B 115 26.87 22.89 -39.46
CA SER B 115 26.15 23.15 -38.23
C SER B 115 25.23 21.98 -37.91
N MET B 116 25.38 21.42 -36.71
CA MET B 116 24.63 20.26 -36.26
C MET B 116 23.63 20.71 -35.22
N ARG B 117 22.35 20.35 -35.42
CA ARG B 117 21.28 20.59 -34.48
C ARG B 117 20.62 19.27 -34.14
N TRP B 118 20.57 18.95 -32.86
CA TRP B 118 20.03 17.69 -32.36
C TRP B 118 19.04 18.00 -31.25
N GLN B 119 17.82 17.51 -31.38
CA GLN B 119 16.73 17.83 -30.45
C GLN B 119 16.10 16.55 -29.91
N PRO B 120 16.86 15.76 -29.17
CA PRO B 120 16.35 14.47 -28.74
C PRO B 120 15.31 14.63 -27.64
N PRO B 121 14.33 13.72 -27.53
CA PRO B 121 13.49 13.71 -26.35
C PRO B 121 14.17 13.04 -25.18
N GLY B 122 13.66 13.31 -23.98
CA GLY B 122 14.18 12.70 -22.79
C GLY B 122 13.20 12.68 -21.64
N ILE B 123 12.98 11.52 -21.06
CA ILE B 123 12.20 11.36 -19.83
C ILE B 123 13.20 11.20 -18.71
N TYR B 124 13.32 12.23 -17.87
CA TYR B 124 14.36 12.33 -16.87
C TYR B 124 13.76 12.29 -15.47
N ARG B 125 14.54 11.75 -14.54
CA ARG B 125 14.20 11.69 -13.11
C ARG B 125 15.39 12.26 -12.35
N SER B 126 15.34 13.56 -12.07
CA SER B 126 16.44 14.25 -11.41
C SER B 126 16.23 14.28 -9.90
N SER B 127 17.32 14.51 -9.18
CA SER B 127 17.28 14.63 -7.73
C SER B 127 16.85 16.04 -7.33
N CYS B 128 15.99 16.12 -6.32
CA CYS B 128 15.53 17.40 -5.78
C CYS B 128 15.50 17.29 -4.26
N SER B 129 16.26 18.15 -3.59
CA SER B 129 16.24 18.22 -2.13
C SER B 129 15.00 18.99 -1.69
N ILE B 130 14.02 18.28 -1.12
CA ILE B 130 12.73 18.87 -0.80
C ILE B 130 12.85 19.64 0.50
N GLN B 131 12.53 20.93 0.45
CA GLN B 131 12.39 21.74 1.66
C GLN B 131 11.03 21.44 2.27
N VAL B 132 11.00 20.68 3.37
CA VAL B 132 9.77 20.15 3.91
C VAL B 132 9.08 21.07 4.89
N THR B 133 9.68 22.22 5.22
CA THR B 133 9.26 23.00 6.37
C THR B 133 7.82 23.49 6.24
N TYR B 134 7.46 24.03 5.08
CA TYR B 134 6.15 24.63 4.86
C TYR B 134 5.21 23.74 4.06
N PHE B 135 5.51 22.44 3.96
CA PHE B 135 4.63 21.53 3.26
C PHE B 135 3.27 21.50 3.95
N PRO B 136 2.14 21.55 3.20
CA PRO B 136 1.95 21.57 1.74
C PRO B 136 1.90 22.98 1.13
N PHE B 137 2.32 24.02 1.84
CA PHE B 137 2.33 25.39 1.32
C PHE B 137 3.72 25.78 0.83
N ASP B 138 4.44 24.81 0.28
CA ASP B 138 5.87 24.93 -0.01
C ASP B 138 6.10 25.23 -1.49
N TRP B 139 7.26 25.80 -1.77
CA TRP B 139 7.80 25.96 -3.11
C TRP B 139 9.16 25.28 -3.16
N GLN B 140 9.40 24.55 -4.24
CA GLN B 140 10.62 23.77 -4.43
C GLN B 140 11.44 24.35 -5.57
N ASN B 141 12.76 24.20 -5.45
CA ASN B 141 13.73 24.69 -6.42
C ASN B 141 14.48 23.47 -6.95
N CYS B 142 13.94 22.85 -8.01
CA CYS B 142 14.46 21.61 -8.54
C CYS B 142 15.33 21.88 -9.76
N THR B 143 16.54 21.32 -9.76
CA THR B 143 17.55 21.61 -10.77
C THR B 143 17.77 20.41 -11.67
N MET B 144 18.12 20.71 -12.92
CA MET B 144 18.54 19.71 -13.91
C MET B 144 19.90 20.14 -14.43
N VAL B 145 20.94 19.40 -14.04
CA VAL B 145 22.32 19.71 -14.40
C VAL B 145 22.70 18.87 -15.61
N PHE B 146 23.06 19.53 -16.72
CA PHE B 146 23.48 18.87 -17.95
C PHE B 146 24.95 19.17 -18.18
N SER B 147 25.73 18.13 -18.44
CA SER B 147 27.16 18.30 -18.65
C SER B 147 27.69 17.17 -19.51
N SER B 148 28.81 17.41 -20.16
CA SER B 148 29.51 16.34 -20.86
C SER B 148 30.09 15.38 -19.83
N TYR B 149 29.88 14.09 -20.03
CA TYR B 149 30.38 13.13 -19.05
C TYR B 149 31.91 13.00 -19.12
N SER B 150 32.47 13.01 -20.33
CA SER B 150 33.87 12.71 -20.55
C SER B 150 34.71 13.94 -20.88
N TYR B 151 34.32 14.72 -21.87
CA TYR B 151 35.15 15.81 -22.35
C TYR B 151 35.26 16.92 -21.31
N ASP B 152 36.47 17.44 -21.14
CA ASP B 152 36.73 18.52 -20.19
C ASP B 152 36.52 19.88 -20.88
N SER B 153 36.70 20.95 -20.10
CA SER B 153 36.43 22.29 -20.61
C SER B 153 37.37 22.68 -21.74
N SER B 154 38.59 22.17 -21.74
CA SER B 154 39.53 22.47 -22.82
C SER B 154 39.13 21.79 -24.13
N GLU B 155 38.26 20.79 -24.09
CA GLU B 155 37.82 20.05 -25.26
C GLU B 155 36.43 20.47 -25.72
N VAL B 156 35.45 20.45 -24.82
CA VAL B 156 34.07 20.82 -25.12
C VAL B 156 33.65 21.86 -24.09
N SER B 157 33.28 23.06 -24.56
CA SER B 157 32.78 24.13 -23.72
C SER B 157 31.29 24.32 -23.98
N LEU B 158 30.52 24.41 -22.90
CA LEU B 158 29.07 24.51 -22.99
C LEU B 158 28.63 25.97 -22.93
N GLN B 159 27.41 26.21 -23.41
CA GLN B 159 26.80 27.52 -23.33
C GLN B 159 25.29 27.36 -23.42
N THR B 160 24.57 28.39 -22.99
CA THR B 160 23.12 28.35 -23.00
C THR B 160 22.60 28.59 -24.41
N GLY B 161 21.62 27.77 -24.80
CA GLY B 161 21.07 27.85 -26.14
C GLY B 161 20.10 29.00 -26.31
N LEU B 162 20.38 29.87 -27.27
CA LEU B 162 19.53 31.03 -27.51
C LEU B 162 18.30 30.64 -28.32
N SER B 163 17.15 31.15 -27.90
CA SER B 163 15.92 31.03 -28.65
C SER B 163 16.04 31.86 -29.93
N PRO B 164 15.11 31.74 -30.89
CA PRO B 164 15.17 32.62 -32.07
C PRO B 164 15.10 34.10 -31.74
N GLU B 165 14.63 34.48 -30.54
CA GLU B 165 14.72 35.87 -30.10
C GLU B 165 16.16 36.29 -29.79
N GLY B 166 17.08 35.34 -29.63
CA GLY B 166 18.47 35.70 -29.40
C GLY B 166 18.67 36.30 -28.02
N GLN B 167 19.55 37.29 -27.95
CA GLN B 167 19.84 38.04 -26.72
C GLN B 167 20.42 37.16 -25.62
N GLU B 168 21.03 36.02 -25.97
CA GLU B 168 21.53 35.06 -24.99
C GLU B 168 20.42 34.64 -24.04
N ARG B 169 19.37 34.04 -24.60
CA ARG B 169 18.22 33.66 -23.80
C ARG B 169 18.60 32.60 -22.78
N GLN B 170 18.24 32.86 -21.52
CA GLN B 170 18.58 32.02 -20.38
C GLN B 170 17.29 31.64 -19.67
N GLU B 171 16.63 30.60 -20.18
CA GLU B 171 15.32 30.20 -19.66
C GLU B 171 14.95 28.86 -20.28
N VAL B 172 14.17 28.07 -19.54
CA VAL B 172 13.54 26.89 -20.10
C VAL B 172 12.37 27.33 -20.98
N TYR B 173 12.34 26.84 -22.21
CA TYR B 173 11.25 27.17 -23.12
C TYR B 173 10.03 26.31 -22.83
N ILE B 174 8.86 26.94 -22.80
CA ILE B 174 7.59 26.25 -22.67
C ILE B 174 6.65 26.80 -23.74
N HIS B 175 6.16 25.93 -24.60
CA HIS B 175 5.18 26.31 -25.62
C HIS B 175 3.82 26.37 -24.94
N GLU B 176 3.34 27.59 -24.69
CA GLU B 176 2.10 27.76 -23.95
C GLU B 176 0.90 27.20 -24.70
N GLY B 177 0.97 27.06 -26.02
CA GLY B 177 -0.15 26.51 -26.77
C GLY B 177 -0.43 25.06 -26.42
N THR B 178 0.61 24.24 -26.30
CA THR B 178 0.47 22.81 -26.09
C THR B 178 0.77 22.37 -24.66
N PHE B 179 1.51 23.16 -23.90
CA PHE B 179 1.88 22.75 -22.54
C PHE B 179 0.64 22.66 -21.66
N ILE B 180 0.50 21.55 -20.95
CA ILE B 180 -0.57 21.33 -19.98
C ILE B 180 0.05 21.45 -18.60
N GLU B 181 -0.43 22.43 -17.82
CA GLU B 181 0.12 22.66 -16.50
C GLU B 181 -0.17 21.48 -15.59
N ASN B 182 0.79 21.15 -14.73
CA ASN B 182 0.58 20.12 -13.73
C ASN B 182 -0.53 20.54 -12.78
N GLY B 183 -1.34 19.56 -12.36
CA GLY B 183 -2.44 19.86 -11.46
C GLY B 183 -2.05 20.08 -10.02
N GLN B 184 -0.79 19.83 -9.66
CA GLN B 184 -0.30 20.02 -8.30
C GLN B 184 0.77 21.09 -8.18
N TRP B 185 1.36 21.54 -9.28
CA TRP B 185 2.51 22.44 -9.25
C TRP B 185 2.34 23.52 -10.30
N GLU B 186 2.80 24.73 -9.96
CA GLU B 186 2.77 25.88 -10.85
C GLU B 186 4.21 26.37 -11.00
N ILE B 187 4.66 26.55 -12.23
CA ILE B 187 6.02 26.97 -12.52
C ILE B 187 6.08 28.50 -12.35
N ILE B 188 6.80 28.95 -11.32
CA ILE B 188 6.95 30.38 -11.07
C ILE B 188 8.07 30.95 -11.92
N HIS B 189 9.27 30.41 -11.77
CA HIS B 189 10.45 30.80 -12.52
C HIS B 189 11.05 29.57 -13.17
N LYS B 190 11.79 29.78 -14.26
CA LYS B 190 12.43 28.70 -15.00
C LYS B 190 13.67 29.21 -15.71
N PRO B 191 14.68 29.64 -14.97
CA PRO B 191 15.89 30.16 -15.59
C PRO B 191 16.83 29.04 -16.05
N SER B 192 17.97 29.46 -16.59
CA SER B 192 18.99 28.56 -17.09
C SER B 192 20.33 29.27 -16.91
N ARG B 193 21.31 28.62 -16.28
CA ARG B 193 22.60 29.28 -15.97
C ARG B 193 23.78 28.37 -16.28
N LEU B 194 24.83 28.89 -16.91
CA LEU B 194 26.06 28.18 -17.21
C LEU B 194 26.98 28.28 -16.01
N ILE B 195 27.13 27.18 -15.28
CA ILE B 195 28.02 27.11 -14.13
C ILE B 195 29.38 26.64 -14.62
N GLN B 196 30.38 27.50 -14.47
CA GLN B 196 31.76 27.20 -14.83
C GLN B 196 32.55 26.77 -13.61
N PRO B 197 33.45 25.80 -13.69
CA PRO B 197 34.06 25.25 -12.48
C PRO B 197 35.07 26.21 -11.87
N SER B 198 35.32 26.01 -10.58
CA SER B 198 36.36 26.76 -9.90
C SER B 198 37.73 26.31 -10.40
N VAL B 199 38.57 27.28 -10.75
CA VAL B 199 39.91 27.07 -11.34
C VAL B 199 39.92 25.97 -12.40
N GLY B 207 37.59 17.55 -9.31
CA GLY B 207 37.45 18.76 -10.12
C GLY B 207 36.44 18.58 -11.24
N ARG B 208 35.37 19.36 -11.18
CA ARG B 208 34.29 19.24 -12.16
C ARG B 208 34.61 20.05 -13.40
N ARG B 209 33.64 20.15 -14.31
CA ARG B 209 33.77 20.84 -15.58
C ARG B 209 32.55 21.74 -15.76
N GLU B 210 32.49 22.43 -16.90
CA GLU B 210 31.36 23.31 -17.18
C GLU B 210 30.06 22.51 -17.23
N GLU B 211 28.99 23.10 -16.71
CA GLU B 211 27.66 22.49 -16.75
C GLU B 211 26.64 23.58 -17.03
N VAL B 212 25.48 23.17 -17.52
CA VAL B 212 24.33 24.05 -17.73
C VAL B 212 23.23 23.53 -16.83
N THR B 213 22.80 24.36 -15.89
CA THR B 213 21.75 24.02 -14.94
C THR B 213 20.46 24.73 -15.33
N PHE B 214 19.40 23.94 -15.48
CA PHE B 214 18.06 24.46 -15.69
C PHE B 214 17.29 24.33 -14.38
N TYR B 215 16.90 25.46 -13.81
CA TYR B 215 16.19 25.51 -12.53
C TYR B 215 14.71 25.62 -12.79
N LEU B 216 13.92 24.96 -11.95
CA LEU B 216 12.46 25.08 -11.95
C LEU B 216 12.04 25.41 -10.53
N ILE B 217 11.59 26.65 -10.34
CA ILE B 217 10.92 27.03 -9.11
C ILE B 217 9.44 26.70 -9.29
N ILE B 218 8.93 25.80 -8.46
CA ILE B 218 7.57 25.29 -8.60
C ILE B 218 6.87 25.42 -7.27
N ARG B 219 5.68 26.02 -7.28
CA ARG B 219 4.87 26.24 -6.09
C ARG B 219 3.74 25.23 -6.08
N ARG B 220 3.57 24.54 -4.95
CA ARG B 220 2.48 23.59 -4.82
C ARG B 220 1.16 24.32 -4.72
N LYS B 221 0.10 23.66 -5.21
CA LYS B 221 -1.27 24.16 -5.10
C LYS B 221 -1.98 23.36 -4.00
N PRO B 222 -2.20 23.94 -2.81
CA PRO B 222 -2.50 23.11 -1.63
C PRO B 222 -3.98 22.81 -1.40
N LEU B 223 -4.82 23.00 -2.41
CA LEU B 223 -6.27 22.84 -2.22
C LEU B 223 -6.62 21.43 -1.73
N PHE B 224 -5.92 20.42 -2.26
CA PHE B 224 -6.19 19.04 -1.84
C PHE B 224 -5.96 18.85 -0.35
N TYR B 225 -4.84 19.36 0.16
CA TYR B 225 -4.52 19.19 1.56
C TYR B 225 -5.39 20.08 2.44
N LEU B 226 -5.75 21.26 1.95
CA LEU B 226 -6.69 22.11 2.69
C LEU B 226 -8.02 21.42 2.88
N VAL B 227 -8.54 20.81 1.81
CA VAL B 227 -9.86 20.18 1.88
C VAL B 227 -9.80 18.89 2.68
N ASN B 228 -8.77 18.08 2.48
CA ASN B 228 -8.76 16.71 3.00
C ASN B 228 -8.19 16.60 4.42
N VAL B 229 -7.34 17.54 4.85
CA VAL B 229 -6.60 17.42 6.09
C VAL B 229 -6.87 18.59 7.02
N ILE B 230 -6.68 19.82 6.54
CA ILE B 230 -6.70 20.98 7.41
C ILE B 230 -8.09 21.21 7.99
N ALA B 231 -9.11 21.20 7.12
CA ALA B 231 -10.47 21.50 7.59
C ALA B 231 -10.99 20.43 8.54
N PRO B 232 -10.83 19.13 8.28
CA PRO B 232 -11.19 18.14 9.31
C PRO B 232 -10.47 18.34 10.64
N CYS B 233 -9.20 18.74 10.60
CA CYS B 233 -8.47 19.00 11.83
C CYS B 233 -9.07 20.18 12.57
N ILE B 234 -9.45 21.23 11.84
CA ILE B 234 -10.09 22.39 12.47
C ILE B 234 -11.41 21.96 13.11
N LEU B 235 -12.18 21.13 12.43
CA LEU B 235 -13.45 20.67 12.98
C LEU B 235 -13.24 19.84 14.24
N ILE B 236 -12.25 18.94 14.22
CA ILE B 236 -12.02 18.10 15.38
C ILE B 236 -11.51 18.93 16.55
N THR B 237 -10.70 19.96 16.27
CA THR B 237 -10.23 20.85 17.32
C THR B 237 -11.39 21.63 17.94
N LEU B 238 -12.27 22.17 17.08
CA LEU B 238 -13.47 22.85 17.57
C LEU B 238 -14.31 21.92 18.43
N LEU B 239 -14.36 20.64 18.06
CA LEU B 239 -15.08 19.67 18.87
C LEU B 239 -14.38 19.47 20.21
N ALA B 240 -13.06 19.45 20.21
CA ALA B 240 -12.30 19.30 21.45
C ALA B 240 -12.54 20.47 22.39
N ILE B 241 -12.82 21.66 21.85
CA ILE B 241 -13.14 22.80 22.71
C ILE B 241 -14.41 22.52 23.51
N PHE B 242 -15.42 21.95 22.88
CA PHE B 242 -16.75 21.87 23.48
C PHE B 242 -16.90 20.75 24.49
N VAL B 243 -15.84 19.98 24.77
CA VAL B 243 -15.92 19.00 25.85
C VAL B 243 -16.10 19.70 27.20
N PHE B 244 -15.56 20.91 27.33
CA PHE B 244 -15.66 21.64 28.59
C PHE B 244 -17.03 22.26 28.81
N TYR B 245 -17.85 22.38 27.77
CA TYR B 245 -19.25 22.77 27.92
C TYR B 245 -20.16 21.58 28.20
N LEU B 246 -19.65 20.36 28.12
CA LEU B 246 -20.44 19.17 28.38
C LEU B 246 -20.59 18.96 29.89
N PRO B 247 -21.78 18.61 30.40
CA PRO B 247 -21.91 18.41 31.85
C PRO B 247 -21.08 17.23 32.32
N PRO B 248 -20.59 17.26 33.56
CA PRO B 248 -20.02 16.02 34.13
C PRO B 248 -21.05 14.93 34.36
N ASP B 249 -22.33 15.27 34.47
CA ASP B 249 -23.36 14.26 34.75
C ASP B 249 -23.73 13.47 33.51
N ALA B 250 -23.45 13.99 32.31
CA ALA B 250 -23.75 13.25 31.09
C ALA B 250 -22.90 11.99 30.97
N GLY B 251 -21.68 12.02 31.51
CA GLY B 251 -20.80 10.88 31.40
C GLY B 251 -20.33 10.60 29.99
N GLU B 252 -19.99 11.66 29.24
CA GLU B 252 -19.55 11.53 27.86
C GLU B 252 -18.33 12.41 27.54
N LYS B 253 -17.71 13.02 28.54
CA LYS B 253 -16.54 13.86 28.28
C LYS B 253 -15.36 13.03 27.81
N MET B 254 -15.11 11.90 28.50
CA MET B 254 -14.00 11.03 28.12
C MET B 254 -14.18 10.51 26.70
N GLY B 255 -15.38 10.06 26.35
CA GLY B 255 -15.61 9.54 25.02
C GLY B 255 -15.33 10.56 23.94
N LEU B 256 -15.90 11.76 24.11
CA LEU B 256 -15.70 12.82 23.12
C LEU B 256 -14.22 13.17 22.97
N SER B 257 -13.54 13.47 24.08
CA SER B 257 -12.16 13.92 23.98
C SER B 257 -11.24 12.82 23.44
N ILE B 258 -11.37 11.60 23.97
CA ILE B 258 -10.48 10.53 23.57
C ILE B 258 -10.72 10.15 22.11
N PHE B 259 -11.97 10.10 21.67
CA PHE B 259 -12.23 9.70 20.29
C PHE B 259 -11.89 10.81 19.32
N ALA B 260 -11.92 12.08 19.76
CA ALA B 260 -11.31 13.14 18.96
C ALA B 260 -9.81 12.91 18.80
N LEU B 261 -9.15 12.52 19.89
CA LEU B 261 -7.72 12.20 19.80
C LEU B 261 -7.47 11.04 18.84
N LEU B 262 -8.33 10.02 18.88
CA LEU B 262 -8.19 8.89 17.97
C LEU B 262 -8.38 9.32 16.52
N THR B 263 -9.35 10.21 16.26
CA THR B 263 -9.54 10.70 14.90
C THR B 263 -8.30 11.47 14.43
N LEU B 264 -7.70 12.27 15.31
CA LEU B 264 -6.50 12.99 14.93
C LEU B 264 -5.34 12.03 14.65
N THR B 265 -5.23 10.97 15.45
CA THR B 265 -4.20 9.97 15.19
C THR B 265 -4.42 9.30 13.85
N VAL B 266 -5.68 8.99 13.53
CA VAL B 266 -6.00 8.41 12.24
C VAL B 266 -5.58 9.34 11.12
N PHE B 267 -5.84 10.64 11.29
CA PHE B 267 -5.46 11.60 10.25
C PHE B 267 -3.95 11.67 10.10
N LEU B 268 -3.20 11.65 11.21
CA LEU B 268 -1.75 11.69 11.12
C LEU B 268 -1.22 10.45 10.40
N LEU B 269 -1.75 9.26 10.76
CA LEU B 269 -1.26 8.03 10.16
C LEU B 269 -1.58 7.97 8.67
N LEU B 270 -2.79 8.38 8.28
CA LEU B 270 -3.17 8.33 6.88
C LEU B 270 -2.67 9.54 6.09
N LEU B 271 -2.09 10.55 6.75
CA LEU B 271 -1.31 11.59 6.10
C LEU B 271 0.15 11.22 5.94
N ALA B 272 0.65 10.28 6.76
CA ALA B 272 2.04 9.86 6.65
C ALA B 272 2.39 9.30 5.27
N ASP B 273 1.41 8.85 4.50
CA ASP B 273 1.66 8.34 3.16
C ASP B 273 1.93 9.45 2.15
N LYS B 274 1.77 10.71 2.52
CA LYS B 274 1.93 11.85 1.61
C LYS B 274 3.10 12.76 1.94
N VAL B 275 3.51 12.83 3.20
CA VAL B 275 4.54 13.79 3.63
C VAL B 275 5.92 13.26 3.27
N PRO B 276 6.94 14.13 3.13
CA PRO B 276 8.30 13.63 2.96
C PRO B 276 8.80 12.97 4.23
N GLU B 277 9.77 12.07 4.06
CA GLU B 277 10.30 11.26 5.15
C GLU B 277 11.73 11.63 5.53
N THR B 278 12.16 12.85 5.23
CA THR B 278 13.46 13.33 5.68
C THR B 278 13.37 13.79 7.14
N SER B 279 14.51 14.19 7.69
CA SER B 279 14.61 14.56 9.11
C SER B 279 15.42 15.83 9.33
N LEU B 280 15.51 16.70 8.33
CA LEU B 280 16.16 18.00 8.50
C LEU B 280 15.21 19.08 9.00
N SER B 281 13.92 18.81 9.06
CA SER B 281 12.92 19.76 9.54
C SER B 281 11.62 18.99 9.74
N VAL B 282 10.59 19.71 10.19
CA VAL B 282 9.27 19.16 10.44
C VAL B 282 8.30 19.93 9.55
N PRO B 283 7.38 19.28 8.81
CA PRO B 283 6.39 20.04 8.07
C PRO B 283 5.47 20.84 8.97
N ILE B 284 5.04 22.01 8.48
CA ILE B 284 4.17 22.86 9.26
C ILE B 284 2.82 22.18 9.50
N ILE B 285 2.37 21.35 8.56
CA ILE B 285 1.15 20.60 8.77
C ILE B 285 1.33 19.56 9.87
N ILE B 286 2.51 18.92 9.92
CA ILE B 286 2.79 17.99 11.01
C ILE B 286 2.90 18.73 12.33
N LYS B 287 3.47 19.95 12.30
CA LYS B 287 3.49 20.77 13.51
C LYS B 287 2.08 21.10 13.98
N TYR B 288 1.19 21.44 13.06
CA TYR B 288 -0.19 21.72 13.43
C TYR B 288 -0.87 20.49 14.01
N LEU B 289 -0.64 19.32 13.40
CA LEU B 289 -1.24 18.09 13.91
C LEU B 289 -0.72 17.76 15.30
N MET B 290 0.59 17.93 15.53
CA MET B 290 1.15 17.67 16.85
C MET B 290 0.61 18.65 17.88
N PHE B 291 0.48 19.92 17.51
CA PHE B 291 -0.11 20.91 18.40
C PHE B 291 -1.53 20.52 18.77
N THR B 292 -2.31 20.11 17.78
CA THR B 292 -3.69 19.73 18.04
C THR B 292 -3.77 18.48 18.91
N MET B 293 -2.88 17.51 18.68
CA MET B 293 -2.87 16.30 19.49
C MET B 293 -2.51 16.62 20.94
N VAL B 294 -1.52 17.48 21.14
CA VAL B 294 -1.14 17.86 22.51
C VAL B 294 -2.28 18.61 23.18
N LEU B 295 -2.98 19.47 22.43
CA LEU B 295 -4.09 20.22 23.01
C LEU B 295 -5.23 19.27 23.40
N VAL B 296 -5.54 18.29 22.55
CA VAL B 296 -6.59 17.35 22.90
C VAL B 296 -6.16 16.46 24.07
N THR B 297 -4.88 16.12 24.15
CA THR B 297 -4.40 15.35 25.31
C THR B 297 -4.56 16.15 26.60
N PHE B 298 -4.24 17.44 26.57
CA PHE B 298 -4.46 18.27 27.73
C PHE B 298 -5.94 18.42 28.04
N SER B 299 -6.79 18.44 27.00
CA SER B 299 -8.23 18.46 27.22
C SER B 299 -8.69 17.19 27.94
N VAL B 300 -8.13 16.04 27.57
CA VAL B 300 -8.44 14.79 28.27
C VAL B 300 -8.00 14.89 29.73
N ILE B 301 -6.79 15.40 29.95
CA ILE B 301 -6.26 15.49 31.31
C ILE B 301 -7.15 16.36 32.18
N LEU B 302 -7.53 17.53 31.67
CA LEU B 302 -8.33 18.44 32.47
C LEU B 302 -9.80 18.00 32.56
N SER B 303 -10.29 17.24 31.59
CA SER B 303 -11.60 16.62 31.75
C SER B 303 -11.58 15.60 32.87
N VAL B 304 -10.49 14.83 32.99
CA VAL B 304 -10.35 13.93 34.12
C VAL B 304 -10.31 14.71 35.42
N VAL B 305 -9.62 15.85 35.43
CA VAL B 305 -9.56 16.68 36.64
C VAL B 305 -10.95 17.18 37.01
N VAL B 306 -11.71 17.65 36.01
CA VAL B 306 -13.06 18.18 36.27
C VAL B 306 -13.97 17.07 36.78
N LEU B 307 -13.89 15.88 36.19
CA LEU B 307 -14.70 14.77 36.65
C LEU B 307 -14.32 14.36 38.07
N ASN B 308 -13.03 14.44 38.40
CA ASN B 308 -12.59 14.16 39.76
C ASN B 308 -13.18 15.16 40.74
N LEU B 309 -13.15 16.44 40.38
CA LEU B 309 -13.71 17.47 41.27
C LEU B 309 -15.21 17.30 41.45
N HIS B 310 -15.91 16.97 40.36
CA HIS B 310 -17.37 16.89 40.42
C HIS B 310 -17.85 15.77 41.33
N HIS B 311 -17.09 14.67 41.42
CA HIS B 311 -17.51 13.48 42.15
C HIS B 311 -16.86 13.37 43.52
N ARG B 312 -16.31 14.46 44.06
CA ARG B 312 -15.73 14.41 45.39
C ARG B 312 -16.81 14.09 46.42
N SER B 313 -16.63 13.00 47.15
CA SER B 313 -17.57 12.62 48.19
C SER B 313 -17.54 13.68 49.29
N PRO B 314 -18.66 14.31 49.64
CA PRO B 314 -18.59 15.37 50.67
C PRO B 314 -18.12 14.87 52.03
N HIS B 315 -18.51 13.67 52.44
CA HIS B 315 -18.18 13.19 53.78
C HIS B 315 -16.71 12.84 53.95
N THR B 316 -15.99 12.62 52.85
CA THR B 316 -14.58 12.24 52.89
C THR B 316 -13.66 13.42 52.58
N HIS B 317 -14.03 14.27 51.64
CA HIS B 317 -13.21 15.38 51.19
C HIS B 317 -13.78 16.67 51.77
N GLN B 318 -12.98 17.38 52.56
CA GLN B 318 -13.34 18.68 53.10
C GLN B 318 -12.71 19.76 52.23
N MET B 319 -13.51 20.71 51.79
CA MET B 319 -13.05 21.70 50.84
C MET B 319 -12.06 22.64 51.53
N PRO B 320 -10.84 22.82 51.02
CA PRO B 320 -9.97 23.86 51.57
C PRO B 320 -10.59 25.23 51.44
N LEU B 321 -10.35 26.07 52.45
CA LEU B 321 -10.94 27.42 52.46
C LEU B 321 -10.41 28.26 51.31
N TRP B 322 -9.16 28.06 50.90
CA TRP B 322 -8.62 28.79 49.76
C TRP B 322 -9.34 28.39 48.47
N VAL B 323 -9.69 27.10 48.33
CA VAL B 323 -10.48 26.68 47.19
C VAL B 323 -11.84 27.38 47.21
N ARG B 324 -12.45 27.47 48.40
CA ARG B 324 -13.75 28.13 48.52
C ARG B 324 -13.66 29.59 48.11
N GLN B 325 -12.62 30.30 48.55
CA GLN B 325 -12.50 31.71 48.19
C GLN B 325 -12.25 31.88 46.70
N ILE B 326 -11.32 31.12 46.13
CA ILE B 326 -10.95 31.35 44.74
C ILE B 326 -12.07 30.93 43.80
N PHE B 327 -12.64 29.73 44.01
CA PHE B 327 -13.48 29.10 43.00
C PHE B 327 -14.98 29.23 43.25
N ILE B 328 -15.39 29.87 44.35
CA ILE B 328 -16.82 30.08 44.63
C ILE B 328 -17.13 31.57 44.75
N HIS B 329 -16.15 32.36 45.16
CA HIS B 329 -16.34 33.78 45.43
C HIS B 329 -15.65 34.70 44.42
N LYS B 330 -14.39 34.44 44.10
CA LYS B 330 -13.63 35.36 43.25
C LYS B 330 -13.86 35.09 41.77
N LEU B 331 -13.53 33.88 41.32
CA LEU B 331 -13.58 33.58 39.89
C LEU B 331 -14.98 33.67 39.28
N PRO B 332 -16.06 33.20 39.93
CA PRO B 332 -17.38 33.26 39.29
C PRO B 332 -17.81 34.66 38.88
N LEU B 333 -17.41 35.70 39.61
CA LEU B 333 -17.74 37.06 39.19
C LEU B 333 -17.03 37.40 37.89
N TYR B 334 -15.77 36.96 37.74
CA TYR B 334 -15.01 37.27 36.54
C TYR B 334 -15.48 36.45 35.35
N LEU B 335 -15.98 35.24 35.58
CA LEU B 335 -16.41 34.34 34.51
C LEU B 335 -17.90 34.42 34.21
N GLY B 336 -18.66 35.25 34.93
CA GLY B 336 -20.08 35.36 34.68
C GLY B 336 -20.85 34.08 34.93
N LEU B 337 -20.59 33.45 36.08
CA LEU B 337 -21.18 32.17 36.48
C LEU B 337 -21.83 32.33 37.86
N LYS B 338 -22.68 33.35 37.97
CA LYS B 338 -23.32 33.68 39.25
C LYS B 338 -24.11 32.50 39.78
N ARG B 339 -23.90 32.18 41.06
CA ARG B 339 -24.66 31.12 41.69
C ARG B 339 -26.10 31.58 41.92
N PRO B 340 -27.11 30.73 41.70
CA PRO B 340 -28.50 31.20 41.91
C PRO B 340 -28.79 31.64 43.34
N LYS B 341 -28.19 30.98 44.32
CA LYS B 341 -28.45 31.32 45.72
C LYS B 341 -27.46 32.39 46.15
N PRO B 342 -27.91 33.61 46.52
CA PRO B 342 -26.93 34.64 46.89
C PRO B 342 -26.19 34.36 48.18
N GLU B 343 -26.72 33.48 49.05
CA GLU B 343 -26.09 33.15 50.32
C GLU B 343 -25.93 34.40 51.20
N PRO B 410 -47.20 9.14 77.17
CA PRO B 410 -47.38 7.70 77.02
C PRO B 410 -46.18 7.04 76.33
N PRO B 411 -46.02 5.70 76.47
CA PRO B 411 -44.84 5.06 75.88
C PRO B 411 -44.88 5.06 74.35
N GLU B 412 -46.03 4.73 73.76
CA GLU B 412 -46.14 4.71 72.30
C GLU B 412 -45.91 6.10 71.72
N LEU B 413 -46.50 7.12 72.34
CA LEU B 413 -46.31 8.49 71.88
C LEU B 413 -44.85 8.92 72.06
N ARG B 414 -44.23 8.50 73.16
CA ARG B 414 -42.81 8.80 73.38
C ARG B 414 -41.96 8.22 72.26
N GLU B 415 -42.20 6.95 71.92
CA GLU B 415 -41.43 6.32 70.85
C GLU B 415 -41.70 6.98 69.51
N VAL B 416 -42.94 7.38 69.25
CA VAL B 416 -43.25 8.08 68.00
C VAL B 416 -42.51 9.40 67.93
N VAL B 417 -42.46 10.13 69.04
CA VAL B 417 -41.74 11.39 69.09
C VAL B 417 -40.25 11.16 68.81
N SER B 418 -39.69 10.12 69.42
CA SER B 418 -38.28 9.80 69.17
C SER B 418 -38.04 9.47 67.71
N SER B 419 -38.95 8.68 67.11
CA SER B 419 -38.81 8.33 65.70
C SER B 419 -38.85 9.57 64.83
N ILE B 420 -39.83 10.45 65.06
CA ILE B 420 -40.00 11.64 64.23
C ILE B 420 -38.77 12.55 64.36
N SER B 421 -38.23 12.66 65.58
CA SER B 421 -37.01 13.42 65.77
C SER B 421 -35.87 12.82 64.97
N TYR B 422 -35.77 11.48 64.95
CA TYR B 422 -34.72 10.84 64.17
C TYR B 422 -34.89 11.12 62.67
N ILE B 423 -36.13 11.11 62.18
CA ILE B 423 -36.38 11.41 60.77
C ILE B 423 -35.94 12.83 60.46
N ALA B 424 -36.30 13.79 61.32
CA ALA B 424 -35.93 15.17 61.09
C ALA B 424 -34.41 15.35 61.08
N ARG B 425 -33.73 14.68 62.02
CA ARG B 425 -32.27 14.77 62.07
C ARG B 425 -31.64 14.16 60.82
N GLN B 426 -32.17 13.04 60.34
CA GLN B 426 -31.64 12.42 59.13
C GLN B 426 -31.81 13.34 57.92
N LEU B 427 -32.97 13.97 57.78
CA LEU B 427 -33.16 14.86 56.65
C LEU B 427 -32.27 16.09 56.76
N GLN B 428 -32.03 16.59 57.99
CA GLN B 428 -31.06 17.67 58.18
C GLN B 428 -29.67 17.25 57.72
N GLU B 429 -29.24 16.05 58.11
CA GLU B 429 -27.92 15.57 57.71
C GLU B 429 -27.82 15.43 56.20
N GLN B 430 -28.88 14.92 55.57
CA GLN B 430 -28.89 14.81 54.12
C GLN B 430 -28.82 16.18 53.46
N GLU B 431 -29.50 17.18 54.04
CA GLU B 431 -29.43 18.52 53.49
C GLU B 431 -28.01 19.08 53.57
N ASP B 432 -27.33 18.87 54.70
CA ASP B 432 -25.96 19.35 54.82
C ASP B 432 -25.04 18.65 53.81
N HIS B 433 -25.22 17.34 53.65
CA HIS B 433 -24.43 16.60 52.66
C HIS B 433 -24.68 17.14 51.25
N ASP B 434 -25.94 17.42 50.93
CA ASP B 434 -26.27 17.96 49.61
C ASP B 434 -25.66 19.34 49.42
N VAL B 435 -25.63 20.16 50.45
CA VAL B 435 -25.03 21.49 50.34
C VAL B 435 -23.55 21.37 50.01
N LEU B 436 -22.84 20.50 50.73
CA LEU B 436 -21.41 20.31 50.44
C LEU B 436 -21.19 19.74 49.05
N LYS B 437 -22.01 18.78 48.64
CA LYS B 437 -21.90 18.19 47.31
C LYS B 437 -22.13 19.23 46.22
N GLU B 438 -23.14 20.09 46.41
CA GLU B 438 -23.41 21.14 45.43
C GLU B 438 -22.25 22.14 45.37
N ASP B 439 -21.64 22.44 46.52
CA ASP B 439 -20.48 23.33 46.50
C ASP B 439 -19.33 22.73 45.69
N TRP B 440 -19.06 21.43 45.90
CA TRP B 440 -18.03 20.77 45.11
C TRP B 440 -18.34 20.80 43.62
N GLN B 441 -19.60 20.53 43.26
CA GLN B 441 -19.97 20.53 41.85
C GLN B 441 -19.87 21.92 41.25
N PHE B 442 -20.20 22.95 42.01
CA PHE B 442 -20.08 24.32 41.51
C PHE B 442 -18.61 24.68 41.29
N VAL B 443 -17.74 24.21 42.19
CA VAL B 443 -16.30 24.41 41.98
C VAL B 443 -15.84 23.74 40.69
N ALA B 444 -16.29 22.49 40.47
CA ALA B 444 -15.94 21.79 39.24
C ALA B 444 -16.45 22.55 38.01
N MET B 445 -17.64 23.13 38.12
CA MET B 445 -18.23 23.87 37.01
C MET B 445 -17.44 25.13 36.70
N VAL B 446 -17.01 25.85 37.73
CA VAL B 446 -16.19 27.05 37.55
C VAL B 446 -14.86 26.68 36.89
N VAL B 447 -14.26 25.58 37.36
CA VAL B 447 -13.02 25.10 36.76
C VAL B 447 -13.23 24.74 35.29
N ASP B 448 -14.38 24.12 34.99
CA ASP B 448 -14.69 23.74 33.62
C ASP B 448 -14.81 24.97 32.71
N ARG B 449 -15.48 26.02 33.19
CA ARG B 449 -15.63 27.22 32.37
C ARG B 449 -14.29 27.92 32.17
N LEU B 450 -13.46 27.96 33.22
CA LEU B 450 -12.13 28.55 33.08
C LEU B 450 -11.32 27.80 32.03
N PHE B 451 -11.39 26.47 32.06
CA PHE B 451 -10.66 25.69 31.06
C PHE B 451 -11.25 25.87 29.67
N LEU B 452 -12.57 26.03 29.56
CA LEU B 452 -13.18 26.30 28.27
C LEU B 452 -12.60 27.58 27.65
N TRP B 453 -12.56 28.66 28.44
CA TRP B 453 -12.01 29.91 27.93
C TRP B 453 -10.53 29.77 27.62
N THR B 454 -9.78 29.09 28.48
CA THR B 454 -8.34 28.94 28.26
C THR B 454 -8.07 28.18 26.98
N PHE B 455 -8.84 27.11 26.72
CA PHE B 455 -8.65 26.34 25.50
C PHE B 455 -9.11 27.10 24.27
N ILE B 456 -10.15 27.92 24.39
CA ILE B 456 -10.53 28.76 23.26
C ILE B 456 -9.38 29.69 22.89
N ILE B 457 -8.79 30.35 23.89
CA ILE B 457 -7.67 31.26 23.63
C ILE B 457 -6.49 30.51 23.03
N PHE B 458 -6.10 29.39 23.64
CA PHE B 458 -4.91 28.67 23.18
C PHE B 458 -5.12 28.15 21.76
N THR B 459 -6.29 27.55 21.50
CA THR B 459 -6.59 27.02 20.17
C THR B 459 -6.55 28.13 19.14
N SER B 460 -7.26 29.23 19.38
CA SER B 460 -7.32 30.30 18.40
C SER B 460 -5.95 30.89 18.14
N VAL B 461 -5.17 31.14 19.21
CA VAL B 461 -3.88 31.77 19.05
C VAL B 461 -2.92 30.85 18.30
N GLY B 462 -2.87 29.57 18.68
CA GLY B 462 -1.97 28.64 18.01
C GLY B 462 -2.33 28.43 16.56
N THR B 463 -3.63 28.24 16.27
CA THR B 463 -4.07 28.05 14.90
C THR B 463 -3.77 29.28 14.06
N LEU B 464 -4.01 30.48 14.62
CA LEU B 464 -3.74 31.70 13.88
C LEU B 464 -2.25 31.86 13.61
N VAL B 465 -1.40 31.57 14.60
CA VAL B 465 0.04 31.72 14.41
C VAL B 465 0.52 30.76 13.32
N ILE B 466 0.08 29.50 13.38
CA ILE B 466 0.52 28.52 12.40
C ILE B 466 0.02 28.90 11.01
N PHE B 467 -1.24 29.34 10.92
CA PHE B 467 -1.83 29.63 9.61
C PHE B 467 -1.21 30.88 8.99
N LEU B 468 -0.87 31.87 9.82
CA LEU B 468 -0.19 33.05 9.30
C LEU B 468 1.23 32.74 8.89
N ASP B 469 1.90 31.84 9.62
CA ASP B 469 3.23 31.42 9.21
C ASP B 469 3.18 30.68 7.87
N ALA B 470 2.15 29.86 7.66
CA ALA B 470 2.01 29.13 6.41
C ALA B 470 1.66 30.07 5.25
N THR B 471 0.69 30.95 5.47
CA THR B 471 0.16 31.75 4.36
C THR B 471 1.16 32.79 3.89
N TYR B 472 2.01 33.31 4.78
CA TYR B 472 2.98 34.34 4.42
C TYR B 472 4.25 33.77 3.80
N HIS B 473 4.36 32.44 3.67
CA HIS B 473 5.44 31.82 2.93
C HIS B 473 5.09 31.87 1.45
N LEU B 474 5.83 32.67 0.69
CA LEU B 474 5.55 32.93 -0.71
C LEU B 474 6.78 32.58 -1.56
N PRO B 475 6.60 32.25 -2.85
CA PRO B 475 7.77 31.94 -3.68
C PRO B 475 8.59 33.19 -3.93
N PRO B 476 9.87 33.05 -4.26
CA PRO B 476 10.71 34.25 -4.44
C PRO B 476 10.28 35.05 -5.65
N ALA B 477 10.52 36.36 -5.57
CA ALA B 477 10.32 37.25 -6.70
C ALA B 477 11.51 37.29 -7.65
N ASP B 478 12.68 36.77 -7.23
CA ASP B 478 13.90 36.76 -8.02
C ASP B 478 14.40 35.33 -8.07
N PRO B 479 14.71 34.77 -9.25
CA PRO B 479 15.25 33.40 -9.28
C PRO B 479 16.56 33.22 -8.52
N PHE B 480 17.47 34.20 -8.54
CA PHE B 480 18.82 34.06 -7.97
C PHE B 480 19.15 35.25 -7.07
N PRO B 481 18.66 35.25 -5.83
CA PRO B 481 19.15 36.20 -4.83
C PRO B 481 20.66 36.10 -4.61
N SER C 1 32.72 -30.78 -33.76
CA SER C 1 33.03 -31.78 -34.83
C SER C 1 33.32 -31.09 -36.15
N GLU C 2 34.33 -31.59 -36.87
CA GLU C 2 34.70 -31.00 -38.16
C GLU C 2 33.58 -31.18 -39.17
N HIS C 3 32.96 -32.36 -39.20
CA HIS C 3 31.86 -32.60 -40.14
C HIS C 3 30.68 -31.69 -39.84
N GLU C 4 30.40 -31.43 -38.56
CA GLU C 4 29.32 -30.50 -38.23
C GLU C 4 29.67 -29.08 -38.67
N THR C 5 30.94 -28.69 -38.55
CA THR C 5 31.36 -27.38 -39.03
C THR C 5 31.15 -27.28 -40.54
N ARG C 6 31.54 -28.31 -41.28
CA ARG C 6 31.33 -28.33 -42.72
C ARG C 6 29.85 -28.27 -43.07
N LEU C 7 29.02 -29.00 -42.31
CA LEU C 7 27.58 -28.99 -42.56
C LEU C 7 26.99 -27.61 -42.36
N VAL C 8 27.30 -26.99 -41.21
CA VAL C 8 26.72 -25.69 -40.91
C VAL C 8 27.22 -24.64 -41.89
N ALA C 9 28.46 -24.78 -42.38
CA ALA C 9 28.92 -23.91 -43.44
C ALA C 9 28.12 -24.12 -44.72
N LYS C 10 27.82 -25.39 -45.05
CA LYS C 10 27.09 -25.68 -46.27
C LYS C 10 25.66 -25.17 -46.23
N LEU C 11 25.02 -25.24 -45.06
CA LEU C 11 23.59 -24.92 -44.99
C LEU C 11 23.33 -23.43 -45.11
N PHE C 12 24.24 -22.59 -44.63
CA PHE C 12 24.02 -21.15 -44.53
C PHE C 12 24.91 -20.34 -45.47
N GLU C 13 25.24 -20.88 -46.63
CA GLU C 13 26.06 -20.14 -47.59
C GLU C 13 25.23 -19.14 -48.40
N ASP C 14 24.07 -19.57 -48.88
CA ASP C 14 23.15 -18.74 -49.64
C ASP C 14 21.76 -18.75 -49.01
N TYR C 15 21.71 -18.91 -47.69
CA TYR C 15 20.45 -19.01 -46.98
C TYR C 15 19.88 -17.62 -46.72
N ASN C 16 18.57 -17.47 -46.91
CA ASN C 16 17.85 -16.23 -46.67
C ASN C 16 16.76 -16.50 -45.65
N SER C 17 16.90 -15.92 -44.45
CA SER C 17 15.90 -16.08 -43.41
C SER C 17 14.65 -15.24 -43.64
N VAL C 18 14.69 -14.28 -44.57
CA VAL C 18 13.52 -13.49 -44.89
C VAL C 18 12.50 -14.31 -45.67
N VAL C 19 12.97 -15.21 -46.52
CA VAL C 19 12.10 -15.97 -47.42
C VAL C 19 11.39 -17.06 -46.64
N ARG C 20 10.11 -17.27 -46.95
CA ARG C 20 9.39 -18.40 -46.38
C ARG C 20 10.02 -19.70 -46.86
N PRO C 21 10.31 -20.67 -45.97
CA PRO C 21 11.06 -21.85 -46.41
C PRO C 21 10.19 -22.96 -47.03
N VAL C 22 9.79 -22.74 -48.27
CA VAL C 22 9.07 -23.73 -49.05
C VAL C 22 9.66 -23.77 -50.45
N GLU C 23 9.47 -24.91 -51.12
CA GLU C 23 10.02 -25.08 -52.47
C GLU C 23 9.38 -24.10 -53.44
N ASP C 24 8.07 -23.88 -53.32
CA ASP C 24 7.32 -23.00 -54.19
C ASP C 24 6.67 -21.90 -53.35
N HIS C 25 6.69 -20.68 -53.87
CA HIS C 25 6.09 -19.57 -53.14
C HIS C 25 4.58 -19.66 -53.08
N ARG C 26 3.95 -20.49 -53.91
CA ARG C 26 2.50 -20.62 -53.93
C ARG C 26 1.96 -21.53 -52.83
N GLN C 27 2.80 -22.32 -52.18
CA GLN C 27 2.38 -23.20 -51.10
C GLN C 27 2.67 -22.56 -49.74
N ALA C 28 1.92 -23.00 -48.75
CA ALA C 28 1.98 -22.45 -47.40
C ALA C 28 2.92 -23.25 -46.51
N VAL C 29 3.47 -22.57 -45.52
CA VAL C 29 4.29 -23.24 -44.50
C VAL C 29 3.36 -23.86 -43.46
N GLU C 30 3.54 -25.15 -43.19
CA GLU C 30 2.74 -25.85 -42.20
C GLU C 30 3.48 -25.83 -40.87
N VAL C 31 2.89 -25.17 -39.88
CA VAL C 31 3.46 -25.00 -38.55
C VAL C 31 2.56 -25.69 -37.55
N THR C 32 3.14 -26.58 -36.75
CA THR C 32 2.44 -27.19 -35.63
C THR C 32 2.77 -26.40 -34.38
N VAL C 33 1.73 -25.88 -33.71
CA VAL C 33 1.86 -25.00 -32.56
C VAL C 33 1.26 -25.70 -31.36
N GLY C 34 2.02 -25.76 -30.27
CA GLY C 34 1.56 -26.32 -29.01
C GLY C 34 1.97 -25.44 -27.85
N LEU C 35 1.07 -25.31 -26.88
CA LEU C 35 1.30 -24.52 -25.67
C LEU C 35 1.50 -25.48 -24.51
N GLN C 36 2.53 -25.21 -23.69
CA GLN C 36 2.81 -25.98 -22.49
C GLN C 36 2.77 -25.01 -21.32
N LEU C 37 1.74 -25.10 -20.49
CA LEU C 37 1.66 -24.28 -19.30
C LEU C 37 2.55 -24.85 -18.21
N ILE C 38 3.55 -24.07 -17.79
CA ILE C 38 4.51 -24.50 -16.80
C ILE C 38 4.11 -24.05 -15.40
N GLN C 39 3.51 -22.87 -15.29
CA GLN C 39 3.10 -22.33 -14.01
C GLN C 39 2.13 -21.18 -14.22
N LEU C 40 1.07 -21.14 -13.43
CA LEU C 40 0.15 -20.01 -13.37
C LEU C 40 0.68 -19.05 -12.31
N ILE C 41 1.44 -18.04 -12.75
CA ILE C 41 2.12 -17.17 -11.80
C ILE C 41 1.11 -16.32 -11.02
N ASN C 42 0.16 -15.69 -11.71
CA ASN C 42 -0.72 -14.76 -11.02
C ASN C 42 -2.00 -14.56 -11.81
N VAL C 43 -3.08 -14.23 -11.09
CA VAL C 43 -4.40 -14.01 -11.66
C VAL C 43 -4.95 -12.66 -11.17
N ASP C 44 -4.11 -11.61 -11.24
CA ASP C 44 -4.45 -10.28 -10.71
C ASP C 44 -5.86 -9.85 -11.09
N GLU C 45 -6.74 -9.73 -10.09
CA GLU C 45 -8.15 -9.48 -10.35
C GLU C 45 -8.44 -7.99 -10.53
N VAL C 46 -7.78 -7.15 -9.74
CA VAL C 46 -8.03 -5.70 -9.82
C VAL C 46 -7.61 -5.17 -11.19
N ASN C 47 -6.42 -5.54 -11.65
CA ASN C 47 -5.96 -5.16 -12.97
C ASN C 47 -6.44 -6.09 -14.07
N GLN C 48 -7.05 -7.22 -13.72
CA GLN C 48 -7.62 -8.16 -14.69
C GLN C 48 -6.54 -8.67 -15.65
N ILE C 49 -5.42 -9.12 -15.09
CA ILE C 49 -4.29 -9.63 -15.86
C ILE C 49 -3.84 -10.95 -15.27
N VAL C 50 -3.66 -11.94 -16.14
CA VAL C 50 -3.18 -13.27 -15.74
C VAL C 50 -1.77 -13.45 -16.30
N THR C 51 -0.82 -13.64 -15.38
CA THR C 51 0.57 -13.93 -15.72
C THR C 51 0.79 -15.43 -15.66
N THR C 52 1.36 -15.98 -16.74
CA THR C 52 1.64 -17.41 -16.86
C THR C 52 3.03 -17.62 -17.43
N ASN C 53 3.69 -18.67 -16.94
CA ASN C 53 4.92 -19.17 -17.53
C ASN C 53 4.58 -20.28 -18.51
N VAL C 54 5.06 -20.16 -19.74
CA VAL C 54 4.69 -21.11 -20.80
C VAL C 54 5.90 -21.43 -21.66
N ARG C 55 5.80 -22.57 -22.35
CA ARG C 55 6.69 -22.94 -23.44
C ARG C 55 5.86 -23.06 -24.71
N LEU C 56 6.28 -22.38 -25.76
CA LEU C 56 5.51 -22.28 -27.00
C LEU C 56 6.20 -23.11 -28.07
N LYS C 57 5.90 -24.41 -28.09
CA LYS C 57 6.55 -25.32 -29.02
C LYS C 57 6.02 -25.09 -30.43
N GLN C 58 6.93 -24.83 -31.37
CA GLN C 58 6.61 -24.60 -32.77
C GLN C 58 7.46 -25.54 -33.61
N GLN C 59 6.82 -26.33 -34.47
CA GLN C 59 7.48 -27.27 -35.33
C GLN C 59 7.13 -26.98 -36.79
N TRP C 60 8.13 -27.00 -37.66
CA TRP C 60 7.85 -26.90 -39.08
C TRP C 60 8.97 -27.58 -39.85
N VAL C 61 8.98 -27.42 -41.17
CA VAL C 61 9.98 -28.02 -42.04
C VAL C 61 10.56 -26.93 -42.91
N ASP C 62 11.89 -26.88 -42.98
CA ASP C 62 12.60 -25.93 -43.82
C ASP C 62 13.15 -26.66 -45.03
N TYR C 63 12.80 -26.17 -46.23
CA TYR C 63 13.18 -26.86 -47.45
C TYR C 63 14.69 -26.77 -47.70
N ASN C 64 15.31 -25.66 -47.35
CA ASN C 64 16.70 -25.39 -47.69
C ASN C 64 17.69 -25.82 -46.61
N LEU C 65 17.23 -26.49 -45.55
CA LEU C 65 18.09 -26.94 -44.46
C LEU C 65 18.15 -28.46 -44.36
N LYS C 66 18.04 -29.16 -45.49
CA LYS C 66 18.15 -30.61 -45.54
C LYS C 66 19.56 -31.02 -45.93
N TRP C 67 19.97 -32.20 -45.48
CA TRP C 67 21.28 -32.75 -45.84
C TRP C 67 21.22 -34.27 -45.78
N ASN C 68 22.22 -34.89 -46.39
CA ASN C 68 22.39 -36.34 -46.33
C ASN C 68 23.33 -36.67 -45.18
N PRO C 69 22.90 -37.44 -44.16
CA PRO C 69 23.82 -37.74 -43.05
C PRO C 69 25.07 -38.49 -43.47
N ASP C 70 25.01 -39.28 -44.54
CA ASP C 70 26.18 -40.04 -44.96
C ASP C 70 27.32 -39.14 -45.41
N ASP C 71 27.00 -37.96 -45.94
CA ASP C 71 28.02 -37.03 -46.41
C ASP C 71 28.63 -36.19 -45.31
N TYR C 72 28.16 -36.31 -44.06
CA TYR C 72 28.62 -35.48 -42.95
C TYR C 72 28.84 -36.32 -41.71
N GLY C 73 29.43 -37.50 -41.88
CA GLY C 73 29.78 -38.32 -40.74
C GLY C 73 28.62 -38.88 -39.96
N GLY C 74 27.44 -39.00 -40.59
CA GLY C 74 26.30 -39.57 -39.91
C GLY C 74 25.59 -38.64 -38.96
N VAL C 75 25.75 -37.33 -39.10
CA VAL C 75 25.03 -36.38 -38.26
C VAL C 75 23.58 -36.32 -38.74
N LYS C 76 22.65 -36.61 -37.83
CA LYS C 76 21.22 -36.60 -38.11
C LYS C 76 20.48 -35.45 -37.46
N LYS C 77 21.10 -34.74 -36.52
CA LYS C 77 20.47 -33.63 -35.83
C LYS C 77 21.55 -32.65 -35.40
N ILE C 78 21.18 -31.37 -35.38
CA ILE C 78 22.07 -30.30 -34.91
C ILE C 78 21.22 -29.25 -34.20
N HIS C 79 21.91 -28.34 -33.52
CA HIS C 79 21.29 -27.24 -32.80
C HIS C 79 21.78 -25.93 -33.39
N ILE C 80 20.85 -25.07 -33.76
CA ILE C 80 21.16 -23.86 -34.53
C ILE C 80 20.58 -22.65 -33.79
N PRO C 81 21.24 -21.50 -33.76
CA PRO C 81 20.57 -20.30 -33.21
C PRO C 81 19.33 -19.96 -34.01
N SER C 82 18.24 -19.68 -33.30
CA SER C 82 16.97 -19.41 -33.96
C SER C 82 16.97 -18.10 -34.73
N GLU C 83 17.90 -17.19 -34.42
CA GLU C 83 17.91 -15.91 -35.11
C GLU C 83 18.44 -16.02 -36.54
N LYS C 84 19.13 -17.11 -36.88
CA LYS C 84 19.68 -17.26 -38.22
C LYS C 84 18.67 -17.77 -39.25
N ILE C 85 17.51 -18.26 -38.81
CA ILE C 85 16.57 -18.95 -39.68
C ILE C 85 15.24 -18.20 -39.68
N TRP C 86 14.45 -18.48 -40.71
CA TRP C 86 13.07 -18.00 -40.75
C TRP C 86 12.29 -18.66 -39.62
N ARG C 87 11.46 -17.87 -38.95
CA ARG C 87 10.58 -18.34 -37.89
C ARG C 87 9.17 -17.80 -38.14
N PRO C 88 8.13 -18.51 -37.68
CA PRO C 88 6.80 -17.90 -37.68
C PRO C 88 6.73 -16.77 -36.67
N ASP C 89 5.96 -15.74 -37.01
CA ASP C 89 5.82 -14.55 -36.17
C ASP C 89 4.57 -14.66 -35.29
N LEU C 90 4.58 -15.66 -34.41
CA LEU C 90 3.48 -15.84 -33.49
C LEU C 90 3.41 -14.67 -32.52
N VAL C 91 2.21 -14.15 -32.31
CA VAL C 91 1.96 -13.01 -31.44
C VAL C 91 0.76 -13.37 -30.57
N LEU C 92 0.83 -12.98 -29.30
CA LEU C 92 -0.29 -13.08 -28.37
C LEU C 92 -1.18 -11.86 -28.56
N TYR C 93 -2.38 -12.07 -29.11
CA TYR C 93 -3.25 -10.96 -29.44
C TYR C 93 -3.68 -10.19 -28.19
N ASN C 94 -4.07 -10.90 -27.15
CA ASN C 94 -4.59 -10.28 -25.93
C ASN C 94 -3.49 -10.00 -24.91
N ASN C 95 -2.44 -9.32 -25.36
CA ASN C 95 -1.35 -8.92 -24.47
C ASN C 95 -1.78 -7.68 -23.67
N ALA C 96 -1.45 -7.68 -22.38
CA ALA C 96 -1.88 -6.64 -21.46
C ALA C 96 -0.73 -5.77 -20.97
N ASP C 97 0.30 -6.35 -20.36
CA ASP C 97 1.49 -5.61 -19.95
C ASP C 97 2.74 -6.44 -20.15
N GLY C 98 2.84 -7.12 -21.29
CA GLY C 98 3.99 -7.96 -21.59
C GLY C 98 4.51 -7.77 -23.00
N ASP C 99 5.06 -8.84 -23.57
CA ASP C 99 5.60 -8.82 -24.92
C ASP C 99 4.61 -9.49 -25.86
N PHE C 100 4.38 -8.86 -27.02
CA PHE C 100 3.48 -9.45 -28.01
C PHE C 100 4.05 -10.74 -28.56
N ALA C 101 5.34 -10.77 -28.86
CA ALA C 101 6.01 -11.88 -29.51
C ALA C 101 7.10 -12.44 -28.61
N ILE C 102 7.68 -13.56 -29.05
CA ILE C 102 8.77 -14.19 -28.33
C ILE C 102 9.99 -13.29 -28.40
N VAL C 103 10.63 -13.07 -27.24
CA VAL C 103 11.81 -12.22 -27.15
C VAL C 103 13.06 -13.00 -26.75
N LYS C 104 12.93 -14.16 -26.13
CA LYS C 104 14.06 -14.99 -25.72
C LYS C 104 14.28 -16.05 -26.78
N PHE C 105 15.34 -15.88 -27.57
CA PHE C 105 15.59 -16.70 -28.75
C PHE C 105 16.52 -17.85 -28.36
N THR C 106 15.93 -18.96 -27.94
CA THR C 106 16.69 -20.17 -27.68
C THR C 106 17.10 -20.81 -29.00
N LYS C 107 17.74 -21.97 -28.91
CA LYS C 107 18.19 -22.69 -30.08
C LYS C 107 17.10 -23.60 -30.63
N VAL C 108 17.24 -23.97 -31.89
CA VAL C 108 16.30 -24.83 -32.60
C VAL C 108 17.00 -26.16 -32.88
N LEU C 109 16.26 -27.25 -32.69
CA LEU C 109 16.72 -28.59 -33.08
C LEU C 109 16.34 -28.82 -34.53
N LEU C 110 17.35 -29.03 -35.38
CA LEU C 110 17.19 -29.20 -36.81
C LEU C 110 17.58 -30.62 -37.20
N ASP C 111 16.66 -31.32 -37.86
CA ASP C 111 16.89 -32.66 -38.35
C ASP C 111 17.49 -32.62 -39.75
N TYR C 112 17.99 -33.77 -40.20
CA TYR C 112 18.51 -33.86 -41.57
C TYR C 112 17.39 -33.77 -42.61
N THR C 113 16.15 -34.04 -42.22
CA THR C 113 15.00 -33.92 -43.11
C THR C 113 14.45 -32.49 -43.17
N GLY C 114 15.14 -31.51 -42.58
CA GLY C 114 14.67 -30.15 -42.57
C GLY C 114 13.70 -29.82 -41.46
N HIS C 115 13.33 -30.79 -40.62
CA HIS C 115 12.36 -30.56 -39.56
C HIS C 115 12.99 -29.74 -38.45
N ILE C 116 12.36 -28.61 -38.12
CA ILE C 116 12.80 -27.72 -37.05
C ILE C 116 11.80 -27.83 -35.91
N THR C 117 12.32 -27.92 -34.69
CA THR C 117 11.55 -27.83 -33.46
C THR C 117 12.13 -26.70 -32.62
N TRP C 118 11.28 -25.77 -32.18
CA TRP C 118 11.71 -24.59 -31.44
C TRP C 118 10.76 -24.40 -30.26
N THR C 119 11.29 -24.43 -29.04
CA THR C 119 10.49 -24.43 -27.82
C THR C 119 10.91 -23.27 -26.92
N PRO C 120 10.61 -22.04 -27.33
CA PRO C 120 11.01 -20.90 -26.51
C PRO C 120 10.14 -20.78 -25.27
N PRO C 121 10.67 -20.27 -24.16
CA PRO C 121 9.83 -19.94 -23.02
C PRO C 121 9.31 -18.52 -23.12
N ALA C 122 8.24 -18.26 -22.37
CA ALA C 122 7.63 -16.95 -22.36
C ALA C 122 6.91 -16.72 -21.03
N ILE C 123 6.84 -15.47 -20.63
CA ILE C 123 6.01 -15.01 -19.52
C ILE C 123 4.91 -14.17 -20.16
N PHE C 124 3.73 -14.75 -20.30
CA PHE C 124 2.60 -14.09 -20.95
C PHE C 124 1.71 -13.47 -19.89
N LYS C 125 1.54 -12.16 -19.96
CA LYS C 125 0.61 -11.40 -19.13
C LYS C 125 -0.57 -11.02 -20.00
N SER C 126 -1.59 -11.89 -20.01
CA SER C 126 -2.75 -11.73 -20.88
C SER C 126 -3.91 -11.13 -20.11
N TYR C 127 -4.94 -10.73 -20.88
CA TYR C 127 -6.13 -10.09 -20.33
C TYR C 127 -7.21 -11.14 -20.10
N CYS C 128 -7.55 -11.38 -18.83
CA CYS C 128 -8.71 -12.18 -18.45
C CYS C 128 -9.75 -11.25 -17.82
N GLU C 129 -10.93 -11.20 -18.42
CA GLU C 129 -12.06 -10.54 -17.78
C GLU C 129 -12.44 -11.37 -16.55
N ILE C 130 -12.63 -10.69 -15.42
CA ILE C 130 -12.82 -11.32 -14.13
C ILE C 130 -14.30 -11.21 -13.78
N ILE C 131 -15.01 -12.32 -13.87
CA ILE C 131 -16.41 -12.37 -13.46
C ILE C 131 -16.42 -12.42 -11.94
N VAL C 132 -16.86 -11.33 -11.30
CA VAL C 132 -16.75 -11.18 -9.85
C VAL C 132 -18.03 -11.62 -9.14
N THR C 133 -18.97 -12.22 -9.86
CA THR C 133 -20.31 -12.45 -9.30
C THR C 133 -20.26 -13.36 -8.08
N HIS C 134 -19.50 -14.45 -8.16
CA HIS C 134 -19.47 -15.48 -7.12
C HIS C 134 -18.19 -15.42 -6.27
N PHE C 135 -17.50 -14.28 -6.26
CA PHE C 135 -16.28 -14.17 -5.48
C PHE C 135 -16.59 -14.36 -3.99
N PRO C 136 -15.76 -15.10 -3.24
CA PRO C 136 -14.52 -15.80 -3.58
C PRO C 136 -14.70 -17.21 -4.12
N PHE C 137 -15.94 -17.69 -4.26
CA PHE C 137 -16.20 -19.02 -4.83
C PHE C 137 -16.40 -18.92 -6.34
N ASP C 138 -15.47 -18.26 -7.02
CA ASP C 138 -15.62 -17.87 -8.41
C ASP C 138 -14.79 -18.76 -9.33
N GLU C 139 -15.21 -18.80 -10.59
CA GLU C 139 -14.56 -19.58 -11.62
C GLU C 139 -14.26 -18.66 -12.79
N GLN C 140 -13.02 -18.68 -13.26
CA GLN C 140 -12.54 -17.76 -14.27
C GLN C 140 -12.06 -18.54 -15.49
N ASN C 141 -12.50 -18.11 -16.67
CA ASN C 141 -12.06 -18.67 -17.95
C ASN C 141 -11.14 -17.64 -18.60
N CYS C 142 -9.87 -18.01 -18.78
CA CYS C 142 -8.88 -17.13 -19.39
C CYS C 142 -8.33 -17.73 -20.67
N SER C 143 -8.32 -16.93 -21.73
CA SER C 143 -7.92 -17.32 -23.06
C SER C 143 -6.56 -16.73 -23.40
N MET C 144 -5.89 -17.39 -24.35
CA MET C 144 -4.59 -16.96 -24.86
C MET C 144 -4.69 -17.16 -26.37
N LYS C 145 -4.88 -16.06 -27.09
CA LYS C 145 -5.07 -16.08 -28.53
C LYS C 145 -3.71 -15.85 -29.19
N LEU C 146 -3.18 -16.89 -29.84
CA LEU C 146 -1.87 -16.87 -30.45
C LEU C 146 -2.02 -17.05 -31.95
N GLY C 147 -1.37 -16.19 -32.72
CA GLY C 147 -1.45 -16.31 -34.17
C GLY C 147 -0.34 -15.58 -34.87
N THR C 148 -0.05 -16.02 -36.09
CA THR C 148 0.92 -15.30 -36.91
C THR C 148 0.40 -13.91 -37.23
N TRP C 149 1.23 -12.90 -36.99
CA TRP C 149 0.77 -11.52 -37.11
C TRP C 149 0.65 -11.09 -38.56
N THR C 150 1.74 -11.22 -39.33
CA THR C 150 1.82 -10.67 -40.68
C THR C 150 1.56 -11.70 -41.77
N TYR C 151 1.47 -12.99 -41.44
CA TYR C 151 1.26 -14.05 -42.41
C TYR C 151 -0.19 -14.52 -42.33
N ASP C 152 -0.92 -14.40 -43.44
CA ASP C 152 -2.27 -14.92 -43.49
C ASP C 152 -2.25 -16.44 -43.70
N GLY C 153 -3.44 -17.04 -43.64
CA GLY C 153 -3.54 -18.49 -43.72
C GLY C 153 -3.09 -19.08 -45.05
N SER C 154 -3.02 -18.27 -46.10
CA SER C 154 -2.63 -18.76 -47.42
C SER C 154 -1.13 -18.92 -47.57
N VAL C 155 -0.32 -18.35 -46.69
CA VAL C 155 1.13 -18.38 -46.80
C VAL C 155 1.75 -19.13 -45.63
N VAL C 156 1.08 -19.12 -44.48
CA VAL C 156 1.52 -19.86 -43.29
C VAL C 156 0.28 -20.44 -42.62
N VAL C 157 0.24 -21.76 -42.47
CA VAL C 157 -0.86 -22.46 -41.82
C VAL C 157 -0.36 -22.97 -40.48
N ILE C 158 -0.95 -22.45 -39.40
CA ILE C 158 -0.68 -22.95 -38.05
C ILE C 158 -1.71 -24.01 -37.69
N ASN C 159 -1.26 -25.09 -37.08
CA ASN C 159 -2.11 -26.19 -36.64
C ASN C 159 -1.87 -26.47 -35.17
N PRO C 160 -2.89 -26.78 -34.38
CA PRO C 160 -2.63 -27.15 -32.98
C PRO C 160 -1.96 -28.51 -32.87
N GLU C 161 -0.98 -28.60 -31.98
CA GLU C 161 -0.31 -29.87 -31.74
C GLU C 161 -1.27 -30.89 -31.15
N SER C 162 -2.14 -30.45 -30.24
CA SER C 162 -3.15 -31.31 -29.64
C SER C 162 -4.33 -30.45 -29.25
N ASP C 163 -5.46 -31.11 -29.00
CA ASP C 163 -6.66 -30.38 -28.58
C ASP C 163 -6.44 -29.64 -27.27
N GLN C 164 -5.80 -30.30 -26.31
CA GLN C 164 -5.60 -29.74 -24.98
C GLN C 164 -4.19 -29.18 -24.85
N PRO C 165 -3.97 -28.08 -24.13
CA PRO C 165 -2.58 -27.66 -23.86
C PRO C 165 -1.88 -28.65 -22.95
N ASP C 166 -0.56 -28.68 -23.06
CA ASP C 166 0.26 -29.65 -22.32
C ASP C 166 0.43 -29.17 -20.88
N LEU C 167 -0.13 -29.94 -19.94
CA LEU C 167 0.00 -29.67 -18.51
C LEU C 167 0.86 -30.70 -17.80
N SER C 168 1.74 -31.40 -18.53
CA SER C 168 2.56 -32.43 -17.92
C SER C 168 3.58 -31.84 -16.96
N ASN C 169 4.15 -30.67 -17.31
CA ASN C 169 5.16 -30.01 -16.50
C ASN C 169 4.59 -28.83 -15.71
N PHE C 170 3.31 -28.87 -15.39
CA PHE C 170 2.64 -27.76 -14.72
C PHE C 170 2.86 -27.84 -13.23
N MET C 171 3.40 -26.79 -12.63
CA MET C 171 3.49 -26.69 -11.18
C MET C 171 2.13 -26.27 -10.65
N GLU C 172 1.57 -27.10 -9.76
CA GLU C 172 0.22 -26.85 -9.26
C GLU C 172 0.17 -25.57 -8.45
N SER C 173 -0.87 -24.78 -8.68
CA SER C 173 -1.05 -23.50 -8.00
C SER C 173 -1.77 -23.71 -6.67
N GLY C 174 -1.42 -22.88 -5.69
CA GLY C 174 -2.06 -22.92 -4.39
C GLY C 174 -3.35 -22.16 -4.27
N GLU C 175 -3.66 -21.32 -5.25
CA GLU C 175 -4.87 -20.50 -5.23
C GLU C 175 -5.88 -20.87 -6.31
N TRP C 176 -5.47 -21.61 -7.35
CA TRP C 176 -6.33 -21.95 -8.47
C TRP C 176 -6.14 -23.40 -8.85
N VAL C 177 -7.19 -24.00 -9.39
CA VAL C 177 -7.18 -25.37 -9.88
C VAL C 177 -7.76 -25.35 -11.29
N ILE C 178 -7.01 -25.88 -12.26
CA ILE C 178 -7.45 -25.90 -13.65
C ILE C 178 -8.39 -27.09 -13.83
N LYS C 179 -9.66 -26.80 -14.14
CA LYS C 179 -10.66 -27.84 -14.36
C LYS C 179 -10.65 -28.32 -15.80
N GLU C 180 -10.68 -27.39 -16.75
CA GLU C 180 -10.71 -27.69 -18.17
C GLU C 180 -9.66 -26.85 -18.89
N SER C 181 -9.17 -27.38 -20.00
CA SER C 181 -8.23 -26.65 -20.84
C SER C 181 -8.40 -27.14 -22.26
N ARG C 182 -8.43 -26.22 -23.21
CA ARG C 182 -8.68 -26.63 -24.60
C ARG C 182 -8.20 -25.54 -25.55
N GLY C 183 -7.67 -25.99 -26.69
CA GLY C 183 -7.22 -25.10 -27.74
C GLY C 183 -8.13 -25.23 -28.96
N TRP C 184 -8.58 -24.08 -29.47
CA TRP C 184 -9.49 -24.02 -30.61
C TRP C 184 -8.87 -23.19 -31.72
N LYS C 185 -8.92 -23.71 -32.95
CA LYS C 185 -8.43 -23.00 -34.12
C LYS C 185 -9.56 -22.18 -34.73
N HIS C 186 -9.22 -20.96 -35.18
CA HIS C 186 -10.18 -20.02 -35.71
C HIS C 186 -9.64 -19.36 -36.97
N TRP C 187 -10.53 -19.21 -37.96
CA TRP C 187 -10.26 -18.51 -39.22
C TRP C 187 -11.01 -17.19 -39.15
N VAL C 188 -10.29 -16.10 -38.85
CA VAL C 188 -10.89 -14.80 -38.56
C VAL C 188 -10.63 -13.87 -39.73
N PHE C 189 -11.66 -13.15 -40.17
CA PHE C 189 -11.53 -12.10 -41.16
C PHE C 189 -11.51 -10.75 -40.45
N TYR C 190 -10.42 -10.01 -40.64
CA TYR C 190 -10.21 -8.72 -39.98
C TYR C 190 -10.51 -7.58 -40.95
N ALA C 191 -10.93 -6.45 -40.39
CA ALA C 191 -11.27 -5.29 -41.22
C ALA C 191 -10.07 -4.77 -41.98
N CYS C 192 -8.87 -4.92 -41.44
CA CYS C 192 -7.68 -4.43 -42.12
C CYS C 192 -7.37 -5.23 -43.39
N CYS C 193 -7.68 -6.53 -43.37
CA CYS C 193 -7.39 -7.43 -44.49
C CYS C 193 -8.67 -8.20 -44.82
N PRO C 194 -9.62 -7.56 -45.51
CA PRO C 194 -10.89 -8.25 -45.80
C PRO C 194 -10.75 -9.48 -46.67
N SER C 195 -9.77 -9.50 -47.58
CA SER C 195 -9.74 -10.51 -48.64
C SER C 195 -9.27 -11.87 -48.19
N THR C 196 -8.47 -11.96 -47.12
CA THR C 196 -7.81 -13.19 -46.71
C THR C 196 -8.10 -13.48 -45.24
N PRO C 197 -8.20 -14.76 -44.86
CA PRO C 197 -8.39 -15.07 -43.43
C PRO C 197 -7.08 -15.24 -42.70
N TYR C 198 -7.06 -14.79 -41.45
CA TYR C 198 -5.93 -14.97 -40.55
C TYR C 198 -6.28 -16.04 -39.53
N LEU C 199 -5.34 -16.96 -39.30
CA LEU C 199 -5.56 -18.07 -38.40
C LEU C 199 -5.07 -17.74 -37.01
N ASP C 200 -5.77 -18.27 -36.01
CA ASP C 200 -5.32 -18.19 -34.63
C ASP C 200 -5.69 -19.46 -33.90
N ILE C 201 -4.95 -19.76 -32.84
CA ILE C 201 -5.29 -20.80 -31.89
C ILE C 201 -5.50 -20.13 -30.55
N THR C 202 -6.68 -20.31 -29.98
CA THR C 202 -7.05 -19.73 -28.69
C THR C 202 -7.05 -20.88 -27.69
N TYR C 203 -6.07 -20.84 -26.78
CA TYR C 203 -5.98 -21.80 -25.69
C TYR C 203 -6.68 -21.21 -24.48
N HIS C 204 -7.78 -21.81 -24.04
CA HIS C 204 -8.52 -21.36 -22.87
C HIS C 204 -8.28 -22.32 -21.71
N PHE C 205 -8.29 -21.75 -20.50
CA PHE C 205 -8.10 -22.47 -19.25
C PHE C 205 -9.22 -22.04 -18.31
N VAL C 206 -10.04 -23.00 -17.89
CA VAL C 206 -10.99 -22.79 -16.81
C VAL C 206 -10.30 -23.03 -15.49
N MET C 207 -10.50 -22.12 -14.53
CA MET C 207 -9.83 -22.17 -13.23
C MET C 207 -10.87 -21.94 -12.14
N GLN C 208 -10.83 -22.79 -11.11
CA GLN C 208 -11.68 -22.63 -9.94
C GLN C 208 -10.81 -22.19 -8.77
N ARG C 209 -11.16 -21.06 -8.15
CA ARG C 209 -10.40 -20.57 -7.01
C ARG C 209 -10.59 -21.49 -5.81
N LEU C 210 -9.52 -21.66 -5.04
CA LEU C 210 -9.58 -22.35 -3.76
C LEU C 210 -9.88 -21.31 -2.68
N PRO C 211 -11.07 -21.27 -2.09
CA PRO C 211 -11.48 -20.09 -1.32
C PRO C 211 -11.14 -20.11 0.17
N LEU C 212 -10.29 -21.03 0.64
CA LEU C 212 -10.06 -21.17 2.07
C LEU C 212 -9.47 -19.91 2.68
N TYR C 213 -8.55 -19.25 1.97
CA TYR C 213 -7.91 -18.05 2.50
C TYR C 213 -8.94 -16.95 2.76
N PHE C 214 -9.81 -16.69 1.79
CA PHE C 214 -10.82 -15.66 1.97
C PHE C 214 -11.88 -16.09 2.96
N ILE C 215 -12.14 -17.39 3.08
CA ILE C 215 -13.07 -17.88 4.10
C ILE C 215 -12.54 -17.56 5.49
N VAL C 216 -11.26 -17.84 5.72
CA VAL C 216 -10.68 -17.63 7.04
C VAL C 216 -10.53 -16.14 7.34
N ASN C 217 -10.05 -15.37 6.36
CA ASN C 217 -9.62 -14.00 6.63
C ASN C 217 -10.71 -12.95 6.47
N VAL C 218 -11.77 -13.24 5.72
CA VAL C 218 -12.80 -12.26 5.39
C VAL C 218 -14.18 -12.74 5.85
N ILE C 219 -14.59 -13.94 5.43
CA ILE C 219 -15.97 -14.35 5.60
C ILE C 219 -16.27 -14.62 7.08
N ILE C 220 -15.38 -15.32 7.77
CA ILE C 220 -15.66 -15.76 9.14
C ILE C 220 -15.74 -14.58 10.09
N PRO C 221 -14.79 -13.64 10.11
CA PRO C 221 -14.96 -12.44 10.97
C PRO C 221 -16.23 -11.67 10.66
N CYS C 222 -16.57 -11.60 9.37
CA CYS C 222 -17.72 -10.82 8.95
C CYS C 222 -19.01 -11.48 9.43
N LEU C 223 -19.05 -12.82 9.35
CA LEU C 223 -20.17 -13.58 9.89
C LEU C 223 -20.27 -13.41 11.40
N LEU C 224 -19.13 -13.39 12.09
CA LEU C 224 -19.14 -13.21 13.53
C LEU C 224 -19.73 -11.85 13.90
N PHE C 225 -19.39 -10.80 13.15
CA PHE C 225 -19.96 -9.49 13.42
C PHE C 225 -21.45 -9.44 13.08
N SER C 226 -21.86 -10.12 12.00
CA SER C 226 -23.27 -10.20 11.68
C SER C 226 -24.05 -10.87 12.80
N PHE C 227 -23.48 -11.93 13.39
CA PHE C 227 -24.09 -12.55 14.55
C PHE C 227 -24.09 -11.61 15.75
N LEU C 228 -23.02 -10.83 15.92
CA LEU C 228 -22.94 -9.86 17.01
C LEU C 228 -24.04 -8.81 16.91
N THR C 229 -24.49 -8.50 15.69
CA THR C 229 -25.54 -7.51 15.53
C THR C 229 -26.79 -7.87 16.31
N GLY C 230 -27.19 -9.14 16.26
CA GLY C 230 -28.49 -9.54 16.78
C GLY C 230 -28.65 -9.40 18.28
N LEU C 231 -27.55 -9.38 19.03
CA LEU C 231 -27.62 -9.40 20.48
C LEU C 231 -27.96 -8.04 21.09
N VAL C 232 -28.05 -6.98 20.28
CA VAL C 232 -28.40 -5.68 20.83
C VAL C 232 -29.82 -5.69 21.39
N PHE C 233 -30.72 -6.44 20.76
CA PHE C 233 -32.11 -6.45 21.18
C PHE C 233 -32.34 -7.28 22.45
N TYR C 234 -31.41 -8.17 22.79
CA TYR C 234 -31.44 -8.84 24.08
C TYR C 234 -30.75 -8.04 25.19
N LEU C 235 -29.97 -7.03 24.83
CA LEU C 235 -29.33 -6.17 25.81
C LEU C 235 -30.35 -5.20 26.40
N PRO C 236 -30.44 -5.04 27.72
CA PRO C 236 -31.41 -4.09 28.27
C PRO C 236 -31.07 -2.65 27.94
N THR C 237 -32.09 -1.80 28.04
CA THR C 237 -31.90 -0.37 27.88
C THR C 237 -31.31 0.29 29.12
N ASP C 238 -31.41 -0.35 30.28
CA ASP C 238 -30.86 0.23 31.51
C ASP C 238 -29.35 0.05 31.63
N SER C 239 -28.72 -0.73 30.74
CA SER C 239 -27.28 -0.88 30.76
C SER C 239 -26.56 0.28 30.08
N GLY C 240 -27.24 1.00 29.19
CA GLY C 240 -26.61 2.10 28.48
C GLY C 240 -25.48 1.65 27.57
N GLU C 241 -25.68 0.55 26.84
CA GLU C 241 -24.65 0.01 25.96
C GLU C 241 -25.21 -0.50 24.64
N LYS C 242 -26.48 -0.25 24.32
CA LYS C 242 -27.02 -0.70 23.04
C LYS C 242 -26.36 0.03 21.88
N MET C 243 -26.31 1.36 21.97
CA MET C 243 -25.78 2.17 20.87
C MET C 243 -24.31 1.88 20.64
N THR C 244 -23.53 1.70 21.71
CA THR C 244 -22.11 1.42 21.54
C THR C 244 -21.91 0.13 20.76
N LEU C 245 -22.64 -0.92 21.13
CA LEU C 245 -22.59 -2.19 20.40
C LEU C 245 -22.97 -2.00 18.94
N SER C 246 -24.08 -1.31 18.70
CA SER C 246 -24.58 -1.17 17.33
C SER C 246 -23.59 -0.44 16.44
N ILE C 247 -23.14 0.74 16.88
CA ILE C 247 -22.24 1.52 16.04
C ILE C 247 -20.87 0.87 15.93
N SER C 248 -20.41 0.14 16.96
CA SER C 248 -19.13 -0.56 16.82
C SER C 248 -19.21 -1.66 15.77
N VAL C 249 -20.28 -2.46 15.82
CA VAL C 249 -20.46 -3.49 14.81
C VAL C 249 -20.56 -2.86 13.42
N LEU C 250 -21.22 -1.71 13.33
CA LEU C 250 -21.31 -0.99 12.06
C LEU C 250 -19.92 -0.60 11.56
N LEU C 251 -19.10 0.00 12.43
CA LEU C 251 -17.77 0.45 12.03
C LEU C 251 -16.93 -0.71 11.51
N SER C 252 -17.00 -1.85 12.20
CA SER C 252 -16.27 -3.02 11.74
C SER C 252 -16.76 -3.47 10.37
N LEU C 253 -18.08 -3.45 10.15
CA LEU C 253 -18.57 -3.82 8.83
C LEU C 253 -18.14 -2.82 7.76
N THR C 254 -18.00 -1.54 8.10
CA THR C 254 -17.45 -0.59 7.12
C THR C 254 -16.03 -0.98 6.73
N VAL C 255 -15.16 -1.25 7.71
CA VAL C 255 -13.77 -1.52 7.33
C VAL C 255 -13.70 -2.82 6.52
N PHE C 256 -14.53 -3.80 6.84
CA PHE C 256 -14.57 -5.00 6.00
C PHE C 256 -15.06 -4.69 4.59
N LEU C 257 -16.06 -3.84 4.44
CA LEU C 257 -16.52 -3.51 3.10
C LEU C 257 -15.42 -2.81 2.29
N LEU C 258 -14.70 -1.88 2.91
CA LEU C 258 -13.68 -1.14 2.16
C LEU C 258 -12.36 -1.86 2.01
N VAL C 259 -12.16 -3.02 2.65
CA VAL C 259 -11.08 -3.92 2.19
C VAL C 259 -11.56 -4.84 1.08
N ILE C 260 -12.80 -5.35 1.15
CA ILE C 260 -13.30 -6.16 0.05
C ILE C 260 -13.42 -5.33 -1.23
N VAL C 261 -13.63 -4.02 -1.10
CA VAL C 261 -13.55 -3.14 -2.26
C VAL C 261 -12.15 -3.19 -2.87
N GLU C 262 -11.13 -3.14 -2.03
CA GLU C 262 -9.75 -3.21 -2.52
C GLU C 262 -9.42 -4.56 -3.14
N LEU C 263 -10.12 -5.62 -2.73
CA LEU C 263 -9.82 -6.97 -3.22
C LEU C 263 -10.51 -7.32 -4.53
N ILE C 264 -11.28 -6.40 -5.13
CA ILE C 264 -12.14 -6.71 -6.28
C ILE C 264 -11.93 -5.64 -7.35
N PRO C 265 -11.99 -5.96 -8.64
CA PRO C 265 -11.91 -4.90 -9.66
C PRO C 265 -13.12 -3.99 -9.64
N SER C 266 -12.93 -2.78 -10.14
CA SER C 266 -13.95 -1.74 -10.13
C SER C 266 -14.86 -1.79 -11.36
N THR C 267 -14.96 -2.93 -12.02
CA THR C 267 -15.84 -3.05 -13.17
C THR C 267 -17.30 -3.09 -12.73
N SER C 268 -18.18 -2.68 -13.64
CA SER C 268 -19.62 -2.60 -13.40
C SER C 268 -20.41 -3.68 -14.14
N SER C 269 -19.73 -4.69 -14.69
CA SER C 269 -20.44 -5.75 -15.38
C SER C 269 -21.32 -6.54 -14.43
N ALA C 270 -20.85 -6.75 -13.20
CA ALA C 270 -21.64 -7.43 -12.18
C ALA C 270 -21.17 -6.95 -10.81
N VAL C 271 -22.01 -7.20 -9.82
CA VAL C 271 -21.72 -6.83 -8.42
C VAL C 271 -21.38 -8.13 -7.69
N PRO C 272 -20.29 -8.19 -6.90
CA PRO C 272 -19.99 -9.44 -6.21
C PRO C 272 -21.03 -9.80 -5.18
N LEU C 273 -21.19 -11.10 -4.97
CA LEU C 273 -22.15 -11.57 -3.96
C LEU C 273 -21.63 -11.31 -2.56
N ILE C 274 -20.32 -11.28 -2.36
CA ILE C 274 -19.77 -10.85 -1.08
C ILE C 274 -20.10 -9.38 -0.83
N GLY C 275 -20.04 -8.55 -1.88
CA GLY C 275 -20.48 -7.17 -1.76
C GLY C 275 -21.96 -7.07 -1.48
N LYS C 276 -22.76 -7.93 -2.11
CA LYS C 276 -24.18 -7.97 -1.80
C LYS C 276 -24.41 -8.32 -0.34
N TYR C 277 -23.67 -9.29 0.18
CA TYR C 277 -23.81 -9.66 1.59
C TYR C 277 -23.44 -8.49 2.49
N MET C 278 -22.34 -7.80 2.18
CA MET C 278 -21.93 -6.68 3.03
C MET C 278 -22.95 -5.54 2.99
N LEU C 279 -23.51 -5.25 1.81
CA LEU C 279 -24.54 -4.23 1.76
C LEU C 279 -25.78 -4.67 2.55
N PHE C 280 -26.09 -5.97 2.47
CA PHE C 280 -27.25 -6.55 3.18
C PHE C 280 -27.07 -6.39 4.69
N THR C 281 -25.89 -6.72 5.23
CA THR C 281 -25.64 -6.59 6.66
C THR C 281 -25.50 -5.12 7.08
N MET C 282 -25.02 -4.25 6.19
CA MET C 282 -24.99 -2.83 6.51
C MET C 282 -26.41 -2.28 6.69
N VAL C 283 -27.30 -2.60 5.75
CA VAL C 283 -28.70 -2.17 5.88
C VAL C 283 -29.33 -2.81 7.12
N PHE C 284 -28.92 -4.05 7.43
CA PHE C 284 -29.46 -4.76 8.59
C PHE C 284 -29.08 -4.06 9.88
N VAL C 285 -27.80 -3.68 10.00
CA VAL C 285 -27.35 -2.97 11.20
C VAL C 285 -27.97 -1.59 11.27
N ILE C 286 -28.17 -0.93 10.13
CA ILE C 286 -28.73 0.41 10.16
C ILE C 286 -30.20 0.37 10.55
N ALA C 287 -30.94 -0.62 10.06
CA ALA C 287 -32.31 -0.82 10.52
C ALA C 287 -32.33 -1.16 12.01
N SER C 288 -31.37 -1.96 12.46
CA SER C 288 -31.24 -2.25 13.88
C SER C 288 -31.02 -0.98 14.69
N ILE C 289 -30.18 -0.07 14.18
CA ILE C 289 -29.89 1.17 14.89
C ILE C 289 -31.14 2.05 14.95
N ILE C 290 -31.85 2.17 13.83
CA ILE C 290 -33.05 3.01 13.80
C ILE C 290 -34.09 2.45 14.76
N ILE C 291 -34.30 1.14 14.72
CA ILE C 291 -35.32 0.53 15.57
C ILE C 291 -34.88 0.57 17.04
N THR C 292 -33.58 0.48 17.30
CA THR C 292 -33.09 0.62 18.66
C THR C 292 -33.30 2.04 19.17
N VAL C 293 -33.13 3.02 18.29
CA VAL C 293 -33.44 4.40 18.68
C VAL C 293 -34.91 4.52 19.04
N ILE C 294 -35.78 3.87 18.27
CA ILE C 294 -37.21 3.88 18.58
C ILE C 294 -37.47 3.22 19.93
N VAL C 295 -36.81 2.09 20.19
CA VAL C 295 -37.01 1.38 21.45
C VAL C 295 -36.53 2.23 22.63
N ILE C 296 -35.37 2.85 22.48
CA ILE C 296 -34.80 3.69 23.53
C ILE C 296 -35.71 4.88 23.79
N ASN C 297 -36.25 5.49 22.73
CA ASN C 297 -37.20 6.59 22.91
C ASN C 297 -38.45 6.11 23.62
N THR C 298 -38.89 4.88 23.33
CA THR C 298 -40.07 4.34 23.98
C THR C 298 -39.82 4.05 25.46
N HIS C 299 -38.58 3.71 25.81
CA HIS C 299 -38.28 3.28 27.18
C HIS C 299 -38.33 4.45 28.17
N HIS C 300 -38.20 5.70 27.69
CA HIS C 300 -38.23 6.88 28.56
C HIS C 300 -39.32 7.87 28.16
N ARG C 301 -40.47 7.38 27.68
CA ARG C 301 -41.68 8.19 27.69
C ARG C 301 -42.33 8.09 29.07
N SER C 302 -42.92 9.21 29.51
CA SER C 302 -43.46 9.34 30.86
C SER C 302 -44.83 10.00 30.79
N PRO C 303 -45.69 9.75 31.78
CA PRO C 303 -47.02 10.40 31.76
C PRO C 303 -46.97 11.91 31.87
N SER C 304 -45.90 12.47 32.45
CA SER C 304 -45.75 13.91 32.49
C SER C 304 -45.65 14.52 31.09
N THR C 305 -45.19 13.74 30.12
CA THR C 305 -44.90 14.22 28.76
C THR C 305 -45.63 13.48 27.66
N HIS C 306 -45.74 12.14 27.74
CA HIS C 306 -46.46 11.34 26.75
C HIS C 306 -47.56 10.54 27.43
N VAL C 307 -48.73 10.52 26.81
CA VAL C 307 -49.85 9.68 27.24
C VAL C 307 -49.82 8.39 26.44
N MET C 308 -50.16 7.30 27.10
CA MET C 308 -50.18 5.98 26.48
C MET C 308 -51.25 5.93 25.38
N PRO C 309 -50.89 5.65 24.12
CA PRO C 309 -51.94 5.44 23.12
C PRO C 309 -52.71 4.16 23.37
N GLU C 310 -53.97 4.16 22.94
CA GLU C 310 -54.82 2.99 23.15
C GLU C 310 -54.33 1.78 22.36
N TRP C 311 -53.83 2.00 21.14
CA TRP C 311 -53.38 0.88 20.32
C TRP C 311 -52.13 0.23 20.92
N VAL C 312 -51.26 1.00 21.55
CA VAL C 312 -50.07 0.41 22.17
C VAL C 312 -50.49 -0.46 23.34
N ARG C 313 -51.40 0.05 24.19
CA ARG C 313 -51.92 -0.77 25.29
C ARG C 313 -52.74 -1.95 24.80
N LYS C 314 -53.25 -1.90 23.57
CA LYS C 314 -54.00 -3.03 23.03
C LYS C 314 -53.07 -4.10 22.51
N VAL C 315 -51.97 -3.71 21.86
CA VAL C 315 -51.08 -4.65 21.20
C VAL C 315 -50.04 -5.16 22.18
N PHE C 316 -49.20 -4.26 22.70
CA PHE C 316 -47.98 -4.66 23.39
C PHE C 316 -48.19 -5.02 24.86
N ILE C 317 -49.42 -4.89 25.39
CA ILE C 317 -49.69 -5.20 26.79
C ILE C 317 -50.50 -6.48 26.93
N ASP C 318 -51.35 -6.82 25.97
CA ASP C 318 -52.26 -7.97 26.04
C ASP C 318 -52.14 -8.90 24.84
N THR C 319 -51.95 -8.37 23.63
CA THR C 319 -51.90 -9.17 22.38
C THR C 319 -50.54 -9.86 22.23
N ILE C 320 -49.43 -9.16 22.51
CA ILE C 320 -48.05 -9.68 22.33
C ILE C 320 -47.75 -10.78 23.35
N PRO C 321 -48.11 -10.64 24.64
CA PRO C 321 -47.91 -11.71 25.63
C PRO C 321 -48.55 -13.04 25.20
N ASN C 322 -49.56 -13.00 24.32
CA ASN C 322 -50.24 -14.24 23.82
C ASN C 322 -49.21 -15.08 23.08
N ILE C 323 -48.24 -14.46 22.42
CA ILE C 323 -47.17 -15.18 21.66
C ILE C 323 -45.95 -15.31 22.56
N MET C 324 -45.79 -14.43 23.55
CA MET C 324 -44.62 -14.41 24.47
C MET C 324 -45.06 -14.89 25.86
N PHE C 325 -44.37 -14.47 26.92
CA PHE C 325 -44.72 -14.84 28.32
C PHE C 325 -43.97 -13.90 29.28
N PHE C 326 -44.69 -13.10 30.08
CA PHE C 326 -44.08 -12.17 31.07
C PHE C 326 -45.06 -12.03 32.23
N SER C 327 -45.08 -10.89 32.94
CA SER C 327 -46.05 -10.62 34.02
C SER C 327 -47.16 -9.73 33.46
N THR C 328 -47.13 -9.43 32.16
CA THR C 328 -48.17 -8.59 31.48
C THR C 328 -48.09 -7.17 32.04
N MET C 329 -46.94 -6.78 32.61
CA MET C 329 -46.74 -5.43 33.20
C MET C 329 -45.25 -5.22 33.48
N ILE C 367 -57.06 19.21 70.13
CA ILE C 367 -56.63 20.58 70.35
C ILE C 367 -55.98 21.10 69.08
N LYS C 368 -56.71 21.92 68.34
CA LYS C 368 -56.20 22.47 67.09
C LYS C 368 -55.26 23.64 67.35
N HIS C 369 -54.37 23.86 66.39
CA HIS C 369 -53.35 24.91 66.47
C HIS C 369 -52.85 25.17 65.07
N PRO C 370 -52.30 26.37 64.79
CA PRO C 370 -51.68 26.59 63.48
C PRO C 370 -50.62 25.55 63.10
N GLU C 371 -49.65 25.31 63.98
CA GLU C 371 -48.63 24.31 63.69
C GLU C 371 -49.21 22.91 63.58
N VAL C 372 -50.19 22.59 64.43
CA VAL C 372 -50.77 21.25 64.42
C VAL C 372 -51.49 21.00 63.09
N LYS C 373 -52.37 21.93 62.68
CA LYS C 373 -53.09 21.76 61.43
C LYS C 373 -52.14 21.83 60.24
N SER C 374 -51.07 22.62 60.34
CA SER C 374 -50.04 22.62 59.30
C SER C 374 -49.41 21.24 59.18
N ALA C 375 -49.16 20.58 60.31
CA ALA C 375 -48.60 19.24 60.28
C ALA C 375 -49.57 18.25 59.64
N ILE C 376 -50.86 18.35 59.95
CA ILE C 376 -51.83 17.42 59.36
C ILE C 376 -51.90 17.64 57.85
N GLU C 377 -51.98 18.90 57.42
CA GLU C 377 -52.04 19.19 55.99
C GLU C 377 -50.74 18.78 55.30
N GLY C 378 -49.61 18.87 55.99
CA GLY C 378 -48.36 18.42 55.42
C GLY C 378 -48.31 16.92 55.25
N ILE C 379 -48.85 16.17 56.22
CA ILE C 379 -48.94 14.72 56.06
C ILE C 379 -49.84 14.40 54.88
N LYS C 380 -50.91 15.18 54.69
CA LYS C 380 -51.77 14.98 53.53
C LYS C 380 -51.00 15.21 52.24
N TYR C 381 -50.19 16.26 52.22
CA TYR C 381 -49.38 16.55 51.05
C TYR C 381 -48.40 15.42 50.77
N ILE C 382 -47.78 14.87 51.81
CA ILE C 382 -46.83 13.77 51.63
C ILE C 382 -47.55 12.56 51.04
N ALA C 383 -48.72 12.23 51.58
CA ALA C 383 -49.46 11.07 51.08
C ALA C 383 -49.85 11.27 49.61
N GLU C 384 -50.36 12.46 49.27
CA GLU C 384 -50.74 12.73 47.89
C GLU C 384 -49.52 12.68 46.97
N THR C 385 -48.39 13.23 47.43
CA THR C 385 -47.18 13.24 46.62
C THR C 385 -46.71 11.83 46.31
N MET C 386 -46.67 10.97 47.33
CA MET C 386 -46.21 9.60 47.07
C MET C 386 -47.21 8.84 46.22
N LYS C 387 -48.52 9.07 46.38
CA LYS C 387 -49.47 8.40 45.52
C LYS C 387 -49.29 8.81 44.05
N SER C 388 -49.09 10.11 43.82
CA SER C 388 -48.85 10.58 42.46
C SER C 388 -47.55 10.01 41.90
N ASP C 389 -46.51 9.93 42.74
CA ASP C 389 -45.23 9.38 42.29
C ASP C 389 -45.37 7.90 41.94
N GLN C 390 -46.14 7.14 42.73
CA GLN C 390 -46.38 5.74 42.40
C GLN C 390 -47.14 5.60 41.09
N GLU C 391 -48.12 6.46 40.84
CA GLU C 391 -48.83 6.41 39.55
C GLU C 391 -47.88 6.70 38.39
N SER C 392 -47.01 7.72 38.55
CA SER C 392 -46.05 8.04 37.51
C SER C 392 -45.08 6.88 37.28
N ASN C 393 -44.63 6.25 38.36
CA ASN C 393 -43.75 5.10 38.24
C ASN C 393 -44.45 3.95 37.53
N ASN C 394 -45.75 3.75 37.81
CA ASN C 394 -46.50 2.70 37.13
C ASN C 394 -46.57 2.95 35.63
N ALA C 395 -46.84 4.19 35.23
CA ALA C 395 -46.88 4.50 33.79
C ALA C 395 -45.51 4.31 33.15
N ALA C 396 -44.45 4.74 33.85
CA ALA C 396 -43.09 4.55 33.33
C ALA C 396 -42.77 3.07 33.18
N GLU C 397 -43.19 2.24 34.14
CA GLU C 397 -42.98 0.80 34.04
C GLU C 397 -43.77 0.20 32.89
N GLU C 398 -44.96 0.73 32.61
CA GLU C 398 -45.70 0.28 31.44
C GLU C 398 -44.92 0.54 30.17
N TRP C 399 -44.34 1.75 30.06
CA TRP C 399 -43.53 2.06 28.89
C TRP C 399 -42.31 1.15 28.78
N LYS C 400 -41.67 0.88 29.92
CA LYS C 400 -40.52 -0.03 29.92
C LYS C 400 -40.92 -1.43 29.48
N TYR C 401 -42.09 -1.90 29.91
CA TYR C 401 -42.56 -3.22 29.51
C TYR C 401 -42.83 -3.26 28.01
N VAL C 402 -43.38 -2.18 27.46
CA VAL C 402 -43.58 -2.10 26.01
C VAL C 402 -42.23 -2.20 25.30
N ALA C 403 -41.23 -1.47 25.79
CA ALA C 403 -39.89 -1.55 25.20
C ALA C 403 -39.35 -2.97 25.29
N MET C 404 -39.63 -3.64 26.40
CA MET C 404 -39.10 -5.02 26.65
C MET C 404 -39.73 -5.98 25.64
N VAL C 405 -41.05 -5.95 25.42
CA VAL C 405 -41.68 -6.87 24.48
C VAL C 405 -41.25 -6.55 23.05
N MET C 406 -41.09 -5.26 22.73
CA MET C 406 -40.58 -4.90 21.41
C MET C 406 -39.16 -5.45 21.22
N ASP C 407 -38.33 -5.38 22.26
CA ASP C 407 -36.97 -5.90 22.17
C ASP C 407 -36.99 -7.40 21.91
N HIS C 408 -37.89 -8.14 22.57
CA HIS C 408 -37.95 -9.58 22.34
C HIS C 408 -38.36 -9.89 20.90
N ILE C 409 -39.42 -9.22 20.43
CA ILE C 409 -39.88 -9.44 19.05
C ILE C 409 -38.75 -9.15 18.08
N LEU C 410 -38.02 -8.06 18.31
CA LEU C 410 -36.98 -7.66 17.38
C LEU C 410 -35.77 -8.57 17.45
N LEU C 411 -35.44 -9.08 18.64
CA LEU C 411 -34.38 -10.08 18.75
C LEU C 411 -34.70 -11.28 17.87
N ALA C 412 -35.91 -11.83 18.01
CA ALA C 412 -36.29 -12.99 17.20
C ALA C 412 -36.24 -12.65 15.70
N VAL C 413 -36.84 -11.51 15.33
CA VAL C 413 -36.95 -11.16 13.92
C VAL C 413 -35.56 -10.94 13.31
N PHE C 414 -34.69 -10.22 14.02
CA PHE C 414 -33.39 -9.87 13.45
C PHE C 414 -32.47 -11.08 13.40
N MET C 415 -32.52 -11.96 14.40
CA MET C 415 -31.72 -13.17 14.32
C MET C 415 -32.17 -14.04 13.15
N LEU C 416 -33.49 -14.19 12.97
CA LEU C 416 -33.98 -14.99 11.85
C LEU C 416 -33.61 -14.36 10.51
N VAL C 417 -33.71 -13.03 10.42
CA VAL C 417 -33.37 -12.34 9.17
C VAL C 417 -31.89 -12.49 8.88
N CYS C 418 -31.03 -12.39 9.90
CA CYS C 418 -29.60 -12.55 9.69
C CYS C 418 -29.29 -13.96 9.17
N ILE C 419 -29.92 -14.98 9.77
CA ILE C 419 -29.67 -16.35 9.31
C ILE C 419 -30.16 -16.52 7.88
N ILE C 420 -31.34 -15.99 7.57
CA ILE C 420 -31.91 -16.16 6.23
C ILE C 420 -31.05 -15.46 5.18
N GLY C 421 -30.60 -14.24 5.49
CA GLY C 421 -29.75 -13.53 4.54
C GLY C 421 -28.39 -14.18 4.38
N THR C 422 -27.85 -14.74 5.47
CA THR C 422 -26.60 -15.49 5.38
C THR C 422 -26.75 -16.67 4.43
N LEU C 423 -27.81 -17.46 4.60
CA LEU C 423 -27.97 -18.65 3.77
C LEU C 423 -28.31 -18.28 2.34
N ALA C 424 -29.18 -17.29 2.15
CA ALA C 424 -29.70 -17.00 0.81
C ALA C 424 -28.60 -16.55 -0.13
N VAL C 425 -27.68 -15.71 0.35
CA VAL C 425 -26.59 -15.23 -0.51
C VAL C 425 -25.67 -16.38 -0.89
N PHE C 426 -25.27 -17.19 0.09
CA PHE C 426 -24.21 -18.16 -0.11
C PHE C 426 -24.70 -19.54 -0.54
N ALA C 427 -25.95 -19.90 -0.23
CA ALA C 427 -26.40 -21.27 -0.48
C ALA C 427 -26.35 -21.62 -1.96
N GLY C 428 -26.67 -20.66 -2.83
CA GLY C 428 -26.67 -20.91 -4.26
C GLY C 428 -25.34 -21.39 -4.80
N ARG C 429 -24.29 -20.58 -4.66
CA ARG C 429 -23.00 -20.97 -5.20
C ARG C 429 -22.44 -22.19 -4.47
N LEU C 430 -22.65 -22.27 -3.15
CA LEU C 430 -22.08 -23.39 -2.39
C LEU C 430 -22.71 -24.71 -2.81
N ILE C 431 -24.04 -24.78 -2.94
CA ILE C 431 -24.64 -26.03 -3.37
C ILE C 431 -24.33 -26.30 -4.83
N GLU C 432 -24.21 -25.26 -5.66
CA GLU C 432 -23.82 -25.47 -7.05
C GLU C 432 -22.43 -26.09 -7.16
N LEU C 433 -21.50 -25.62 -6.32
CA LEU C 433 -20.13 -26.13 -6.36
C LEU C 433 -20.03 -27.51 -5.73
N ASN C 434 -20.82 -27.77 -4.68
CA ASN C 434 -20.78 -29.09 -4.05
C ASN C 434 -21.46 -30.13 -4.93
N GLN C 435 -22.44 -29.73 -5.74
CA GLN C 435 -23.04 -30.64 -6.70
C GLN C 435 -22.18 -30.81 -7.93
N GLN C 436 -21.42 -29.77 -8.30
CA GLN C 436 -20.41 -29.86 -9.35
C GLN C 436 -19.42 -30.99 -9.06
N LEU D 1 14.04 -21.93 -58.18
CA LEU D 1 14.19 -21.25 -56.86
C LEU D 1 12.91 -20.50 -56.52
N ASN D 2 12.85 -19.97 -55.31
CA ASN D 2 11.67 -19.21 -54.89
C ASN D 2 11.63 -17.86 -55.61
N GLU D 3 10.46 -17.51 -56.12
CA GLU D 3 10.27 -16.18 -56.68
C GLU D 3 10.42 -15.13 -55.60
N GLU D 4 10.13 -15.46 -54.35
CA GLU D 4 10.40 -14.55 -53.25
C GLU D 4 11.89 -14.26 -53.14
N GLU D 5 12.72 -15.31 -53.24
CA GLU D 5 14.16 -15.12 -53.17
C GLU D 5 14.66 -14.29 -54.34
N ARG D 6 14.16 -14.59 -55.55
CA ARG D 6 14.55 -13.80 -56.72
C ARG D 6 14.14 -12.35 -56.56
N LEU D 7 12.94 -12.10 -56.05
CA LEU D 7 12.45 -10.74 -55.90
C LEU D 7 13.26 -9.97 -54.87
N ILE D 8 13.61 -10.61 -53.75
CA ILE D 8 14.43 -9.92 -52.75
C ILE D 8 15.81 -9.62 -53.32
N ARG D 9 16.41 -10.57 -54.04
CA ARG D 9 17.70 -10.31 -54.66
C ARG D 9 17.60 -9.19 -55.69
N HIS D 10 16.46 -9.08 -56.37
CA HIS D 10 16.27 -8.01 -57.35
C HIS D 10 16.14 -6.66 -56.66
N LEU D 11 15.33 -6.58 -55.61
CA LEU D 11 15.01 -5.29 -55.01
C LEU D 11 16.14 -4.76 -54.15
N PHE D 12 16.83 -5.64 -53.41
CA PHE D 12 17.76 -5.21 -52.37
C PHE D 12 19.23 -5.39 -52.72
N GLU D 13 19.57 -6.26 -53.66
CA GLU D 13 20.95 -6.47 -54.10
C GLU D 13 21.21 -5.89 -55.49
N GLU D 14 20.35 -6.20 -56.46
CA GLU D 14 20.56 -5.68 -57.81
C GLU D 14 20.32 -4.18 -57.85
N LYS D 15 19.22 -3.70 -57.25
CA LYS D 15 18.89 -2.29 -57.24
C LYS D 15 19.49 -1.53 -56.07
N ALA D 16 20.10 -2.22 -55.10
CA ALA D 16 20.86 -1.60 -54.02
C ALA D 16 19.99 -0.62 -53.21
N TYR D 17 18.99 -1.20 -52.55
CA TYR D 17 18.12 -0.40 -51.70
C TYR D 17 18.89 0.21 -50.54
N ASN D 18 18.62 1.49 -50.27
CA ASN D 18 19.22 2.22 -49.16
C ASN D 18 18.10 2.69 -48.24
N LYS D 19 17.98 2.05 -47.08
CA LYS D 19 16.89 2.36 -46.17
C LYS D 19 17.05 3.73 -45.50
N GLU D 20 18.24 4.32 -45.56
CA GLU D 20 18.47 5.62 -44.92
C GLU D 20 17.95 6.78 -45.76
N LEU D 21 17.56 6.55 -47.01
CA LEU D 21 17.09 7.60 -47.90
C LEU D 21 15.58 7.52 -48.04
N ARG D 22 14.93 8.68 -48.04
CA ARG D 22 13.48 8.73 -48.17
C ARG D 22 13.07 8.28 -49.58
N PRO D 23 11.88 7.67 -49.73
CA PRO D 23 11.41 7.34 -51.10
C PRO D 23 10.74 8.52 -51.78
N ALA D 24 11.52 9.55 -52.08
CA ALA D 24 10.99 10.75 -52.73
C ALA D 24 12.15 11.60 -53.20
N ALA D 25 11.83 12.58 -54.06
CA ALA D 25 12.81 13.57 -54.44
C ALA D 25 13.18 14.43 -53.23
N HIS D 26 14.22 15.24 -53.39
CA HIS D 26 14.73 16.01 -52.26
C HIS D 26 13.70 17.00 -51.74
N LYS D 27 13.03 17.72 -52.65
CA LYS D 27 12.04 18.71 -52.29
C LYS D 27 10.61 18.18 -52.33
N GLU D 28 10.44 16.86 -52.19
CA GLU D 28 9.15 16.21 -52.25
C GLU D 28 8.90 15.52 -50.91
N SER D 29 7.63 15.48 -50.51
CA SER D 29 7.21 14.91 -49.24
C SER D 29 6.54 13.56 -49.46
N VAL D 30 6.81 12.62 -48.56
CA VAL D 30 6.17 11.31 -48.57
C VAL D 30 4.85 11.41 -47.82
N GLU D 31 3.80 10.83 -48.38
CA GLU D 31 2.48 10.83 -47.77
C GLU D 31 2.33 9.57 -46.95
N ILE D 32 2.22 9.72 -45.63
CA ILE D 32 2.02 8.62 -44.70
C ILE D 32 0.56 8.64 -44.26
N SER D 33 -0.15 7.54 -44.53
CA SER D 33 -1.52 7.37 -44.07
C SER D 33 -1.52 6.61 -42.75
N LEU D 34 -2.21 7.16 -41.76
CA LEU D 34 -2.25 6.62 -40.40
C LEU D 34 -3.67 6.27 -39.98
N ALA D 35 -3.80 5.11 -39.34
CA ALA D 35 -5.04 4.70 -38.71
C ALA D 35 -4.70 4.01 -37.40
N LEU D 36 -5.69 3.93 -36.52
CA LEU D 36 -5.52 3.31 -35.21
C LEU D 36 -6.69 2.38 -34.95
N THR D 37 -6.39 1.14 -34.57
CA THR D 37 -7.38 0.15 -34.16
C THR D 37 -7.18 -0.12 -32.68
N LEU D 38 -8.22 0.13 -31.89
CA LEU D 38 -8.16 -0.12 -30.45
C LEU D 38 -8.56 -1.56 -30.19
N SER D 39 -7.60 -2.37 -29.74
CA SER D 39 -7.88 -3.75 -29.37
C SER D 39 -8.37 -3.88 -27.94
N ASN D 40 -7.85 -3.05 -27.04
CA ASN D 40 -8.26 -3.10 -25.63
C ASN D 40 -7.81 -1.84 -24.91
N LEU D 41 -8.75 -1.20 -24.20
CA LEU D 41 -8.42 -0.09 -23.32
C LEU D 41 -8.04 -0.70 -21.98
N ILE D 42 -6.75 -0.88 -21.76
CA ILE D 42 -6.29 -1.68 -20.63
C ILE D 42 -6.65 -1.01 -19.31
N SER D 43 -6.35 0.27 -19.17
CA SER D 43 -6.67 0.93 -17.91
C SER D 43 -6.56 2.44 -18.06
N LEU D 44 -7.16 3.14 -17.10
CA LEU D 44 -6.94 4.57 -16.90
C LEU D 44 -6.68 4.78 -15.41
N LYS D 45 -5.41 4.95 -15.06
CA LYS D 45 -5.01 5.19 -13.68
C LYS D 45 -5.14 6.68 -13.40
N GLU D 46 -6.06 7.04 -12.49
CA GLU D 46 -6.34 8.44 -12.21
C GLU D 46 -5.24 9.07 -11.37
N VAL D 47 -4.72 8.33 -10.39
CA VAL D 47 -3.70 8.88 -9.50
C VAL D 47 -2.44 9.20 -10.30
N GLU D 48 -2.02 8.28 -11.16
CA GLU D 48 -0.89 8.51 -12.05
C GLU D 48 -1.26 9.26 -13.32
N GLU D 49 -2.56 9.40 -13.61
CA GLU D 49 -3.04 10.11 -14.80
C GLU D 49 -2.45 9.50 -16.07
N THR D 50 -2.64 8.18 -16.23
CA THR D 50 -2.05 7.43 -17.32
C THR D 50 -3.11 6.55 -17.97
N LEU D 51 -3.21 6.61 -19.29
CA LEU D 51 -4.06 5.72 -20.07
C LEU D 51 -3.19 4.64 -20.70
N THR D 52 -3.44 3.38 -20.34
CA THR D 52 -2.80 2.24 -20.96
C THR D 52 -3.76 1.62 -21.96
N THR D 53 -3.35 1.57 -23.23
CA THR D 53 -4.17 1.08 -24.32
C THR D 53 -3.39 0.10 -25.19
N ASN D 54 -4.08 -0.94 -25.65
CA ASN D 54 -3.57 -1.88 -26.64
C ASN D 54 -4.09 -1.44 -27.99
N VAL D 55 -3.19 -1.07 -28.90
CA VAL D 55 -3.57 -0.47 -30.18
C VAL D 55 -2.71 -1.04 -31.29
N TRP D 56 -3.34 -1.33 -32.43
CA TRP D 56 -2.63 -1.62 -33.67
C TRP D 56 -2.57 -0.33 -34.47
N ILE D 57 -1.36 0.13 -34.78
CA ILE D 57 -1.17 1.38 -35.50
C ILE D 57 -0.87 1.03 -36.96
N GLU D 58 -1.76 1.43 -37.86
CA GLU D 58 -1.65 1.11 -39.27
C GLU D 58 -1.00 2.29 -39.98
N GLN D 59 0.16 2.04 -40.61
CA GLN D 59 0.89 3.01 -41.38
C GLN D 59 0.99 2.54 -42.81
N GLY D 60 0.83 3.47 -43.75
CA GLY D 60 0.92 3.14 -45.15
C GLY D 60 1.58 4.22 -45.97
N TRP D 61 2.43 3.82 -46.92
CA TRP D 61 3.02 4.79 -47.84
C TRP D 61 3.37 4.06 -49.13
N THR D 62 4.05 4.76 -50.04
CA THR D 62 4.48 4.20 -51.31
C THR D 62 5.99 4.35 -51.43
N ASP D 63 6.66 3.25 -51.75
CA ASP D 63 8.10 3.23 -51.98
C ASP D 63 8.32 2.77 -53.42
N SER D 64 8.61 3.72 -54.31
CA SER D 64 8.78 3.40 -55.72
C SER D 64 10.02 2.55 -55.97
N ARG D 65 10.95 2.48 -55.02
CA ARG D 65 12.11 1.61 -55.16
C ARG D 65 11.79 0.14 -54.93
N LEU D 66 10.66 -0.17 -54.28
CA LEU D 66 10.29 -1.53 -53.94
C LEU D 66 9.13 -2.04 -54.79
N GLN D 67 9.05 -1.60 -56.05
CA GLN D 67 8.03 -2.04 -56.97
C GLN D 67 8.62 -3.05 -57.95
N TRP D 68 7.77 -3.95 -58.43
CA TRP D 68 8.18 -4.97 -59.37
C TRP D 68 7.00 -5.34 -60.26
N ASP D 69 7.32 -5.98 -61.37
CA ASP D 69 6.30 -6.54 -62.27
C ASP D 69 6.00 -7.97 -61.83
N ALA D 70 4.74 -8.23 -61.49
CA ALA D 70 4.37 -9.55 -61.00
C ALA D 70 4.58 -10.62 -62.07
N GLU D 71 4.45 -10.26 -63.35
CA GLU D 71 4.64 -11.24 -64.41
C GLU D 71 6.07 -11.76 -64.47
N ASP D 72 7.05 -10.93 -64.12
CA ASP D 72 8.45 -11.32 -64.18
C ASP D 72 8.88 -12.16 -62.98
N PHE D 73 8.03 -12.37 -61.99
CA PHE D 73 8.38 -13.06 -60.75
C PHE D 73 7.29 -14.05 -60.37
N GLY D 74 6.78 -14.79 -61.36
CA GLY D 74 5.83 -15.85 -61.08
C GLY D 74 4.51 -15.37 -60.52
N ASN D 75 4.02 -14.21 -60.97
CA ASN D 75 2.74 -13.61 -60.51
C ASN D 75 2.73 -13.50 -58.98
N ILE D 76 3.86 -13.17 -58.36
CA ILE D 76 3.91 -12.86 -56.93
C ILE D 76 3.36 -11.46 -56.72
N SER D 77 2.41 -11.33 -55.79
CA SER D 77 1.65 -10.10 -55.59
C SER D 77 1.76 -9.55 -54.18
N VAL D 78 2.64 -10.09 -53.34
CA VAL D 78 2.83 -9.57 -51.98
C VAL D 78 4.13 -10.15 -51.44
N LEU D 79 4.79 -9.40 -50.55
CA LEU D 79 6.02 -9.86 -49.94
C LEU D 79 6.11 -9.33 -48.52
N ARG D 80 6.46 -10.21 -47.58
CA ARG D 80 6.67 -9.85 -46.19
C ARG D 80 8.16 -9.66 -45.95
N LEU D 81 8.54 -8.53 -45.38
CA LEU D 81 9.93 -8.18 -45.13
C LEU D 81 10.09 -7.71 -43.69
N PRO D 82 11.26 -7.88 -43.08
CA PRO D 82 11.50 -7.22 -41.79
C PRO D 82 11.40 -5.71 -41.91
N ALA D 83 10.87 -5.09 -40.85
CA ALA D 83 10.72 -3.64 -40.84
C ALA D 83 12.06 -2.92 -40.86
N ASP D 84 13.13 -3.56 -40.38
CA ASP D 84 14.44 -2.92 -40.39
C ASP D 84 15.11 -2.96 -41.76
N MET D 85 14.57 -3.70 -42.72
CA MET D 85 15.14 -3.74 -44.06
C MET D 85 14.71 -2.56 -44.93
N VAL D 86 13.66 -1.84 -44.55
CA VAL D 86 13.08 -0.79 -45.37
C VAL D 86 13.13 0.54 -44.60
N TRP D 87 13.05 1.62 -45.36
CA TRP D 87 12.85 2.94 -44.77
C TRP D 87 11.49 3.00 -44.11
N LEU D 88 11.44 3.58 -42.91
CA LEU D 88 10.23 3.75 -42.14
C LEU D 88 10.00 5.24 -41.85
N PRO D 89 8.76 5.72 -41.83
CA PRO D 89 8.54 7.11 -41.38
C PRO D 89 8.87 7.32 -39.91
N GLU D 90 8.94 6.26 -39.12
CA GLU D 90 9.32 6.32 -37.71
C GLU D 90 8.32 7.17 -36.92
N ILE D 91 7.06 6.76 -37.01
CA ILE D 91 5.98 7.40 -36.27
C ILE D 91 6.05 6.93 -34.82
N VAL D 92 5.92 7.88 -33.90
CA VAL D 92 6.02 7.64 -32.46
C VAL D 92 4.87 8.34 -31.77
N LEU D 93 4.54 7.85 -30.58
CA LEU D 93 3.55 8.48 -29.72
C LEU D 93 4.24 9.59 -28.94
N GLU D 94 3.86 10.84 -29.22
CA GLU D 94 4.44 11.98 -28.53
C GLU D 94 3.92 12.16 -27.12
N ASN D 95 2.75 11.59 -26.80
CA ASN D 95 2.08 11.82 -25.53
C ASN D 95 2.44 10.79 -24.46
N ASN D 96 3.41 9.91 -24.72
CA ASN D 96 3.80 8.94 -23.72
C ASN D 96 4.36 9.64 -22.49
N ASN D 97 4.09 9.08 -21.31
CA ASN D 97 4.62 9.58 -20.05
C ASN D 97 5.60 8.62 -19.38
N ASP D 98 5.74 7.40 -19.88
CA ASP D 98 6.72 6.45 -19.37
C ASP D 98 8.05 6.49 -20.13
N GLY D 99 8.09 7.14 -21.30
CA GLY D 99 9.28 7.22 -22.11
C GLY D 99 9.36 6.23 -23.25
N SER D 100 8.31 5.43 -23.46
CA SER D 100 8.28 4.47 -24.57
C SER D 100 7.61 5.14 -25.76
N PHE D 101 8.43 5.73 -26.64
CA PHE D 101 7.93 6.41 -27.82
C PHE D 101 7.49 5.44 -28.91
N GLN D 102 8.17 4.31 -29.06
CA GLN D 102 8.01 3.46 -30.22
C GLN D 102 6.99 2.36 -29.98
N ILE D 103 6.55 1.73 -31.08
CA ILE D 103 5.68 0.58 -31.00
C ILE D 103 6.39 -0.56 -30.25
N SER D 104 5.59 -1.53 -29.79
CA SER D 104 6.12 -2.60 -28.96
C SER D 104 6.81 -3.67 -29.81
N TYR D 105 6.11 -4.24 -30.79
CA TYR D 105 6.60 -5.32 -31.62
C TYR D 105 6.79 -4.79 -33.04
N SER D 106 8.04 -4.77 -33.50
CA SER D 106 8.37 -4.31 -34.85
C SER D 106 8.18 -5.47 -35.81
N CYS D 107 6.93 -5.64 -36.26
CA CYS D 107 6.57 -6.77 -37.10
C CYS D 107 7.08 -6.54 -38.53
N ASN D 108 6.69 -7.42 -39.45
CA ASN D 108 7.06 -7.28 -40.84
C ASN D 108 6.20 -6.24 -41.54
N VAL D 109 6.74 -5.73 -42.64
CA VAL D 109 6.02 -4.88 -43.58
C VAL D 109 5.56 -5.75 -44.74
N LEU D 110 4.40 -5.43 -45.29
CA LEU D 110 3.88 -6.03 -46.51
C LEU D 110 4.09 -5.05 -47.66
N ILE D 111 4.74 -5.51 -48.72
CA ILE D 111 4.97 -4.69 -49.91
C ILE D 111 4.30 -5.36 -51.10
N TYR D 112 3.73 -4.54 -51.97
CA TYR D 112 2.93 -4.95 -53.10
C TYR D 112 3.59 -4.49 -54.40
N PRO D 113 3.23 -5.07 -55.55
CA PRO D 113 3.95 -4.74 -56.79
C PRO D 113 3.88 -3.27 -57.16
N SER D 114 2.82 -2.56 -56.75
CA SER D 114 2.72 -1.13 -57.02
C SER D 114 3.73 -0.30 -56.24
N GLY D 115 4.39 -0.89 -55.24
CA GLY D 115 5.31 -0.17 -54.38
C GLY D 115 4.73 0.29 -53.06
N SER D 116 3.50 -0.10 -52.75
CA SER D 116 2.85 0.33 -51.52
C SER D 116 3.39 -0.49 -50.35
N VAL D 117 3.89 0.20 -49.33
CA VAL D 117 4.35 -0.40 -48.09
C VAL D 117 3.24 -0.24 -47.06
N TYR D 118 2.88 -1.35 -46.42
CA TYR D 118 1.80 -1.42 -45.44
C TYR D 118 2.37 -2.05 -44.18
N TRP D 119 2.22 -1.38 -43.04
CA TRP D 119 2.76 -1.83 -41.77
C TRP D 119 1.67 -1.70 -40.72
N LEU D 120 1.49 -2.72 -39.89
CA LEU D 120 0.47 -2.73 -38.85
C LEU D 120 1.04 -3.31 -37.56
N PRO D 121 1.96 -2.60 -36.92
CA PRO D 121 2.52 -3.10 -35.66
C PRO D 121 1.55 -2.92 -34.51
N PRO D 122 1.55 -3.84 -33.54
CA PRO D 122 0.80 -3.60 -32.30
C PRO D 122 1.67 -2.89 -31.28
N ALA D 123 1.00 -2.32 -30.28
CA ALA D 123 1.70 -1.59 -29.24
C ALA D 123 0.82 -1.51 -28.01
N ILE D 124 1.47 -1.39 -26.86
CA ILE D 124 0.81 -1.10 -25.59
C ILE D 124 1.36 0.25 -25.17
N PHE D 125 0.55 1.29 -25.35
CA PHE D 125 0.97 2.66 -25.13
C PHE D 125 0.43 3.17 -23.80
N ARG D 126 1.29 3.84 -23.04
CA ARG D 126 0.95 4.49 -21.78
C ARG D 126 1.07 6.00 -21.99
N SER D 127 -0.06 6.65 -22.23
CA SER D 127 -0.12 8.06 -22.57
C SER D 127 -0.59 8.88 -21.38
N SER D 128 -0.26 10.17 -21.41
CA SER D 128 -0.67 11.09 -20.36
C SER D 128 -2.10 11.54 -20.61
N CYS D 129 -2.97 11.33 -19.63
CA CYS D 129 -4.36 11.76 -19.67
C CYS D 129 -4.65 12.60 -18.44
N PRO D 130 -4.64 13.94 -18.54
CA PRO D 130 -5.10 14.75 -17.41
C PRO D 130 -6.55 14.43 -17.06
N ILE D 131 -6.84 14.40 -15.76
CA ILE D 131 -8.08 13.85 -15.24
C ILE D 131 -8.91 14.99 -14.65
N SER D 132 -10.20 14.97 -14.94
CA SER D 132 -11.17 15.87 -14.32
C SER D 132 -11.88 15.09 -13.22
N VAL D 133 -11.83 15.61 -11.99
CA VAL D 133 -12.37 14.93 -10.82
C VAL D 133 -13.70 15.47 -10.36
N THR D 134 -14.22 16.52 -11.03
CA THR D 134 -15.31 17.31 -10.47
C THR D 134 -16.58 16.49 -10.24
N TYR D 135 -16.78 15.41 -11.02
CA TYR D 135 -18.01 14.63 -10.97
C TYR D 135 -17.76 13.16 -10.65
N PHE D 136 -16.60 12.84 -10.08
CA PHE D 136 -16.32 11.46 -9.72
C PHE D 136 -17.32 11.00 -8.66
N PRO D 137 -17.87 9.77 -8.76
CA PRO D 137 -17.65 8.70 -9.74
C PRO D 137 -18.53 8.78 -11.00
N PHE D 138 -19.21 9.91 -11.23
CA PHE D 138 -20.06 10.10 -12.40
C PHE D 138 -19.37 10.92 -13.48
N ASP D 139 -18.06 10.76 -13.63
CA ASP D 139 -17.24 11.59 -14.49
C ASP D 139 -17.01 10.93 -15.84
N TRP D 140 -16.64 11.76 -16.82
CA TRP D 140 -16.16 11.31 -18.11
C TRP D 140 -14.83 11.99 -18.40
N GLN D 141 -13.95 11.26 -19.07
CA GLN D 141 -12.59 11.69 -19.35
C GLN D 141 -12.37 11.79 -20.85
N ASN D 142 -11.41 12.64 -21.23
CA ASN D 142 -11.06 12.91 -22.62
C ASN D 142 -9.56 12.69 -22.77
N CYS D 143 -9.16 11.49 -23.17
CA CYS D 143 -7.77 11.15 -23.38
C CYS D 143 -7.45 11.26 -24.87
N SER D 144 -6.15 11.36 -25.17
CA SER D 144 -5.71 11.52 -26.55
C SER D 144 -4.39 10.80 -26.77
N LEU D 145 -4.24 10.19 -27.93
CA LEU D 145 -3.01 9.57 -28.40
C LEU D 145 -2.52 10.39 -29.59
N LYS D 146 -1.40 11.09 -29.41
CA LYS D 146 -0.85 11.97 -30.42
C LYS D 146 0.34 11.27 -31.07
N PHE D 147 0.29 11.12 -32.39
CA PHE D 147 1.30 10.41 -33.16
C PHE D 147 1.97 11.39 -34.11
N SER D 148 3.30 11.36 -34.14
CA SER D 148 4.06 12.25 -35.02
C SER D 148 5.43 11.63 -35.26
N SER D 149 6.18 12.26 -36.16
CA SER D 149 7.53 11.84 -36.49
C SER D 149 8.51 12.84 -35.90
N LEU D 150 9.44 12.36 -35.07
CA LEU D 150 10.52 13.19 -34.55
C LEU D 150 11.74 13.20 -35.45
N LYS D 151 11.82 12.28 -36.42
CA LYS D 151 12.94 12.23 -37.35
C LYS D 151 12.73 13.07 -38.60
N TYR D 152 11.49 13.39 -38.94
CA TYR D 152 11.16 14.10 -40.17
C TYR D 152 10.16 15.20 -39.87
N THR D 153 10.24 16.27 -40.65
CA THR D 153 9.38 17.43 -40.54
C THR D 153 8.33 17.39 -41.64
N THR D 154 7.48 18.42 -41.68
CA THR D 154 6.44 18.51 -42.71
C THR D 154 7.04 18.64 -44.10
N LYS D 155 8.28 19.09 -44.21
CA LYS D 155 8.93 19.15 -45.53
C LYS D 155 9.24 17.77 -46.08
N GLU D 156 9.43 16.79 -45.20
CA GLU D 156 9.92 15.47 -45.59
C GLU D 156 8.83 14.41 -45.62
N ILE D 157 7.84 14.47 -44.73
CA ILE D 157 6.70 13.56 -44.74
C ILE D 157 5.43 14.36 -44.53
N THR D 158 4.30 13.77 -44.94
CA THR D 158 2.98 14.37 -44.81
C THR D 158 2.05 13.35 -44.14
N LEU D 159 1.76 13.56 -42.87
CA LEU D 159 0.84 12.68 -42.17
C LEU D 159 -0.59 12.95 -42.63
N SER D 160 -1.37 11.88 -42.75
CA SER D 160 -2.77 11.98 -43.14
C SER D 160 -3.50 10.77 -42.61
N LEU D 161 -4.82 10.86 -42.60
CA LEU D 161 -5.65 9.74 -42.17
C LEU D 161 -5.81 8.73 -43.29
N LYS D 162 -6.02 7.47 -42.91
CA LYS D 162 -6.30 6.44 -43.89
C LYS D 162 -7.57 6.76 -44.65
N GLN D 163 -7.57 6.45 -45.94
CA GLN D 163 -8.73 6.61 -46.80
C GLN D 163 -9.29 5.24 -47.15
N ALA D 164 -10.60 5.08 -46.98
CA ALA D 164 -11.32 3.88 -47.38
C ALA D 164 -12.30 4.25 -48.48
N GLU D 165 -12.88 3.21 -49.10
CA GLU D 165 -13.77 3.37 -50.24
C GLU D 165 -15.08 2.65 -49.97
N GLU D 166 -16.18 3.30 -50.37
CA GLU D 166 -17.51 2.73 -50.30
C GLU D 166 -18.20 2.99 -51.63
N ASP D 167 -18.57 1.91 -52.33
CA ASP D 167 -19.24 1.97 -53.64
C ASP D 167 -18.45 2.80 -54.65
N GLY D 168 -17.14 2.88 -54.49
CA GLY D 168 -16.27 3.64 -55.37
C GLY D 168 -16.01 5.08 -54.95
N ARG D 169 -16.58 5.52 -53.83
CA ARG D 169 -16.37 6.86 -53.31
C ARG D 169 -15.38 6.79 -52.15
N SER D 170 -14.34 7.62 -52.23
CA SER D 170 -13.28 7.63 -51.22
C SER D 170 -13.62 8.61 -50.11
N TYR D 171 -13.41 8.19 -48.87
CA TYR D 171 -13.59 9.02 -47.70
C TYR D 171 -12.43 8.78 -46.74
N PRO D 172 -12.14 9.74 -45.84
CA PRO D 172 -11.13 9.50 -44.81
C PRO D 172 -11.72 8.85 -43.57
N VAL D 173 -10.91 7.98 -42.95
CA VAL D 173 -11.29 7.31 -41.71
C VAL D 173 -10.95 8.28 -40.58
N GLU D 174 -11.96 9.03 -40.12
CA GLU D 174 -11.79 10.07 -39.10
C GLU D 174 -12.21 9.57 -37.72
N TRP D 175 -11.97 8.30 -37.44
CA TRP D 175 -12.35 7.70 -36.17
C TRP D 175 -11.38 6.59 -35.83
N ILE D 176 -11.35 6.21 -34.56
CA ILE D 176 -10.61 5.03 -34.15
C ILE D 176 -11.38 3.80 -34.59
N ILE D 177 -10.72 2.90 -35.32
CA ILE D 177 -11.38 1.70 -35.81
C ILE D 177 -11.59 0.74 -34.65
N ILE D 178 -12.78 0.14 -34.59
CA ILE D 178 -13.15 -0.83 -33.57
C ILE D 178 -13.52 -2.11 -34.32
N ASP D 179 -12.55 -3.00 -34.48
CA ASP D 179 -12.81 -4.27 -35.13
C ASP D 179 -13.63 -5.15 -34.18
N PRO D 180 -14.82 -5.63 -34.58
CA PRO D 180 -15.55 -6.55 -33.68
C PRO D 180 -14.81 -7.85 -33.42
N GLU D 181 -13.90 -8.25 -34.32
CA GLU D 181 -13.15 -9.50 -34.17
C GLU D 181 -11.89 -9.34 -33.33
N GLY D 182 -11.56 -8.13 -32.89
CA GLY D 182 -10.36 -7.91 -32.10
C GLY D 182 -10.51 -6.87 -31.01
N PHE D 183 -11.74 -6.57 -30.61
CA PHE D 183 -12.03 -5.59 -29.57
C PHE D 183 -12.61 -6.27 -28.34
N THR D 184 -12.20 -5.80 -27.17
CA THR D 184 -12.73 -6.24 -25.89
C THR D 184 -13.21 -5.02 -25.12
N GLU D 185 -14.42 -5.09 -24.60
CA GLU D 185 -15.01 -3.97 -23.87
C GLU D 185 -14.40 -3.88 -22.47
N ASN D 186 -14.16 -2.64 -22.03
CA ASN D 186 -13.74 -2.40 -20.66
C ASN D 186 -14.94 -2.41 -19.74
N GLY D 187 -14.78 -3.04 -18.58
CA GLY D 187 -15.88 -3.14 -17.64
C GLY D 187 -16.19 -1.89 -16.86
N GLU D 188 -15.30 -0.88 -16.90
CA GLU D 188 -15.48 0.35 -16.16
C GLU D 188 -15.71 1.57 -17.05
N TRP D 189 -15.21 1.56 -18.28
CA TRP D 189 -15.24 2.71 -19.16
C TRP D 189 -15.93 2.33 -20.47
N GLU D 190 -16.89 3.14 -20.88
CA GLU D 190 -17.56 2.99 -22.17
C GLU D 190 -17.17 4.14 -23.09
N ILE D 191 -16.89 3.82 -24.35
CA ILE D 191 -16.43 4.82 -25.31
C ILE D 191 -17.66 5.53 -25.85
N VAL D 192 -17.67 6.86 -25.74
CA VAL D 192 -18.75 7.70 -26.22
C VAL D 192 -18.42 8.31 -27.58
N HIS D 193 -17.22 8.86 -27.71
CA HIS D 193 -16.72 9.42 -28.95
C HIS D 193 -15.30 8.94 -29.17
N ARG D 194 -14.96 8.65 -30.43
CA ARG D 194 -13.62 8.22 -30.81
C ARG D 194 -13.23 8.87 -32.12
N PRO D 195 -12.99 10.18 -32.13
CA PRO D 195 -12.61 10.87 -33.36
C PRO D 195 -11.13 10.72 -33.66
N ALA D 196 -10.75 11.20 -34.85
CA ALA D 196 -9.37 11.25 -35.28
C ALA D 196 -9.16 12.50 -36.12
N ARG D 197 -8.05 13.20 -35.88
CA ARG D 197 -7.80 14.49 -36.50
C ARG D 197 -6.36 14.58 -36.96
N VAL D 198 -6.13 15.40 -37.99
CA VAL D 198 -4.80 15.79 -38.43
C VAL D 198 -4.62 17.24 -38.02
N ASN D 199 -3.68 17.49 -37.10
CA ASN D 199 -3.43 18.81 -36.55
C ASN D 199 -2.13 19.36 -37.13
N VAL D 200 -2.19 20.58 -37.63
CA VAL D 200 -1.03 21.32 -38.10
C VAL D 200 -0.99 22.64 -37.32
N ASP D 201 0.06 22.83 -36.53
CA ASP D 201 0.19 24.01 -35.70
C ASP D 201 0.88 25.10 -36.49
N PRO D 202 0.23 26.22 -36.83
CA PRO D 202 0.94 27.28 -37.55
C PRO D 202 1.88 28.11 -36.69
N SER D 203 1.85 27.95 -35.35
CA SER D 203 2.70 28.76 -34.49
C SER D 203 4.15 28.30 -34.52
N VAL D 204 4.38 26.99 -34.47
CA VAL D 204 5.73 26.45 -34.44
C VAL D 204 6.32 26.53 -35.85
N PRO D 205 7.64 26.56 -36.02
CA PRO D 205 8.20 26.74 -37.37
C PRO D 205 8.05 25.49 -38.21
N LEU D 206 8.21 25.68 -39.53
CA LEU D 206 8.06 24.58 -40.48
C LEU D 206 9.14 23.53 -40.26
N ASP D 207 10.34 23.93 -39.85
CA ASP D 207 11.43 22.99 -39.63
C ASP D 207 11.32 22.23 -38.31
N SER D 208 10.23 22.40 -37.55
CA SER D 208 10.01 21.65 -36.32
C SER D 208 9.28 20.35 -36.64
N PRO D 209 9.74 19.18 -36.18
CA PRO D 209 8.96 17.95 -36.41
C PRO D 209 7.62 17.93 -35.68
N ASN D 210 7.40 18.81 -34.71
CA ASN D 210 6.16 18.84 -33.94
C ASN D 210 5.05 19.66 -34.60
N ARG D 211 5.28 20.18 -35.81
CA ARG D 211 4.27 20.99 -36.48
C ARG D 211 3.03 20.17 -36.81
N GLN D 212 3.23 18.98 -37.38
CA GLN D 212 2.14 18.11 -37.80
C GLN D 212 2.01 16.92 -36.85
N ASP D 213 0.77 16.49 -36.64
CA ASP D 213 0.52 15.29 -35.85
C ASP D 213 -0.84 14.74 -36.23
N VAL D 214 -1.07 13.48 -35.87
CA VAL D 214 -2.38 12.84 -35.99
C VAL D 214 -2.80 12.42 -34.58
N THR D 215 -3.94 12.93 -34.15
CA THR D 215 -4.42 12.71 -32.79
C THR D 215 -5.69 11.86 -32.82
N PHE D 216 -5.69 10.80 -32.03
CA PHE D 216 -6.85 9.93 -31.84
C PHE D 216 -7.36 10.13 -30.42
N TYR D 217 -8.57 10.65 -30.29
CA TYR D 217 -9.14 10.99 -29.00
C TYR D 217 -10.11 9.91 -28.56
N LEU D 218 -10.11 9.63 -27.26
CA LEU D 218 -11.07 8.74 -26.63
C LEU D 218 -11.80 9.54 -25.55
N ILE D 219 -13.06 9.85 -25.81
CA ILE D 219 -13.96 10.36 -24.78
C ILE D 219 -14.68 9.17 -24.20
N ILE D 220 -14.50 8.94 -22.91
CA ILE D 220 -14.94 7.73 -22.23
C ILE D 220 -15.71 8.12 -20.98
N ARG D 221 -16.78 7.37 -20.70
CA ARG D 221 -17.64 7.61 -19.56
C ARG D 221 -17.50 6.44 -18.58
N ARG D 222 -17.28 6.76 -17.31
CA ARG D 222 -17.16 5.73 -16.29
C ARG D 222 -18.52 5.10 -16.03
N LYS D 223 -18.52 3.79 -15.81
CA LYS D 223 -19.72 3.08 -15.39
C LYS D 223 -19.74 3.10 -13.86
N PRO D 224 -20.65 3.84 -13.22
CA PRO D 224 -20.51 4.11 -11.78
C PRO D 224 -21.20 3.12 -10.85
N LEU D 225 -21.70 1.98 -11.35
CA LEU D 225 -22.44 1.07 -10.49
C LEU D 225 -21.57 0.55 -9.35
N PHE D 226 -20.30 0.27 -9.63
CA PHE D 226 -19.39 -0.21 -8.60
C PHE D 226 -19.26 0.80 -7.47
N TYR D 227 -18.95 2.05 -7.81
CA TYR D 227 -18.79 3.07 -6.78
C TYR D 227 -20.13 3.43 -6.13
N VAL D 228 -21.21 3.42 -6.90
CA VAL D 228 -22.53 3.72 -6.33
C VAL D 228 -22.90 2.68 -5.28
N ILE D 229 -22.71 1.40 -5.60
CA ILE D 229 -23.14 0.35 -4.69
C ILE D 229 -22.19 0.25 -3.50
N ASN D 230 -20.88 0.27 -3.77
CA ASN D 230 -19.91 -0.08 -2.74
C ASN D 230 -19.47 1.10 -1.88
N ILE D 231 -19.48 2.32 -2.42
CA ILE D 231 -18.95 3.50 -1.73
C ILE D 231 -20.08 4.47 -1.35
N LEU D 232 -20.82 4.97 -2.34
CA LEU D 232 -21.75 6.06 -2.11
C LEU D 232 -22.88 5.64 -1.17
N VAL D 233 -23.48 4.48 -1.41
CA VAL D 233 -24.63 4.07 -0.59
C VAL D 233 -24.25 3.88 0.87
N PRO D 234 -23.18 3.15 1.20
CA PRO D 234 -22.78 3.09 2.63
C PRO D 234 -22.50 4.44 3.26
N CYS D 235 -21.78 5.31 2.56
CA CYS D 235 -21.42 6.60 3.15
C CYS D 235 -22.65 7.46 3.37
N VAL D 236 -23.57 7.48 2.40
CA VAL D 236 -24.79 8.27 2.53
C VAL D 236 -25.66 7.72 3.66
N LEU D 237 -25.80 6.39 3.73
CA LEU D 237 -26.63 5.81 4.78
C LEU D 237 -26.04 6.05 6.16
N ILE D 238 -24.70 6.02 6.27
CA ILE D 238 -24.05 6.30 7.55
C ILE D 238 -24.21 7.78 7.90
N SER D 239 -24.08 8.66 6.91
CA SER D 239 -24.20 10.09 7.17
C SER D 239 -25.60 10.45 7.64
N PHE D 240 -26.63 9.87 7.03
CA PHE D 240 -27.99 10.24 7.37
C PHE D 240 -28.45 9.71 8.72
N MET D 241 -27.64 8.88 9.40
CA MET D 241 -27.99 8.49 10.77
C MET D 241 -27.71 9.59 11.79
N ILE D 242 -27.04 10.68 11.40
CA ILE D 242 -26.80 11.77 12.34
C ILE D 242 -28.10 12.43 12.76
N ASN D 243 -29.18 12.28 11.98
CA ASN D 243 -30.48 12.75 12.41
C ASN D 243 -31.01 11.99 13.62
N LEU D 244 -30.54 10.76 13.83
CA LEU D 244 -31.12 9.90 14.87
C LEU D 244 -30.76 10.37 16.28
N VAL D 245 -29.71 11.19 16.44
CA VAL D 245 -29.35 11.65 17.78
C VAL D 245 -30.45 12.54 18.35
N PHE D 246 -31.18 13.25 17.49
CA PHE D 246 -32.22 14.14 17.97
C PHE D 246 -33.39 13.39 18.59
N TYR D 247 -33.58 12.12 18.23
CA TYR D 247 -34.59 11.27 18.86
C TYR D 247 -34.08 10.56 20.11
N LEU D 248 -32.76 10.53 20.32
CA LEU D 248 -32.23 9.85 21.49
C LEU D 248 -32.48 10.70 22.74
N PRO D 249 -32.87 10.10 23.87
CA PRO D 249 -32.99 10.88 25.10
C PRO D 249 -31.64 11.40 25.56
N ALA D 250 -31.69 12.36 26.48
CA ALA D 250 -30.51 13.07 26.96
C ALA D 250 -29.88 12.45 28.21
N ASP D 251 -30.39 11.31 28.66
CA ASP D 251 -29.85 10.64 29.86
C ASP D 251 -29.25 9.29 29.52
N CYS D 252 -30.01 8.41 28.88
CA CYS D 252 -29.50 7.10 28.47
C CYS D 252 -28.83 7.16 27.10
N GLY D 253 -29.47 7.80 26.12
CA GLY D 253 -28.95 7.86 24.78
C GLY D 253 -27.60 8.55 24.69
N GLU D 254 -26.61 7.84 24.17
CA GLU D 254 -25.26 8.40 23.99
C GLU D 254 -25.25 9.19 22.69
N LYS D 255 -25.81 10.39 22.77
CA LYS D 255 -25.96 11.23 21.57
C LYS D 255 -24.60 11.63 21.00
N THR D 256 -23.74 12.17 21.87
CA THR D 256 -22.43 12.64 21.42
C THR D 256 -21.59 11.50 20.86
N SER D 257 -21.63 10.34 21.52
CA SER D 257 -20.83 9.19 21.09
C SER D 257 -21.26 8.72 19.71
N MET D 258 -22.58 8.60 19.49
CA MET D 258 -23.07 8.17 18.18
C MET D 258 -22.70 9.18 17.10
N ALA D 259 -22.85 10.48 17.41
CA ALA D 259 -22.55 11.49 16.41
C ALA D 259 -21.07 11.52 16.04
N ILE D 260 -20.19 11.45 17.04
CA ILE D 260 -18.76 11.47 16.73
C ILE D 260 -18.34 10.16 16.06
N SER D 261 -19.04 9.06 16.33
CA SER D 261 -18.74 7.83 15.60
C SER D 261 -19.11 7.98 14.13
N VAL D 262 -20.23 8.64 13.85
CA VAL D 262 -20.58 8.97 12.47
C VAL D 262 -19.48 9.84 11.85
N LEU D 263 -18.96 10.79 12.64
CA LEU D 263 -17.87 11.63 12.15
C LEU D 263 -16.62 10.79 11.83
N LEU D 264 -16.29 9.84 12.68
CA LEU D 264 -15.14 8.97 12.43
C LEU D 264 -15.33 8.15 11.16
N ALA D 265 -16.54 7.62 10.96
CA ALA D 265 -16.83 6.88 9.73
C ALA D 265 -16.67 7.76 8.51
N GLN D 266 -17.18 8.99 8.56
CA GLN D 266 -17.02 9.91 7.44
C GLN D 266 -15.56 10.23 7.18
N SER D 267 -14.78 10.40 8.25
CA SER D 267 -13.35 10.67 8.08
C SER D 267 -12.65 9.50 7.41
N VAL D 268 -12.97 8.28 7.81
CA VAL D 268 -12.38 7.09 7.20
C VAL D 268 -12.73 7.04 5.72
N PHE D 269 -14.01 7.29 5.40
CA PHE D 269 -14.44 7.29 4.00
C PHE D 269 -13.67 8.33 3.20
N LEU D 270 -13.55 9.55 3.73
CA LEU D 270 -12.88 10.62 3.01
C LEU D 270 -11.41 10.29 2.77
N LEU D 271 -10.73 9.81 3.81
CA LEU D 271 -9.29 9.57 3.67
C LEU D 271 -9.02 8.40 2.74
N LEU D 272 -9.85 7.35 2.77
CA LEU D 272 -9.65 6.24 1.86
C LEU D 272 -10.10 6.57 0.44
N ILE D 273 -11.00 7.55 0.27
CA ILE D 273 -11.40 7.95 -1.07
C ILE D 273 -10.34 8.86 -1.69
N SER D 274 -9.63 9.65 -0.88
CA SER D 274 -8.62 10.54 -1.42
C SER D 274 -7.49 9.79 -2.10
N LYS D 275 -7.29 8.51 -1.78
CA LYS D 275 -6.23 7.71 -2.38
C LYS D 275 -6.60 7.15 -3.76
N ARG D 276 -7.87 7.21 -4.14
CA ARG D 276 -8.32 6.70 -5.43
C ARG D 276 -8.32 7.77 -6.53
N LEU D 277 -7.88 8.98 -6.24
CA LEU D 277 -7.88 10.09 -7.17
C LEU D 277 -6.58 10.86 -7.01
N PRO D 278 -6.17 11.63 -8.02
CA PRO D 278 -4.94 12.42 -7.88
C PRO D 278 -5.16 13.59 -6.94
N ALA D 279 -4.05 14.22 -6.56
CA ALA D 279 -4.05 15.35 -5.63
C ALA D 279 -4.11 16.69 -6.33
N THR D 280 -4.77 16.77 -7.48
CA THR D 280 -4.84 18.00 -8.25
C THR D 280 -5.65 19.05 -7.51
N SER D 281 -5.42 20.31 -7.88
CA SER D 281 -6.11 21.46 -7.31
C SER D 281 -7.09 22.11 -8.28
N MET D 282 -7.45 21.43 -9.37
CA MET D 282 -8.37 22.04 -10.33
C MET D 282 -9.79 22.08 -9.76
N ALA D 283 -10.17 21.06 -8.99
CA ALA D 283 -11.51 21.01 -8.42
C ALA D 283 -11.51 19.96 -7.32
N ILE D 284 -12.57 19.98 -6.52
CA ILE D 284 -12.78 19.02 -5.44
C ILE D 284 -13.67 17.92 -6.00
N PRO D 285 -13.44 16.64 -5.67
CA PRO D 285 -14.37 15.61 -6.15
C PRO D 285 -15.77 15.80 -5.60
N LEU D 286 -16.76 15.32 -6.36
CA LEU D 286 -18.14 15.38 -5.93
C LEU D 286 -18.33 14.63 -4.60
N ILE D 287 -17.78 13.42 -4.52
CA ILE D 287 -17.86 12.66 -3.28
C ILE D 287 -17.09 13.36 -2.17
N GLY D 288 -15.97 14.00 -2.51
CA GLY D 288 -15.23 14.76 -1.52
C GLY D 288 -16.02 15.95 -0.99
N LYS D 289 -16.71 16.66 -1.90
CA LYS D 289 -17.57 17.75 -1.47
C LYS D 289 -18.69 17.25 -0.57
N PHE D 290 -19.30 16.13 -0.92
CA PHE D 290 -20.36 15.58 -0.09
C PHE D 290 -19.84 15.19 1.28
N LEU D 291 -18.67 14.57 1.35
CA LEU D 291 -18.15 14.13 2.64
C LEU D 291 -17.73 15.33 3.49
N LEU D 292 -17.19 16.38 2.88
CA LEU D 292 -16.88 17.58 3.65
C LEU D 292 -18.14 18.24 4.19
N PHE D 293 -19.18 18.35 3.35
CA PHE D 293 -20.44 18.92 3.80
C PHE D 293 -21.03 18.10 4.93
N GLY D 294 -21.00 16.78 4.80
CA GLY D 294 -21.49 15.91 5.85
C GLY D 294 -20.69 16.02 7.13
N MET D 295 -19.37 16.17 7.02
CA MET D 295 -18.54 16.29 8.21
C MET D 295 -18.83 17.60 8.94
N VAL D 296 -19.01 18.69 8.19
CA VAL D 296 -19.38 19.96 8.81
C VAL D 296 -20.74 19.85 9.49
N LEU D 297 -21.70 19.18 8.83
CA LEU D 297 -23.01 19.00 9.43
C LEU D 297 -22.93 18.15 10.71
N VAL D 298 -22.12 17.10 10.70
CA VAL D 298 -21.98 16.27 11.88
C VAL D 298 -21.32 17.04 13.01
N THR D 299 -20.35 17.89 12.68
CA THR D 299 -19.74 18.73 13.71
C THR D 299 -20.78 19.66 14.33
N MET D 300 -21.61 20.27 13.49
CA MET D 300 -22.67 21.14 14.02
C MET D 300 -23.64 20.35 14.89
N VAL D 301 -23.99 19.12 14.48
CA VAL D 301 -24.93 18.34 15.26
C VAL D 301 -24.31 17.91 16.59
N VAL D 302 -23.01 17.63 16.61
CA VAL D 302 -22.36 17.30 17.87
C VAL D 302 -22.37 18.50 18.80
N VAL D 303 -22.10 19.70 18.27
CA VAL D 303 -22.18 20.91 19.09
C VAL D 303 -23.59 21.09 19.62
N ILE D 304 -24.58 20.80 18.79
CA ILE D 304 -25.98 20.89 19.21
C ILE D 304 -26.27 19.88 20.31
N CYS D 305 -25.72 18.67 20.20
CA CYS D 305 -25.93 17.66 21.23
C CYS D 305 -25.28 18.08 22.54
N VAL D 306 -24.09 18.69 22.46
CA VAL D 306 -23.44 19.21 23.65
C VAL D 306 -24.31 20.27 24.32
N ILE D 307 -24.88 21.17 23.52
CA ILE D 307 -25.72 22.22 24.08
C ILE D 307 -27.00 21.63 24.68
N VAL D 308 -27.58 20.64 24.01
CA VAL D 308 -28.81 20.02 24.52
C VAL D 308 -28.54 19.29 25.83
N LEU D 309 -27.42 18.56 25.91
CA LEU D 309 -27.07 17.90 27.16
C LEU D 309 -26.79 18.91 28.25
N ASN D 310 -26.17 20.05 27.90
CA ASN D 310 -25.95 21.11 28.87
C ASN D 310 -27.27 21.63 29.41
N ILE D 311 -28.25 21.82 28.54
CA ILE D 311 -29.55 22.34 28.98
C ILE D 311 -30.28 21.30 29.82
N HIS D 312 -30.15 20.02 29.47
CA HIS D 312 -30.93 18.98 30.13
C HIS D 312 -30.48 18.77 31.58
N PHE D 313 -29.19 18.89 31.85
CA PHE D 313 -28.62 18.60 33.15
C PHE D 313 -28.47 19.84 34.02
N ARG D 314 -29.37 20.81 33.85
CA ARG D 314 -29.40 22.00 34.69
C ARG D 314 -30.25 21.74 35.93
N THR D 315 -29.92 22.46 36.99
CA THR D 315 -30.53 22.30 38.31
C THR D 315 -30.87 23.68 38.86
N PRO D 316 -31.79 23.76 39.83
CA PRO D 316 -31.99 25.04 40.53
C PRO D 316 -30.74 25.57 41.22
N SER D 317 -29.84 24.69 41.63
CA SER D 317 -28.65 25.12 42.37
C SER D 317 -27.57 25.73 41.47
N THR D 318 -27.75 25.72 40.14
CA THR D 318 -26.80 26.28 39.20
C THR D 318 -27.36 27.32 38.24
N HIS D 319 -28.55 27.10 37.68
CA HIS D 319 -29.13 28.01 36.70
C HIS D 319 -30.58 28.32 37.07
N VAL D 320 -31.01 29.52 36.69
CA VAL D 320 -32.35 30.02 36.94
C VAL D 320 -33.13 29.92 35.65
N LEU D 321 -34.24 29.20 35.67
CA LEU D 321 -35.09 29.02 34.50
C LEU D 321 -35.99 30.24 34.37
N SER D 322 -35.57 31.20 33.56
CA SER D 322 -36.32 32.43 33.41
C SER D 322 -37.68 32.18 32.77
N GLU D 323 -38.67 32.97 33.18
CA GLU D 323 -40.01 32.85 32.60
C GLU D 323 -40.03 33.07 31.10
N PRO D 324 -39.28 34.01 30.51
CA PRO D 324 -39.24 34.07 29.03
C PRO D 324 -38.79 32.77 28.39
N VAL D 325 -37.69 32.18 28.88
CA VAL D 325 -37.21 30.92 28.32
C VAL D 325 -38.24 29.83 28.54
N LYS D 326 -38.85 29.80 29.73
CA LYS D 326 -39.86 28.81 30.05
C LYS D 326 -41.02 28.87 29.05
N LYS D 327 -41.58 30.06 28.86
CA LYS D 327 -42.72 30.22 27.96
C LYS D 327 -42.32 29.90 26.52
N LEU D 328 -41.13 30.35 26.09
CA LEU D 328 -40.71 30.14 24.72
C LEU D 328 -40.53 28.65 24.42
N PHE D 329 -39.90 27.91 25.33
CA PHE D 329 -39.46 26.55 25.05
C PHE D 329 -40.38 25.47 25.62
N LEU D 330 -41.48 25.84 26.29
CA LEU D 330 -42.43 24.86 26.80
C LEU D 330 -43.86 25.07 26.35
N GLU D 331 -44.22 26.26 25.86
CA GLU D 331 -45.58 26.54 25.37
C GLU D 331 -45.59 26.96 23.91
N THR D 332 -44.71 27.89 23.51
CA THR D 332 -44.76 28.42 22.15
C THR D 332 -44.25 27.38 21.15
N LEU D 333 -43.00 26.97 21.28
CA LEU D 333 -42.39 26.07 20.30
C LEU D 333 -43.05 24.69 20.27
N PRO D 334 -43.32 24.02 21.40
CA PRO D 334 -43.94 22.69 21.32
C PRO D 334 -45.28 22.68 20.61
N GLU D 335 -46.06 23.75 20.69
CA GLU D 335 -47.35 23.78 20.00
C GLU D 335 -47.17 23.76 18.49
N ILE D 336 -46.24 24.57 17.97
CA ILE D 336 -46.03 24.61 16.52
C ILE D 336 -45.33 23.35 16.03
N LEU D 337 -44.36 22.84 16.80
CA LEU D 337 -43.58 21.70 16.34
C LEU D 337 -44.44 20.45 16.20
N HIS D 338 -45.34 20.21 17.15
CA HIS D 338 -46.22 19.05 17.08
C HIS D 338 -47.25 19.23 15.96
N GLN D 407 -49.85 20.37 80.57
CA GLN D 407 -50.01 20.75 79.17
C GLN D 407 -48.98 20.04 78.29
N GLU D 408 -49.10 18.71 78.21
CA GLU D 408 -48.19 17.94 77.37
C GLU D 408 -48.37 18.28 75.90
N LEU D 409 -49.60 18.62 75.49
CA LEU D 409 -49.89 18.89 74.08
C LEU D 409 -49.09 20.04 73.51
N PHE D 410 -48.59 20.94 74.37
CA PHE D 410 -47.68 21.98 73.92
C PHE D 410 -46.23 21.52 74.00
N SER D 411 -45.74 21.24 75.21
CA SER D 411 -44.31 21.04 75.42
C SER D 411 -43.84 19.68 74.92
N GLU D 412 -44.51 18.60 75.32
CA GLU D 412 -44.07 17.27 74.90
C GLU D 412 -44.27 17.06 73.40
N LEU D 413 -45.24 17.75 72.80
CA LEU D 413 -45.56 17.60 71.40
C LEU D 413 -44.86 18.61 70.49
N LYS D 414 -44.17 19.61 71.05
CA LYS D 414 -43.35 20.47 70.21
C LYS D 414 -42.31 19.72 69.39
N PRO D 415 -41.59 18.73 69.93
CA PRO D 415 -40.70 17.94 69.05
C PRO D 415 -41.41 17.31 67.88
N ALA D 416 -42.61 16.77 68.11
CA ALA D 416 -43.35 16.09 67.04
C ALA D 416 -43.75 17.07 65.95
N VAL D 417 -44.35 18.19 66.33
CA VAL D 417 -44.81 19.15 65.33
C VAL D 417 -43.64 19.79 64.60
N ASP D 418 -42.54 20.05 65.32
CA ASP D 418 -41.36 20.62 64.68
C ASP D 418 -40.78 19.66 63.66
N GLY D 419 -40.64 18.38 64.03
CA GLY D 419 -40.15 17.40 63.09
C GLY D 419 -41.06 17.23 61.89
N ALA D 420 -42.37 17.21 62.13
CA ALA D 420 -43.32 17.08 61.03
C ALA D 420 -43.22 18.26 60.07
N ASN D 421 -43.14 19.48 60.61
CA ASN D 421 -43.04 20.67 59.77
C ASN D 421 -41.75 20.64 58.95
N PHE D 422 -40.63 20.26 59.58
CA PHE D 422 -39.38 20.20 58.85
C PHE D 422 -39.41 19.15 57.76
N ILE D 423 -39.98 17.97 58.05
CA ILE D 423 -40.08 16.92 57.05
C ILE D 423 -40.93 17.39 55.88
N VAL D 424 -42.05 18.06 56.18
CA VAL D 424 -42.95 18.52 55.13
C VAL D 424 -42.26 19.57 54.26
N ASN D 425 -41.54 20.50 54.89
CA ASN D 425 -40.82 21.52 54.12
C ASN D 425 -39.74 20.89 53.25
N HIS D 426 -39.04 19.88 53.77
CA HIS D 426 -38.06 19.18 52.97
C HIS D 426 -38.70 18.51 51.75
N MET D 427 -39.85 17.88 51.95
CA MET D 427 -40.54 17.24 50.83
C MET D 427 -40.99 18.27 49.79
N LYS D 428 -41.50 19.42 50.25
CA LYS D 428 -41.91 20.45 49.30
C LYS D 428 -40.71 20.98 48.51
N ASP D 429 -39.59 21.21 49.18
CA ASP D 429 -38.40 21.67 48.48
C ASP D 429 -37.92 20.64 47.47
N GLN D 430 -37.95 19.36 47.84
CA GLN D 430 -37.56 18.30 46.90
C GLN D 430 -38.48 18.27 45.69
N ASN D 431 -39.78 18.43 45.93
CA ASN D 431 -40.74 18.44 44.82
C ASN D 431 -40.48 19.61 43.89
N ASN D 432 -40.24 20.80 44.43
CA ASN D 432 -39.95 21.95 43.59
C ASN D 432 -38.67 21.74 42.78
N TYR D 433 -37.65 21.16 43.42
CA TYR D 433 -36.42 20.83 42.73
C TYR D 433 -36.70 19.89 41.55
N ASN D 434 -37.51 18.85 41.79
CA ASN D 434 -37.80 17.88 40.76
C ASN D 434 -38.59 18.50 39.60
N GLU D 435 -39.57 19.37 39.91
CA GLU D 435 -40.32 20.02 38.84
C GLU D 435 -39.40 20.91 38.00
N GLU D 436 -38.47 21.61 38.65
CA GLU D 436 -37.52 22.41 37.87
C GLU D 436 -36.66 21.54 36.98
N LYS D 437 -36.22 20.39 37.49
CA LYS D 437 -35.44 19.46 36.66
C LYS D 437 -36.24 19.00 35.45
N ASP D 438 -37.52 18.65 35.67
CA ASP D 438 -38.36 18.22 34.57
C ASP D 438 -38.55 19.33 33.56
N CYS D 439 -38.73 20.57 34.02
CA CYS D 439 -38.89 21.69 33.11
C CYS D 439 -37.66 21.85 32.23
N TRP D 440 -36.46 21.74 32.83
CA TRP D 440 -35.24 21.80 32.04
C TRP D 440 -35.18 20.67 31.01
N ASN D 441 -35.62 19.46 31.41
CA ASN D 441 -35.60 18.33 30.48
C ASN D 441 -36.52 18.58 29.30
N ARG D 442 -37.72 19.10 29.53
CA ARG D 442 -38.63 19.40 28.43
C ARG D 442 -38.10 20.53 27.55
N VAL D 443 -37.43 21.53 28.14
CA VAL D 443 -36.81 22.56 27.31
C VAL D 443 -35.76 21.93 26.39
N ALA D 444 -34.94 21.03 26.93
CA ALA D 444 -33.94 20.36 26.11
C ALA D 444 -34.58 19.54 25.00
N ARG D 445 -35.68 18.86 25.31
CA ARG D 445 -36.38 18.08 24.27
C ARG D 445 -36.92 18.98 23.18
N THR D 446 -37.47 20.14 23.54
CA THR D 446 -37.97 21.07 22.53
C THR D 446 -36.84 21.55 21.64
N VAL D 447 -35.69 21.87 22.23
CA VAL D 447 -34.53 22.26 21.43
C VAL D 447 -34.12 21.13 20.50
N ASP D 448 -34.17 19.89 20.98
CA ASP D 448 -33.80 18.75 20.15
C ASP D 448 -34.73 18.61 18.95
N ARG D 449 -36.04 18.74 19.16
CA ARG D 449 -36.98 18.63 18.05
C ARG D 449 -36.81 19.77 17.05
N LEU D 450 -36.60 20.99 17.55
CA LEU D 450 -36.37 22.11 16.64
C LEU D 450 -35.11 21.88 15.81
N CYS D 451 -34.04 21.41 16.45
CA CYS D 451 -32.80 21.17 15.71
C CYS D 451 -32.96 20.05 14.70
N LEU D 452 -33.78 19.04 15.03
CA LEU D 452 -34.10 18.00 14.04
C LEU D 452 -34.75 18.60 12.81
N PHE D 453 -35.83 19.36 13.02
CA PHE D 453 -36.55 19.92 11.88
C PHE D 453 -35.75 20.98 11.14
N VAL D 454 -34.71 21.54 11.76
CA VAL D 454 -33.85 22.50 11.07
C VAL D 454 -32.72 21.80 10.31
N VAL D 455 -32.21 20.68 10.83
CA VAL D 455 -30.99 20.09 10.28
C VAL D 455 -31.32 19.05 9.21
N THR D 456 -32.34 18.22 9.42
CA THR D 456 -32.62 17.16 8.45
C THR D 456 -32.98 17.71 7.05
N PRO D 457 -33.83 18.74 6.91
CA PRO D 457 -34.03 19.31 5.58
C PRO D 457 -32.76 19.81 4.92
N ILE D 458 -31.86 20.45 5.68
CA ILE D 458 -30.64 20.99 5.11
C ILE D 458 -29.78 19.86 4.55
N MET D 459 -29.65 18.78 5.33
CA MET D 459 -28.82 17.66 4.88
C MET D 459 -29.42 16.99 3.66
N VAL D 460 -30.75 16.77 3.65
CA VAL D 460 -31.39 16.13 2.51
C VAL D 460 -31.22 17.00 1.27
N VAL D 461 -31.43 18.32 1.41
CA VAL D 461 -31.31 19.21 0.25
C VAL D 461 -29.90 19.22 -0.28
N GLY D 462 -28.90 19.34 0.60
CA GLY D 462 -27.52 19.34 0.15
C GLY D 462 -27.13 18.05 -0.53
N THR D 463 -27.52 16.92 0.05
CA THR D 463 -27.21 15.62 -0.54
C THR D 463 -27.84 15.49 -1.93
N ALA D 464 -29.13 15.84 -2.03
CA ALA D 464 -29.81 15.76 -3.32
C ALA D 464 -29.16 16.67 -4.35
N TRP D 465 -28.79 17.89 -3.94
CA TRP D 465 -28.16 18.81 -4.87
C TRP D 465 -26.83 18.26 -5.38
N ILE D 466 -26.00 17.75 -4.47
CA ILE D 466 -24.68 17.27 -4.87
C ILE D 466 -24.81 16.08 -5.80
N PHE D 467 -25.69 15.13 -5.46
CA PHE D 467 -25.80 13.93 -6.29
C PHE D 467 -26.62 14.17 -7.56
N LEU D 468 -27.38 15.27 -7.66
CA LEU D 468 -28.01 15.63 -8.92
C LEU D 468 -27.04 16.35 -9.84
N GLN D 469 -26.14 17.16 -9.29
CA GLN D 469 -24.98 17.58 -10.07
C GLN D 469 -24.20 16.37 -10.58
N GLY D 470 -24.05 15.35 -9.73
CA GLY D 470 -23.34 14.15 -10.16
C GLY D 470 -24.06 13.40 -11.27
N ALA D 471 -25.36 13.19 -11.12
CA ALA D 471 -26.09 12.33 -12.04
C ALA D 471 -26.29 12.98 -13.39
N TYR D 472 -26.57 14.28 -13.43
CA TYR D 472 -26.88 14.98 -14.67
C TYR D 472 -25.64 15.28 -15.51
N ASN D 473 -24.44 14.98 -15.01
CA ASN D 473 -23.24 15.17 -15.82
C ASN D 473 -23.17 14.10 -16.91
N GLN D 474 -23.04 14.55 -18.15
CA GLN D 474 -22.91 13.68 -19.30
C GLN D 474 -21.89 14.27 -20.26
N PRO D 475 -21.31 13.47 -21.15
CA PRO D 475 -20.36 14.02 -22.12
C PRO D 475 -21.07 14.92 -23.12
N PRO D 476 -20.33 15.74 -23.87
CA PRO D 476 -20.98 16.60 -24.85
C PRO D 476 -21.58 15.78 -25.98
N PRO D 477 -22.62 16.30 -26.66
CA PRO D 477 -23.16 15.54 -27.80
C PRO D 477 -22.15 15.34 -28.93
N GLN D 478 -21.23 16.30 -29.11
CA GLN D 478 -20.23 16.27 -30.17
C GLN D 478 -18.83 16.08 -29.58
N PRO D 479 -17.90 15.42 -30.29
CA PRO D 479 -16.57 15.23 -29.71
C PRO D 479 -15.83 16.53 -29.45
N PHE D 480 -15.98 17.51 -30.33
CA PHE D 480 -15.29 18.80 -30.24
C PHE D 480 -16.34 19.90 -30.16
N PRO D 481 -16.44 20.66 -29.06
CA PRO D 481 -17.36 21.80 -29.04
C PRO D 481 -17.02 22.81 -30.13
N GLY D 482 -18.06 23.33 -30.78
CA GLY D 482 -17.91 24.25 -31.89
C GLY D 482 -17.78 23.60 -33.25
N ASP D 483 -17.62 22.28 -33.31
CA ASP D 483 -17.50 21.54 -34.55
C ASP D 483 -18.75 20.68 -34.74
N PRO D 484 -19.61 20.92 -35.75
CA PRO D 484 -20.85 20.14 -35.84
C PRO D 484 -20.64 18.69 -36.24
N PHE D 485 -19.48 18.33 -36.79
CA PHE D 485 -19.27 16.98 -37.30
C PHE D 485 -19.27 15.97 -36.15
N SER D 486 -19.92 14.83 -36.37
CA SER D 486 -20.08 13.81 -35.34
C SER D 486 -18.94 12.81 -35.28
N TYR D 487 -18.10 12.74 -36.32
CA TYR D 487 -16.97 11.80 -36.36
C TYR D 487 -17.44 10.36 -36.17
N LEU D 488 -18.55 10.01 -36.81
CA LEU D 488 -19.10 8.66 -36.80
C LEU D 488 -18.97 8.03 -38.17
N GLU D 489 -18.93 6.70 -38.20
CA GLU D 489 -18.80 5.99 -39.47
C GLU D 489 -19.99 6.26 -40.37
N LYS D 490 -21.19 6.32 -39.79
CA LYS D 490 -22.40 6.57 -40.60
C LYS D 490 -22.34 7.92 -41.30
N ASP D 491 -21.62 8.89 -40.74
CA ASP D 491 -21.51 10.23 -41.30
C ASP D 491 -20.18 10.44 -42.02
N LYS D 492 -19.70 9.40 -42.70
CA LYS D 492 -18.45 9.50 -43.46
C LYS D 492 -18.57 10.57 -44.53
N ARG D 493 -17.52 11.39 -44.64
CA ARG D 493 -17.52 12.56 -45.53
C ARG D 493 -16.75 12.20 -46.80
N PHE D 494 -17.50 11.86 -47.85
CA PHE D 494 -16.89 11.45 -49.11
C PHE D 494 -16.23 12.65 -49.79
N ILE D 495 -14.94 12.53 -50.08
CA ILE D 495 -14.21 13.54 -50.83
C ILE D 495 -12.84 12.97 -51.19
N ARG E 1 51.84 -9.82 -23.13
CA ARG E 1 50.68 -10.62 -23.61
C ARG E 1 50.95 -11.26 -24.96
N ASN E 2 52.24 -11.34 -25.33
CA ASN E 2 52.57 -11.94 -26.62
C ASN E 2 52.18 -13.42 -26.65
N GLN E 3 52.48 -14.15 -25.57
CA GLN E 3 52.14 -15.57 -25.54
C GLN E 3 50.64 -15.78 -25.40
N GLU E 4 49.97 -14.97 -24.58
CA GLU E 4 48.52 -15.08 -24.45
C GLU E 4 47.84 -14.76 -25.77
N GLU E 5 48.30 -13.70 -26.45
CA GLU E 5 47.72 -13.33 -27.73
C GLU E 5 47.96 -14.43 -28.77
N ARG E 6 49.18 -14.98 -28.80
CA ARG E 6 49.49 -16.07 -29.72
C ARG E 6 48.58 -17.26 -29.47
N LEU E 7 48.41 -17.65 -28.21
CA LEU E 7 47.57 -18.80 -27.90
C LEU E 7 46.12 -18.54 -28.27
N LEU E 8 45.60 -17.34 -27.96
CA LEU E 8 44.21 -17.06 -28.30
C LEU E 8 44.01 -17.08 -29.80
N GLY E 9 44.95 -16.52 -30.55
CA GLY E 9 44.85 -16.59 -32.01
C GLY E 9 44.86 -18.01 -32.51
N ASP E 10 45.79 -18.83 -32.00
CA ASP E 10 45.88 -20.21 -32.46
C ASP E 10 44.64 -21.00 -32.12
N LEU E 11 44.09 -20.80 -30.92
CA LEU E 11 42.94 -21.59 -30.49
C LEU E 11 41.67 -21.16 -31.21
N MET E 12 41.50 -19.87 -31.46
CA MET E 12 40.27 -19.35 -32.02
C MET E 12 40.20 -19.44 -33.55
N GLN E 13 41.25 -19.90 -34.21
CA GLN E 13 41.18 -20.11 -35.66
C GLN E 13 40.33 -21.34 -35.94
N GLY E 14 39.19 -21.14 -36.60
CA GLY E 14 38.30 -22.23 -36.95
C GLY E 14 37.40 -22.72 -35.84
N TYR E 15 37.42 -22.08 -34.67
CA TYR E 15 36.60 -22.51 -33.55
C TYR E 15 35.18 -21.99 -33.71
N ASN E 16 34.20 -22.88 -33.64
CA ASN E 16 32.79 -22.52 -33.69
C ASN E 16 32.20 -22.64 -32.30
N PRO E 17 31.83 -21.54 -31.61
CA PRO E 17 31.26 -21.69 -30.27
C PRO E 17 29.86 -22.29 -30.25
N HIS E 18 29.18 -22.38 -31.39
CA HIS E 18 27.83 -22.92 -31.44
C HIS E 18 27.79 -24.42 -31.67
N LEU E 19 28.95 -25.08 -31.77
CA LEU E 19 29.03 -26.51 -32.03
C LEU E 19 29.62 -27.22 -30.82
N ARG E 20 29.08 -28.40 -30.53
CA ARG E 20 29.48 -29.12 -29.33
C ARG E 20 30.92 -29.62 -29.46
N PRO E 21 31.66 -29.82 -28.30
CA PRO E 21 33.01 -30.40 -28.35
C PRO E 21 33.04 -31.93 -28.46
N ALA E 22 32.25 -32.47 -29.38
CA ALA E 22 32.22 -33.91 -29.64
C ALA E 22 33.22 -34.21 -30.75
N GLU E 23 34.34 -34.82 -30.38
CA GLU E 23 35.34 -35.19 -31.38
C GLU E 23 34.77 -36.18 -32.38
N HIS E 24 33.98 -37.14 -31.88
CA HIS E 24 33.29 -38.13 -32.74
C HIS E 24 31.81 -38.05 -32.34
N ASP E 25 30.89 -38.04 -33.30
CA ASP E 25 29.46 -38.01 -33.00
C ASP E 25 29.09 -39.22 -32.16
N SER E 26 28.01 -39.08 -31.38
CA SER E 26 27.53 -40.00 -30.36
C SER E 26 28.32 -39.88 -29.07
N ASP E 27 29.35 -39.03 -29.00
CA ASP E 27 30.03 -38.75 -27.74
C ASP E 27 29.17 -37.85 -26.88
N VAL E 28 29.35 -37.98 -25.56
CA VAL E 28 28.61 -37.22 -24.57
C VAL E 28 29.60 -36.37 -23.79
N VAL E 29 29.28 -35.09 -23.64
CA VAL E 29 30.15 -34.14 -22.95
C VAL E 29 29.76 -34.11 -21.48
N ASN E 30 30.70 -34.44 -20.61
CA ASN E 30 30.46 -34.47 -19.16
C ASN E 30 30.53 -33.03 -18.65
N VAL E 31 29.51 -32.57 -17.94
CA VAL E 31 29.42 -31.22 -17.38
C VAL E 31 29.23 -31.38 -15.87
N SER E 32 30.23 -30.97 -15.11
CA SER E 32 30.18 -30.99 -13.66
C SER E 32 29.60 -29.68 -13.15
N LEU E 33 28.70 -29.79 -12.17
CA LEU E 33 27.95 -28.66 -11.64
C LEU E 33 28.14 -28.60 -10.13
N LYS E 34 28.46 -27.40 -9.64
CA LYS E 34 28.53 -27.14 -8.21
C LYS E 34 27.89 -25.79 -7.94
N LEU E 35 27.25 -25.66 -6.76
CA LEU E 35 26.61 -24.41 -6.36
C LEU E 35 27.20 -23.95 -5.04
N THR E 36 27.51 -22.65 -4.96
CA THR E 36 28.02 -22.03 -3.75
C THR E 36 27.05 -20.92 -3.35
N LEU E 37 26.36 -21.10 -2.24
CA LEU E 37 25.45 -20.07 -1.74
C LEU E 37 26.24 -19.00 -1.00
N THR E 38 26.16 -17.76 -1.46
CA THR E 38 26.84 -16.65 -0.82
C THR E 38 25.93 -15.92 0.16
N ASN E 39 24.64 -15.83 -0.16
CA ASN E 39 23.69 -15.15 0.70
C ASN E 39 22.27 -15.51 0.29
N LEU E 40 21.47 -16.01 1.23
CA LEU E 40 20.05 -16.24 1.00
C LEU E 40 19.36 -14.89 1.18
N ILE E 41 19.08 -14.22 0.06
CA ILE E 41 18.62 -12.84 0.14
C ILE E 41 17.25 -12.76 0.79
N SER E 42 16.30 -13.58 0.33
CA SER E 42 14.97 -13.52 0.93
C SER E 42 14.15 -14.74 0.51
N LEU E 43 13.05 -14.95 1.23
CA LEU E 43 11.96 -15.83 0.80
C LEU E 43 10.68 -15.00 0.88
N ASN E 44 10.22 -14.47 -0.25
CA ASN E 44 8.96 -13.77 -0.32
C ASN E 44 7.84 -14.80 -0.29
N GLU E 45 7.13 -14.86 0.85
CA GLU E 45 6.11 -15.89 1.01
C GLU E 45 4.86 -15.57 0.22
N ARG E 46 4.54 -14.28 0.07
CA ARG E 46 3.38 -13.89 -0.73
C ARG E 46 3.54 -14.32 -2.19
N GLU E 47 4.67 -13.97 -2.80
CA GLU E 47 4.97 -14.38 -4.16
C GLU E 47 5.52 -15.80 -4.23
N GLU E 48 5.85 -16.42 -3.09
CA GLU E 48 6.44 -17.76 -3.06
C GLU E 48 7.69 -17.83 -3.92
N ALA E 49 8.63 -16.94 -3.64
CA ALA E 49 9.85 -16.79 -4.42
C ALA E 49 11.05 -16.70 -3.50
N LEU E 50 12.04 -17.57 -3.72
CA LEU E 50 13.28 -17.56 -2.97
C LEU E 50 14.33 -16.83 -3.80
N THR E 51 14.85 -15.73 -3.27
CA THR E 51 15.91 -14.95 -3.88
C THR E 51 17.23 -15.32 -3.20
N THR E 52 18.19 -15.81 -4.00
CA THR E 52 19.48 -16.27 -3.50
C THR E 52 20.60 -15.70 -4.36
N ASN E 53 21.70 -15.34 -3.68
CA ASN E 53 22.95 -15.00 -4.34
C ASN E 53 23.81 -16.26 -4.38
N VAL E 54 24.19 -16.69 -5.57
CA VAL E 54 24.92 -17.94 -5.74
C VAL E 54 26.07 -17.74 -6.72
N TRP E 55 27.05 -18.62 -6.63
CA TRP E 55 28.08 -18.82 -7.64
C TRP E 55 27.89 -20.22 -8.19
N ILE E 56 27.64 -20.31 -9.49
CA ILE E 56 27.33 -21.57 -10.15
C ILE E 56 28.58 -21.98 -10.93
N GLU E 57 29.25 -23.03 -10.45
CA GLU E 57 30.49 -23.51 -11.05
C GLU E 57 30.17 -24.59 -12.05
N MET E 58 30.55 -24.37 -13.31
CA MET E 58 30.33 -25.31 -14.41
C MET E 58 31.69 -25.68 -14.97
N GLN E 59 31.97 -26.98 -15.03
CA GLN E 59 33.23 -27.48 -15.56
C GLN E 59 32.95 -28.48 -16.68
N TRP E 60 33.71 -28.37 -17.77
CA TRP E 60 33.65 -29.34 -18.85
C TRP E 60 35.01 -29.31 -19.54
N CYS E 61 35.16 -30.09 -20.61
CA CYS E 61 36.42 -30.13 -21.34
C CYS E 61 36.18 -30.07 -22.84
N ASP E 62 36.80 -29.08 -23.48
CA ASP E 62 36.74 -28.84 -24.90
C ASP E 62 38.02 -29.38 -25.52
N TYR E 63 37.91 -30.39 -26.38
CA TYR E 63 39.10 -30.93 -27.03
C TYR E 63 39.72 -29.94 -28.01
N ARG E 64 38.97 -28.95 -28.48
CA ARG E 64 39.47 -27.98 -29.42
C ARG E 64 40.37 -26.93 -28.77
N LEU E 65 40.30 -26.77 -27.45
CA LEU E 65 41.04 -25.74 -26.74
C LEU E 65 42.26 -26.30 -26.01
N ARG E 66 42.85 -27.38 -26.52
CA ARG E 66 44.07 -27.92 -25.94
C ARG E 66 45.29 -27.22 -26.51
N TRP E 67 46.33 -27.12 -25.67
CA TRP E 67 47.60 -26.59 -26.14
C TRP E 67 48.71 -27.14 -25.26
N ASP E 68 49.93 -27.09 -25.79
CA ASP E 68 51.13 -27.44 -25.03
C ASP E 68 51.72 -26.19 -24.40
N PRO E 69 51.85 -26.09 -23.07
CA PRO E 69 52.43 -24.87 -22.50
C PRO E 69 53.86 -24.60 -22.95
N ARG E 70 54.63 -25.65 -23.27
CA ARG E 70 56.02 -25.44 -23.68
C ARG E 70 56.10 -24.66 -24.98
N ASP E 71 55.08 -24.77 -25.83
CA ASP E 71 55.05 -24.01 -27.08
C ASP E 71 54.64 -22.55 -26.87
N TYR E 72 54.24 -22.16 -25.66
CA TYR E 72 53.71 -20.82 -25.40
C TYR E 72 54.33 -20.23 -24.14
N GLY E 73 55.63 -20.46 -23.95
CA GLY E 73 56.35 -19.84 -22.85
C GLY E 73 55.84 -20.21 -21.48
N GLY E 74 55.37 -21.44 -21.30
CA GLY E 74 54.91 -21.87 -20.00
C GLY E 74 53.60 -21.26 -19.54
N LEU E 75 52.72 -20.89 -20.47
CA LEU E 75 51.41 -20.38 -20.12
C LEU E 75 50.49 -21.55 -19.82
N TRP E 76 49.91 -21.56 -18.61
CA TRP E 76 49.12 -22.68 -18.10
C TRP E 76 47.69 -22.31 -17.77
N VAL E 77 47.22 -21.13 -18.17
CA VAL E 77 45.83 -20.73 -17.95
C VAL E 77 45.54 -19.56 -18.87
N LEU E 78 44.31 -19.50 -19.37
CA LEU E 78 43.88 -18.41 -20.24
C LEU E 78 42.48 -17.98 -19.87
N ARG E 79 42.31 -16.68 -19.64
CA ARG E 79 40.99 -16.10 -19.40
C ARG E 79 40.39 -15.67 -20.74
N VAL E 80 39.27 -16.27 -21.10
CA VAL E 80 38.62 -16.05 -22.38
C VAL E 80 37.22 -15.54 -22.11
N PRO E 81 36.66 -14.58 -22.86
CA PRO E 81 35.24 -14.24 -22.65
C PRO E 81 34.35 -15.44 -22.90
N SER E 82 33.35 -15.59 -22.04
CA SER E 82 32.49 -16.77 -22.11
C SER E 82 31.64 -16.83 -23.36
N THR E 83 31.52 -15.73 -24.10
CA THR E 83 30.73 -15.72 -25.33
C THR E 83 31.47 -16.33 -26.52
N MET E 84 32.81 -16.41 -26.46
CA MET E 84 33.58 -16.93 -27.58
C MET E 84 33.84 -18.43 -27.50
N VAL E 85 33.57 -19.06 -26.36
CA VAL E 85 33.69 -20.51 -26.22
C VAL E 85 32.29 -21.11 -26.28
N TRP E 86 32.23 -22.41 -26.60
CA TRP E 86 30.99 -23.13 -26.46
C TRP E 86 30.67 -23.33 -24.98
N ARG E 87 29.39 -23.24 -24.64
CA ARG E 87 28.91 -23.44 -23.30
C ARG E 87 27.74 -24.42 -23.32
N PRO E 88 27.55 -25.21 -22.25
CA PRO E 88 26.25 -25.88 -22.10
C PRO E 88 25.23 -24.89 -21.55
N ASP E 89 24.07 -24.82 -22.18
CA ASP E 89 23.09 -23.80 -21.84
C ASP E 89 22.36 -24.19 -20.55
N ILE E 90 23.11 -24.20 -19.46
CA ILE E 90 22.58 -24.55 -18.16
C ILE E 90 21.75 -23.39 -17.64
N VAL E 91 20.50 -23.68 -17.30
CA VAL E 91 19.54 -22.68 -16.86
C VAL E 91 18.81 -23.21 -15.63
N LEU E 92 18.32 -22.27 -14.83
CA LEU E 92 17.45 -22.58 -13.70
C LEU E 92 16.03 -22.76 -14.21
N GLU E 93 15.53 -23.99 -14.20
CA GLU E 93 14.24 -24.28 -14.80
C GLU E 93 13.10 -23.66 -13.99
N ASN E 94 13.19 -23.70 -12.67
CA ASN E 94 12.10 -23.27 -11.80
C ASN E 94 12.21 -21.80 -11.40
N ASN E 95 12.80 -20.97 -12.26
CA ASN E 95 12.80 -19.53 -12.03
C ASN E 95 11.38 -18.98 -12.11
N VAL E 96 11.14 -17.90 -11.37
CA VAL E 96 9.81 -17.30 -11.28
C VAL E 96 9.72 -16.03 -12.10
N ASP E 97 10.85 -15.34 -12.31
CA ASP E 97 10.87 -14.05 -12.97
C ASP E 97 11.20 -14.12 -14.45
N GLY E 98 11.38 -15.33 -15.00
CA GLY E 98 11.73 -15.47 -16.39
C GLY E 98 13.21 -15.35 -16.70
N VAL E 99 14.06 -15.12 -15.70
CA VAL E 99 15.49 -15.04 -15.90
C VAL E 99 16.05 -16.46 -15.80
N PHE E 100 16.44 -17.03 -16.94
CA PHE E 100 16.94 -18.39 -17.00
C PHE E 100 18.44 -18.49 -16.81
N GLU E 101 19.19 -17.50 -17.31
CA GLU E 101 20.64 -17.58 -17.39
C GLU E 101 21.30 -16.77 -16.28
N VAL E 102 22.62 -16.89 -16.20
CA VAL E 102 23.37 -16.19 -15.16
C VAL E 102 23.32 -14.68 -15.42
N ALA E 103 23.70 -13.93 -14.38
CA ALA E 103 23.63 -12.47 -14.45
C ALA E 103 24.79 -11.91 -15.26
N LEU E 104 26.02 -12.15 -14.80
CA LEU E 104 27.22 -11.65 -15.44
C LEU E 104 27.85 -12.77 -16.25
N TYR E 105 28.12 -12.51 -17.54
CA TYR E 105 28.84 -13.46 -18.39
C TYR E 105 30.33 -13.17 -18.26
N CYS E 106 30.89 -13.64 -17.14
CA CYS E 106 32.30 -13.44 -16.87
C CYS E 106 33.15 -14.33 -17.77
N ASN E 107 34.46 -14.23 -17.61
CA ASN E 107 35.38 -15.03 -18.41
C ASN E 107 35.38 -16.48 -17.92
N VAL E 108 35.68 -17.37 -18.85
CA VAL E 108 36.03 -18.75 -18.54
C VAL E 108 37.55 -18.83 -18.39
N LEU E 109 37.99 -19.84 -17.64
CA LEU E 109 39.40 -20.11 -17.40
C LEU E 109 39.74 -21.45 -18.07
N VAL E 110 40.39 -21.38 -19.22
CA VAL E 110 40.78 -22.55 -20.00
C VAL E 110 42.17 -22.99 -19.57
N SER E 111 42.37 -24.30 -19.49
CA SER E 111 43.60 -24.93 -19.07
C SER E 111 44.23 -25.71 -20.22
N PRO E 112 45.54 -26.04 -20.14
CA PRO E 112 46.21 -26.63 -21.30
C PRO E 112 45.62 -27.95 -21.78
N ASP E 113 45.00 -28.72 -20.90
CA ASP E 113 44.36 -29.98 -21.29
C ASP E 113 42.96 -29.77 -21.87
N GLY E 114 42.56 -28.52 -22.13
CA GLY E 114 41.30 -28.24 -22.76
C GLY E 114 40.13 -28.07 -21.81
N CYS E 115 40.35 -28.20 -20.50
CA CYS E 115 39.24 -28.20 -19.55
C CYS E 115 38.89 -26.78 -19.13
N VAL E 116 37.64 -26.42 -19.36
CA VAL E 116 37.13 -25.06 -19.18
C VAL E 116 36.45 -24.97 -17.83
N TYR E 117 36.76 -23.91 -17.09
CA TYR E 117 36.22 -23.68 -15.75
C TYR E 117 35.51 -22.34 -15.78
N TRP E 118 34.19 -22.38 -15.63
CA TRP E 118 33.34 -21.19 -15.58
C TRP E 118 32.69 -21.09 -14.20
N LEU E 119 32.71 -19.90 -13.62
CA LEU E 119 32.18 -19.68 -12.27
C LEU E 119 31.51 -18.30 -12.19
N PRO E 120 30.39 -18.11 -12.89
CA PRO E 120 29.72 -16.81 -12.86
C PRO E 120 28.96 -16.61 -11.56
N PRO E 121 28.67 -15.36 -11.18
CA PRO E 121 27.72 -15.12 -10.10
C PRO E 121 26.31 -14.95 -10.65
N ALA E 122 25.34 -15.15 -9.76
CA ALA E 122 23.93 -15.06 -10.16
C ALA E 122 23.08 -14.66 -8.97
N ILE E 123 22.01 -13.94 -9.27
CA ILE E 123 20.94 -13.64 -8.32
C ILE E 123 19.71 -14.36 -8.86
N PHE E 124 19.40 -15.52 -8.30
CA PHE E 124 18.33 -16.38 -8.81
C PHE E 124 17.09 -16.23 -7.94
N ARG E 125 15.94 -16.09 -8.60
CA ARG E 125 14.63 -16.01 -7.96
C ARG E 125 13.85 -17.25 -8.36
N SER E 126 13.96 -18.29 -7.53
CA SER E 126 13.34 -19.58 -7.80
C SER E 126 11.96 -19.66 -7.16
N SER E 127 11.17 -20.61 -7.62
CA SER E 127 9.81 -20.82 -7.13
C SER E 127 9.84 -21.79 -5.96
N CYS E 128 9.40 -21.33 -4.79
CA CYS E 128 9.34 -22.13 -3.58
C CYS E 128 7.90 -22.21 -3.08
N PRO E 129 7.19 -23.34 -3.27
CA PRO E 129 5.84 -23.43 -2.70
C PRO E 129 5.90 -23.47 -1.18
N VAL E 130 5.34 -22.44 -0.55
CA VAL E 130 5.49 -22.22 0.89
C VAL E 130 4.39 -22.98 1.62
N SER E 131 4.80 -23.82 2.57
CA SER E 131 3.87 -24.48 3.48
C SER E 131 3.68 -23.60 4.71
N VAL E 132 2.42 -23.26 5.01
CA VAL E 132 2.08 -22.26 6.01
C VAL E 132 1.48 -22.86 7.27
N THR E 133 1.42 -24.19 7.37
CA THR E 133 0.62 -24.83 8.42
C THR E 133 1.10 -24.49 9.82
N PHE E 134 2.39 -24.17 9.99
CA PHE E 134 2.99 -23.92 11.30
C PHE E 134 3.62 -22.53 11.38
N PHE E 135 3.13 -21.59 10.58
CA PHE E 135 3.67 -20.24 10.61
C PHE E 135 3.42 -19.61 11.98
N PRO E 136 4.41 -18.91 12.59
CA PRO E 136 5.78 -18.61 12.15
C PRO E 136 6.82 -19.66 12.56
N PHE E 137 6.41 -20.77 13.16
CA PHE E 137 7.34 -21.84 13.57
C PHE E 137 7.42 -22.92 12.49
N ASP E 138 7.78 -22.51 11.27
CA ASP E 138 7.73 -23.34 10.10
C ASP E 138 9.11 -23.48 9.47
N TRP E 139 9.27 -24.53 8.67
CA TRP E 139 10.44 -24.75 7.85
C TRP E 139 10.00 -25.02 6.43
N GLN E 140 10.82 -24.58 5.48
CA GLN E 140 10.51 -24.61 4.06
C GLN E 140 11.57 -25.40 3.31
N ASN E 141 11.12 -26.14 2.29
CA ASN E 141 11.96 -26.99 1.45
C ASN E 141 11.96 -26.37 0.04
N CYS E 142 12.89 -25.45 -0.19
CA CYS E 142 13.02 -24.81 -1.49
C CYS E 142 13.99 -25.59 -2.36
N SER E 143 13.82 -25.44 -3.68
CA SER E 143 14.62 -26.17 -4.66
C SER E 143 15.12 -25.23 -5.74
N LEU E 144 16.34 -25.51 -6.23
CA LEU E 144 16.90 -24.86 -7.41
C LEU E 144 17.23 -25.98 -8.39
N ILE E 145 16.52 -26.00 -9.52
CA ILE E 145 16.60 -27.08 -10.51
C ILE E 145 17.35 -26.52 -11.70
N PHE E 146 18.48 -27.16 -12.04
CA PHE E 146 19.35 -26.73 -13.12
C PHE E 146 19.32 -27.79 -14.22
N GLN E 147 19.17 -27.35 -15.46
CA GLN E 147 19.17 -28.28 -16.59
C GLN E 147 19.64 -27.54 -17.83
N SER E 148 20.06 -28.30 -18.83
CA SER E 148 20.45 -27.72 -20.11
C SER E 148 19.21 -27.38 -20.92
N GLN E 149 19.12 -26.13 -21.37
CA GLN E 149 17.98 -25.69 -22.17
C GLN E 149 18.04 -26.20 -23.61
N THR E 150 19.18 -26.75 -24.05
CA THR E 150 19.40 -27.10 -25.44
C THR E 150 19.63 -28.60 -25.64
N TYR E 151 20.51 -29.19 -24.85
CA TYR E 151 21.08 -30.51 -25.14
C TYR E 151 20.43 -31.59 -24.29
N SER E 152 20.36 -32.79 -24.85
CA SER E 152 19.75 -33.94 -24.21
C SER E 152 20.82 -34.84 -23.60
N THR E 153 20.39 -35.97 -23.05
CA THR E 153 21.31 -36.87 -22.36
C THR E 153 22.34 -37.44 -23.32
N ASN E 154 21.93 -37.72 -24.55
CA ASN E 154 22.87 -38.25 -25.55
C ASN E 154 23.90 -37.23 -25.99
N GLU E 155 23.74 -35.96 -25.65
CA GLU E 155 24.64 -34.89 -26.07
C GLU E 155 25.51 -34.36 -24.95
N ILE E 156 24.98 -34.23 -23.73
CA ILE E 156 25.77 -33.87 -22.56
C ILE E 156 25.40 -34.78 -21.40
N ASN E 157 26.34 -34.94 -20.48
CA ASN E 157 26.13 -35.69 -19.24
C ASN E 157 26.27 -34.70 -18.09
N LEU E 158 25.14 -34.32 -17.50
CA LEU E 158 25.11 -33.32 -16.44
C LEU E 158 25.23 -34.04 -15.10
N GLN E 159 26.42 -33.97 -14.50
CA GLN E 159 26.73 -34.64 -13.25
C GLN E 159 27.08 -33.62 -12.18
N LEU E 160 27.00 -34.06 -10.91
CA LEU E 160 27.48 -33.24 -9.82
C LEU E 160 29.00 -33.26 -9.79
N SER E 161 29.58 -32.18 -9.24
CA SER E 161 31.02 -32.06 -9.18
C SER E 161 31.61 -33.10 -8.23
N GLN E 162 32.87 -33.47 -8.50
CA GLN E 162 33.59 -34.44 -7.70
C GLN E 162 34.89 -33.83 -7.21
N GLU E 163 35.10 -33.92 -5.90
CA GLU E 163 36.38 -33.58 -5.28
C GLU E 163 37.30 -34.78 -5.41
N ASP E 164 38.38 -34.82 -4.64
CA ASP E 164 39.38 -35.89 -4.79
C ASP E 164 38.76 -37.21 -4.34
N GLY E 165 37.97 -37.79 -5.26
CA GLY E 165 37.31 -39.05 -5.02
C GLY E 165 35.92 -38.96 -4.43
N GLN E 166 35.50 -37.79 -3.96
CA GLN E 166 34.22 -37.59 -3.29
C GLN E 166 33.32 -36.72 -4.15
N THR E 167 32.05 -37.12 -4.26
CA THR E 167 31.05 -36.32 -4.95
C THR E 167 30.50 -35.25 -4.03
N ILE E 168 30.41 -34.03 -4.53
CA ILE E 168 29.90 -32.89 -3.73
C ILE E 168 28.39 -32.88 -3.93
N GLU E 169 27.70 -33.69 -3.12
CA GLU E 169 26.24 -33.78 -3.15
C GLU E 169 25.61 -32.83 -2.13
N TRP E 170 26.03 -31.57 -2.15
CA TRP E 170 25.47 -30.57 -1.24
C TRP E 170 25.79 -29.21 -1.82
N ILE E 171 25.02 -28.21 -1.36
CA ILE E 171 25.34 -26.83 -1.69
C ILE E 171 26.58 -26.43 -0.92
N PHE E 172 27.62 -26.02 -1.62
CA PHE E 172 28.85 -25.59 -0.95
C PHE E 172 28.62 -24.25 -0.26
N ILE E 173 29.29 -24.07 0.88
CA ILE E 173 29.24 -22.82 1.63
C ILE E 173 30.67 -22.49 2.04
N ASP E 174 31.25 -21.49 1.39
CA ASP E 174 32.58 -21.03 1.73
C ASP E 174 32.50 -20.10 2.93
N PRO E 175 33.22 -20.35 4.03
CA PRO E 175 33.17 -19.41 5.15
C PRO E 175 33.69 -18.03 4.81
N GLU E 176 34.51 -17.89 3.77
CA GLU E 176 35.05 -16.59 3.36
C GLU E 176 34.07 -15.77 2.55
N ALA E 177 32.89 -16.29 2.23
CA ALA E 177 31.90 -15.59 1.42
C ALA E 177 30.49 -15.63 1.98
N PHE E 178 30.15 -16.55 2.87
CA PHE E 178 28.78 -16.72 3.31
C PHE E 178 28.41 -15.68 4.36
N THR E 179 27.19 -15.15 4.23
CA THR E 179 26.58 -14.29 5.24
C THR E 179 25.29 -14.93 5.70
N GLU E 180 25.07 -14.95 7.01
CA GLU E 180 23.90 -15.61 7.58
C GLU E 180 22.68 -14.72 7.48
N ASN E 181 21.56 -15.29 7.05
CA ASN E 181 20.30 -14.59 7.03
C ASN E 181 19.76 -14.45 8.44
N GLY E 182 19.23 -13.27 8.77
CA GLY E 182 18.73 -13.03 10.10
C GLY E 182 17.39 -13.68 10.41
N GLU E 183 16.68 -14.19 9.40
CA GLU E 183 15.37 -14.79 9.56
C GLU E 183 15.34 -16.28 9.28
N TRP E 184 16.27 -16.79 8.47
CA TRP E 184 16.25 -18.17 8.00
C TRP E 184 17.59 -18.83 8.30
N ALA E 185 17.56 -20.02 8.88
CA ALA E 185 18.74 -20.83 9.16
C ALA E 185 18.71 -22.06 8.27
N ILE E 186 19.80 -22.30 7.55
CA ILE E 186 19.89 -23.43 6.63
C ILE E 186 20.23 -24.67 7.46
N ARG E 187 19.29 -25.61 7.52
CA ARG E 187 19.49 -26.84 8.29
C ARG E 187 20.12 -27.93 7.44
N HIS E 188 19.52 -28.25 6.30
CA HIS E 188 20.04 -29.22 5.35
C HIS E 188 20.18 -28.57 3.99
N ARG E 189 21.19 -29.04 3.23
CA ARG E 189 21.49 -28.47 1.92
C ARG E 189 22.03 -29.57 1.01
N PRO E 190 21.18 -30.54 0.65
CA PRO E 190 21.63 -31.64 -0.21
C PRO E 190 21.60 -31.25 -1.68
N ALA E 191 22.13 -32.15 -2.51
CA ALA E 191 22.09 -32.01 -3.95
C ALA E 191 21.91 -33.39 -4.57
N LYS E 192 21.17 -33.44 -5.68
CA LYS E 192 20.86 -34.69 -6.34
C LYS E 192 20.93 -34.51 -7.85
N MET E 193 21.27 -35.58 -8.55
CA MET E 193 21.20 -35.65 -10.01
C MET E 193 20.04 -36.58 -10.36
N LEU E 194 19.01 -36.02 -11.00
CA LEU E 194 17.80 -36.75 -11.32
C LEU E 194 17.75 -36.97 -12.83
N LEU E 195 17.68 -38.24 -13.23
CA LEU E 195 17.52 -38.62 -14.63
C LEU E 195 16.37 -39.62 -14.70
N ASP E 196 15.22 -39.18 -15.16
CA ASP E 196 14.09 -40.08 -15.35
C ASP E 196 14.47 -41.16 -16.36
N GLU E 197 14.52 -42.41 -15.89
CA GLU E 197 15.08 -43.49 -16.69
C GLU E 197 14.25 -43.74 -17.95
N ALA E 198 12.93 -43.61 -17.84
CA ALA E 198 12.03 -43.90 -18.95
C ALA E 198 11.75 -42.69 -19.84
N ALA E 199 12.32 -41.53 -19.54
CA ALA E 199 12.06 -40.35 -20.33
C ALA E 199 12.73 -40.47 -21.70
N PRO E 200 12.28 -39.68 -22.69
CA PRO E 200 12.97 -39.70 -23.99
C PRO E 200 14.43 -39.27 -23.85
N ALA E 201 15.29 -39.92 -24.62
CA ALA E 201 16.71 -39.59 -24.66
C ALA E 201 17.04 -38.57 -25.76
N GLU E 202 16.03 -37.95 -26.36
CA GLU E 202 16.21 -36.94 -27.41
C GLU E 202 15.75 -35.56 -27.00
N GLU E 203 14.82 -35.46 -26.06
CA GLU E 203 14.43 -34.16 -25.53
C GLU E 203 15.50 -33.62 -24.58
N ALA E 204 15.58 -32.30 -24.50
CA ALA E 204 16.73 -31.67 -23.86
C ALA E 204 16.68 -31.80 -22.34
N GLY E 205 15.67 -31.22 -21.71
CA GLY E 205 15.66 -31.09 -20.26
C GLY E 205 15.05 -32.25 -19.51
N HIS E 206 15.78 -33.37 -19.44
CA HIS E 206 15.36 -34.54 -18.66
C HIS E 206 16.40 -34.99 -17.65
N GLN E 207 17.67 -34.65 -17.83
CA GLN E 207 18.68 -34.79 -16.79
C GLN E 207 18.80 -33.46 -16.06
N LYS E 208 18.54 -33.47 -14.76
CA LYS E 208 18.49 -32.27 -13.95
C LYS E 208 19.41 -32.44 -12.75
N VAL E 209 19.87 -31.31 -12.22
CA VAL E 209 20.58 -31.27 -10.95
C VAL E 209 19.77 -30.38 -10.03
N VAL E 210 19.30 -30.93 -8.92
CA VAL E 210 18.42 -30.24 -7.98
C VAL E 210 19.22 -29.99 -6.70
N PHE E 211 19.31 -28.73 -6.31
CA PHE E 211 19.90 -28.31 -5.05
C PHE E 211 18.78 -27.89 -4.12
N TYR E 212 18.64 -28.59 -3.00
CA TYR E 212 17.56 -28.35 -2.06
C TYR E 212 18.08 -27.55 -0.86
N LEU E 213 17.29 -26.61 -0.40
CA LEU E 213 17.56 -25.82 0.81
C LEU E 213 16.39 -26.05 1.76
N LEU E 214 16.67 -26.75 2.86
CA LEU E 214 15.75 -26.82 3.98
C LEU E 214 16.11 -25.72 4.96
N ILE E 215 15.20 -24.77 5.16
CA ILE E 215 15.45 -23.57 5.93
C ILE E 215 14.40 -23.43 7.02
N GLN E 216 14.85 -23.14 8.23
CA GLN E 216 13.98 -22.97 9.39
C GLN E 216 13.89 -21.49 9.73
N ARG E 217 12.67 -21.02 9.94
CA ARG E 217 12.46 -19.62 10.31
C ARG E 217 12.91 -19.40 11.76
N LYS E 218 13.48 -18.22 12.01
CA LYS E 218 13.81 -17.79 13.36
C LYS E 218 12.63 -16.97 13.88
N PRO E 219 11.78 -17.51 14.78
CA PRO E 219 10.49 -16.86 15.05
C PRO E 219 10.48 -15.82 16.15
N LEU E 220 11.65 -15.32 16.57
CA LEU E 220 11.69 -14.37 17.68
C LEU E 220 10.91 -13.10 17.37
N PHE E 221 11.06 -12.60 16.14
CA PHE E 221 10.35 -11.38 15.74
C PHE E 221 8.84 -11.55 15.85
N TYR E 222 8.33 -12.68 15.38
CA TYR E 222 6.88 -12.86 15.35
C TYR E 222 6.30 -13.13 16.73
N VAL E 223 7.03 -13.84 17.60
CA VAL E 223 6.53 -14.04 18.95
C VAL E 223 6.54 -12.72 19.72
N ILE E 224 7.61 -11.94 19.60
CA ILE E 224 7.72 -10.72 20.40
C ILE E 224 6.74 -9.67 19.89
N ASN E 225 6.61 -9.52 18.57
CA ASN E 225 5.90 -8.38 18.00
C ASN E 225 4.45 -8.65 17.65
N ILE E 226 4.03 -9.91 17.55
CA ILE E 226 2.68 -10.24 17.08
C ILE E 226 1.96 -11.13 18.08
N ILE E 227 2.57 -12.26 18.45
CA ILE E 227 1.82 -13.29 19.18
C ILE E 227 1.56 -12.86 20.62
N ALA E 228 2.61 -12.47 21.35
CA ALA E 228 2.42 -12.07 22.74
C ALA E 228 1.49 -10.88 22.92
N PRO E 229 1.59 -9.82 22.10
CA PRO E 229 0.53 -8.79 22.11
C PRO E 229 -0.88 -9.34 21.94
N CYS E 230 -1.07 -10.28 21.00
CA CYS E 230 -2.39 -10.84 20.77
C CYS E 230 -2.87 -11.62 21.99
N VAL E 231 -1.98 -12.42 22.59
CA VAL E 231 -2.35 -13.22 23.74
C VAL E 231 -2.76 -12.32 24.90
N LEU E 232 -2.00 -11.25 25.14
CA LEU E 232 -2.32 -10.38 26.27
C LEU E 232 -3.61 -9.61 26.03
N ILE E 233 -3.80 -9.09 24.82
CA ILE E 233 -5.02 -8.35 24.52
C ILE E 233 -6.23 -9.27 24.54
N SER E 234 -6.05 -10.55 24.26
CA SER E 234 -7.15 -11.50 24.42
C SER E 234 -7.41 -11.79 25.88
N SER E 235 -6.35 -11.85 26.70
CA SER E 235 -6.54 -12.02 28.14
C SER E 235 -7.30 -10.85 28.74
N VAL E 236 -7.19 -9.67 28.14
CA VAL E 236 -7.98 -8.53 28.60
C VAL E 236 -9.48 -8.84 28.48
N ALA E 237 -9.86 -9.60 27.45
CA ALA E 237 -11.26 -9.96 27.28
C ALA E 237 -11.78 -10.76 28.47
N ILE E 238 -10.91 -11.56 29.10
CA ILE E 238 -11.33 -12.39 30.22
C ILE E 238 -11.70 -11.55 31.43
N LEU E 239 -11.23 -10.31 31.51
CA LEU E 239 -11.43 -9.47 32.69
C LEU E 239 -12.84 -8.91 32.81
N ILE E 240 -13.67 -9.02 31.77
CA ILE E 240 -15.01 -8.43 31.83
C ILE E 240 -15.90 -9.18 32.80
N TYR E 241 -15.57 -10.43 33.15
CA TYR E 241 -16.38 -11.17 34.11
C TYR E 241 -16.35 -10.56 35.50
N PHE E 242 -15.33 -9.75 35.82
CA PHE E 242 -15.24 -9.11 37.12
C PHE E 242 -15.88 -7.73 37.16
N LEU E 243 -16.15 -7.12 36.01
CA LEU E 243 -16.80 -5.83 35.99
C LEU E 243 -18.26 -5.99 36.42
N PRO E 244 -18.85 -4.96 37.04
CA PRO E 244 -20.23 -5.10 37.52
C PRO E 244 -21.22 -5.11 36.39
N ALA E 245 -22.35 -5.77 36.63
CA ALA E 245 -23.42 -5.92 35.64
C ALA E 245 -24.47 -4.82 35.80
N LYS E 246 -24.01 -3.57 35.67
CA LYS E 246 -24.88 -2.41 35.74
C LYS E 246 -24.38 -1.37 34.73
N ALA E 247 -25.13 -0.29 34.59
CA ALA E 247 -24.68 0.83 33.79
C ALA E 247 -23.42 1.41 34.39
N GLY E 248 -22.42 1.68 33.54
CA GLY E 248 -21.11 2.10 33.99
C GLY E 248 -20.15 0.96 34.24
N GLY E 249 -20.63 -0.28 34.30
CA GLY E 249 -19.72 -1.41 34.39
C GLY E 249 -18.86 -1.55 33.15
N GLN E 250 -19.43 -1.27 31.98
CA GLN E 250 -18.70 -1.26 30.71
C GLN E 250 -18.10 -2.63 30.39
N LYS E 251 -18.97 -3.62 30.26
CA LYS E 251 -18.56 -4.94 29.81
C LYS E 251 -18.45 -4.98 28.29
N CYS E 252 -19.53 -4.59 27.60
CA CYS E 252 -19.59 -4.70 26.15
C CYS E 252 -18.55 -3.80 25.49
N THR E 253 -18.29 -2.63 26.06
CA THR E 253 -17.29 -1.74 25.47
C THR E 253 -15.93 -2.43 25.41
N VAL E 254 -15.52 -3.01 26.54
CA VAL E 254 -14.24 -3.71 26.62
C VAL E 254 -14.22 -4.88 25.65
N ALA E 255 -15.29 -5.68 25.65
CA ALA E 255 -15.28 -6.91 24.86
C ALA E 255 -15.25 -6.62 23.35
N ILE E 256 -16.10 -5.70 22.88
CA ILE E 256 -16.10 -5.39 21.45
C ILE E 256 -14.81 -4.70 21.05
N ASN E 257 -14.24 -3.86 21.92
CA ASN E 257 -12.99 -3.22 21.53
C ASN E 257 -11.84 -4.22 21.42
N VAL E 258 -11.75 -5.18 22.33
CA VAL E 258 -10.70 -6.17 22.18
C VAL E 258 -10.98 -7.04 20.95
N LEU E 259 -12.26 -7.23 20.59
CA LEU E 259 -12.56 -7.90 19.33
C LEU E 259 -12.01 -7.11 18.14
N LEU E 260 -12.16 -5.79 18.15
CA LEU E 260 -11.59 -4.97 17.08
C LEU E 260 -10.07 -5.11 17.04
N ALA E 261 -9.43 -5.13 18.22
CA ALA E 261 -7.98 -5.28 18.27
C ALA E 261 -7.55 -6.61 17.67
N GLN E 262 -8.27 -7.68 17.98
CA GLN E 262 -7.92 -8.99 17.43
C GLN E 262 -8.13 -9.03 15.92
N THR E 263 -9.16 -8.36 15.43
CA THR E 263 -9.34 -8.27 13.98
C THR E 263 -8.19 -7.50 13.33
N VAL E 264 -7.71 -6.46 14.00
CA VAL E 264 -6.54 -5.73 13.50
C VAL E 264 -5.33 -6.67 13.43
N PHE E 265 -5.16 -7.49 14.45
CA PHE E 265 -4.05 -8.45 14.44
C PHE E 265 -4.22 -9.46 13.31
N LEU E 266 -5.45 -9.88 13.04
CA LEU E 266 -5.69 -10.78 11.91
C LEU E 266 -5.33 -10.10 10.59
N PHE E 267 -5.64 -8.81 10.46
CA PHE E 267 -5.24 -8.08 9.26
C PHE E 267 -3.72 -8.05 9.14
N LEU E 268 -3.03 -7.80 10.25
CA LEU E 268 -1.56 -7.76 10.21
C LEU E 268 -0.99 -9.11 9.79
N VAL E 269 -1.54 -10.20 10.35
CA VAL E 269 -1.04 -11.53 10.05
C VAL E 269 -1.33 -11.89 8.59
N ALA E 270 -2.48 -11.47 8.07
CA ALA E 270 -2.84 -11.83 6.70
C ALA E 270 -1.87 -11.22 5.68
N LYS E 271 -1.23 -10.11 6.04
CA LYS E 271 -0.30 -9.46 5.11
C LYS E 271 0.96 -10.30 4.87
N LYS E 272 1.34 -11.14 5.84
CA LYS E 272 2.63 -11.81 5.83
C LYS E 272 2.54 -13.29 5.49
N VAL E 273 1.41 -13.74 4.95
CA VAL E 273 1.21 -15.16 4.62
C VAL E 273 0.63 -15.23 3.21
N PRO E 274 0.96 -16.24 2.39
CA PRO E 274 0.42 -16.28 1.03
C PRO E 274 -1.09 -16.48 1.02
N GLU E 275 -1.68 -16.22 -0.14
CA GLU E 275 -3.10 -16.40 -0.37
C GLU E 275 -3.45 -17.82 -0.82
N THR E 276 -2.53 -18.78 -0.66
CA THR E 276 -2.81 -20.14 -1.03
C THR E 276 -3.83 -20.75 -0.07
N SER E 277 -4.35 -21.93 -0.45
CA SER E 277 -5.41 -22.59 0.29
C SER E 277 -5.16 -24.08 0.45
N GLN E 278 -3.91 -24.45 0.69
CA GLN E 278 -3.54 -25.86 0.96
C GLN E 278 -3.79 -26.12 2.44
N ALA E 279 -3.74 -25.08 3.29
CA ALA E 279 -3.99 -25.20 4.71
C ALA E 279 -4.15 -23.80 5.29
N VAL E 280 -4.71 -23.75 6.50
CA VAL E 280 -4.86 -22.50 7.24
C VAL E 280 -3.61 -22.32 8.09
N PRO E 281 -3.06 -21.11 8.23
CA PRO E 281 -1.92 -20.95 9.14
C PRO E 281 -2.28 -21.24 10.58
N LEU E 282 -1.28 -21.68 11.34
CA LEU E 282 -1.46 -21.92 12.77
C LEU E 282 -1.89 -20.65 13.49
N ILE E 283 -1.17 -19.55 13.25
CA ILE E 283 -1.51 -18.29 13.88
C ILE E 283 -2.88 -17.81 13.44
N SER E 284 -3.28 -18.07 12.19
CA SER E 284 -4.60 -17.69 11.73
C SER E 284 -5.69 -18.48 12.46
N LYS E 285 -5.50 -19.78 12.63
CA LYS E 285 -6.45 -20.57 13.41
C LYS E 285 -6.52 -20.10 14.86
N TYR E 286 -5.37 -19.74 15.43
CA TYR E 286 -5.39 -19.22 16.80
C TYR E 286 -6.14 -17.90 16.87
N LEU E 287 -5.94 -17.03 15.88
CA LEU E 287 -6.68 -15.76 15.85
C LEU E 287 -8.17 -15.98 15.72
N THR E 288 -8.58 -16.93 14.87
CA THR E 288 -10.00 -17.23 14.74
C THR E 288 -10.56 -17.78 16.05
N PHE E 289 -9.80 -18.64 16.73
CA PHE E 289 -10.23 -19.16 18.02
C PHE E 289 -10.41 -18.04 19.04
N LEU E 290 -9.46 -17.10 19.08
CA LEU E 290 -9.57 -15.98 20.00
C LEU E 290 -10.77 -15.11 19.66
N LEU E 291 -11.03 -14.90 18.36
CA LEU E 291 -12.20 -14.14 17.96
C LEU E 291 -13.48 -14.81 18.43
N VAL E 292 -13.57 -16.13 18.27
CA VAL E 292 -14.78 -16.84 18.71
C VAL E 292 -14.92 -16.78 20.22
N VAL E 293 -13.80 -16.87 20.94
CA VAL E 293 -13.85 -16.77 22.39
C VAL E 293 -14.36 -15.40 22.82
N THR E 294 -13.88 -14.35 22.17
CA THR E 294 -14.34 -13.00 22.48
C THR E 294 -15.82 -12.83 22.13
N ILE E 295 -16.25 -13.44 21.03
CA ILE E 295 -17.66 -13.34 20.64
C ILE E 295 -18.55 -14.01 21.67
N LEU E 296 -18.12 -15.19 22.15
CA LEU E 296 -18.88 -15.86 23.20
C LEU E 296 -18.84 -15.07 24.51
N ILE E 297 -17.73 -14.37 24.76
CA ILE E 297 -17.65 -13.50 25.94
C ILE E 297 -18.67 -12.37 25.83
N VAL E 298 -18.79 -11.78 24.64
CA VAL E 298 -19.82 -10.75 24.41
C VAL E 298 -21.21 -11.34 24.62
N VAL E 299 -21.44 -12.54 24.09
CA VAL E 299 -22.76 -13.17 24.21
C VAL E 299 -23.11 -13.36 25.68
N ASN E 300 -22.17 -13.89 26.45
CA ASN E 300 -22.44 -14.12 27.87
C ASN E 300 -22.53 -12.82 28.65
N ALA E 301 -21.80 -11.79 28.26
CA ALA E 301 -21.96 -10.49 28.92
C ALA E 301 -23.36 -9.94 28.68
N VAL E 302 -23.87 -10.08 27.46
CA VAL E 302 -25.23 -9.63 27.16
C VAL E 302 -26.23 -10.43 27.99
N VAL E 303 -26.05 -11.76 28.07
CA VAL E 303 -26.97 -12.59 28.83
C VAL E 303 -26.94 -12.23 30.31
N VAL E 304 -25.73 -12.02 30.85
CA VAL E 304 -25.59 -11.70 32.27
C VAL E 304 -26.21 -10.34 32.57
N LEU E 305 -26.00 -9.35 31.70
CA LEU E 305 -26.62 -8.05 31.90
C LEU E 305 -28.14 -8.16 31.84
N ASN E 306 -28.66 -8.96 30.91
CA ASN E 306 -30.10 -9.13 30.80
C ASN E 306 -30.68 -9.77 32.06
N VAL E 307 -29.99 -10.78 32.59
CA VAL E 307 -30.47 -11.43 33.80
C VAL E 307 -30.37 -10.50 35.01
N SER E 308 -29.28 -9.73 35.09
CA SER E 308 -29.06 -8.88 36.25
C SER E 308 -30.04 -7.70 36.29
N LEU E 309 -30.28 -7.08 35.13
CA LEU E 309 -31.15 -5.92 35.05
C LEU E 309 -32.62 -6.29 34.83
N ARG E 310 -33.00 -7.54 35.08
CA ARG E 310 -34.40 -7.93 34.98
C ARG E 310 -35.19 -7.33 36.13
N SER E 311 -36.30 -6.67 35.81
CA SER E 311 -37.10 -6.02 36.84
C SER E 311 -37.91 -7.07 37.61
N PRO E 312 -38.12 -6.87 38.92
CA PRO E 312 -39.09 -7.74 39.61
C PRO E 312 -40.49 -7.66 39.02
N HIS E 313 -40.92 -6.47 38.58
CA HIS E 313 -42.23 -6.34 37.96
C HIS E 313 -42.30 -7.06 36.61
N THR E 314 -41.17 -7.20 35.93
CA THR E 314 -41.16 -7.87 34.63
C THR E 314 -41.54 -9.34 34.77
N HIS E 315 -40.73 -10.11 35.50
CA HIS E 315 -41.00 -11.52 35.71
C HIS E 315 -40.07 -12.04 36.79
N SER E 316 -40.39 -13.21 37.31
CA SER E 316 -39.55 -13.91 38.28
C SER E 316 -39.51 -15.38 37.91
N MET E 317 -38.54 -16.10 38.48
CA MET E 317 -38.36 -17.52 38.18
C MET E 317 -37.85 -18.18 39.46
N ALA E 318 -38.69 -19.03 40.06
CA ALA E 318 -38.29 -19.70 41.30
C ALA E 318 -37.24 -20.77 41.06
N ARG E 319 -37.27 -21.43 39.91
CA ARG E 319 -36.27 -22.44 39.61
C ARG E 319 -34.90 -21.81 39.40
N GLY E 320 -34.85 -20.65 38.75
CA GLY E 320 -33.58 -20.02 38.45
C GLY E 320 -32.83 -19.58 39.69
N VAL E 321 -33.54 -18.94 40.64
CA VAL E 321 -32.90 -18.51 41.86
C VAL E 321 -32.45 -19.71 42.69
N ARG E 322 -33.19 -20.81 42.64
CA ARG E 322 -32.82 -22.00 43.40
C ARG E 322 -31.49 -22.58 42.92
N LYS E 323 -31.29 -22.64 41.60
CA LYS E 323 -30.11 -23.32 41.07
C LYS E 323 -28.83 -22.55 41.36
N VAL E 324 -28.88 -21.21 41.35
CA VAL E 324 -27.67 -20.44 41.64
C VAL E 324 -27.30 -20.56 43.12
N PHE E 325 -28.30 -20.59 44.01
CA PHE E 325 -28.01 -20.75 45.43
C PHE E 325 -27.40 -22.11 45.72
N LEU E 326 -27.79 -23.13 44.96
CA LEU E 326 -27.13 -24.42 45.05
C LEU E 326 -25.66 -24.31 44.65
N ARG E 327 -25.38 -23.58 43.56
CA ARG E 327 -24.02 -23.45 43.07
C ARG E 327 -23.21 -22.40 43.80
N LEU E 328 -23.86 -21.52 44.57
CA LEU E 328 -23.13 -20.45 45.25
C LEU E 328 -22.15 -21.00 46.29
N LEU E 329 -22.48 -22.14 46.89
CA LEU E 329 -21.64 -22.68 47.96
C LEU E 329 -20.36 -23.31 47.38
N PRO E 330 -20.45 -24.16 46.35
CA PRO E 330 -19.21 -24.62 45.70
C PRO E 330 -18.35 -23.49 45.16
N GLN E 331 -18.95 -22.43 44.63
CA GLN E 331 -18.18 -21.39 43.97
C GLN E 331 -17.25 -20.67 44.94
N LEU E 332 -17.80 -20.16 46.04
CA LEU E 332 -17.17 -19.26 47.03
C LEU E 332 -15.75 -18.75 46.76
N PRO E 416 -61.56 15.33 64.22
CA PRO E 416 -61.48 13.96 63.69
C PRO E 416 -60.35 13.78 62.68
N ALA E 417 -59.27 14.53 62.86
CA ALA E 417 -58.10 14.42 61.99
C ALA E 417 -57.36 13.10 62.15
N ILE E 418 -57.66 12.33 63.20
CA ILE E 418 -56.94 11.09 63.44
C ILE E 418 -57.23 10.09 62.32
N GLN E 419 -58.44 10.11 61.75
CA GLN E 419 -58.76 9.17 60.67
C GLN E 419 -57.88 9.45 59.45
N ALA E 420 -57.73 10.72 59.08
CA ALA E 420 -56.84 11.05 57.97
C ALA E 420 -55.40 10.71 58.33
N CYS E 421 -54.99 10.99 59.57
CA CYS E 421 -53.61 10.74 59.98
C CYS E 421 -53.26 9.26 59.87
N VAL E 422 -54.12 8.40 60.40
CA VAL E 422 -53.86 6.96 60.35
C VAL E 422 -53.94 6.43 58.91
N GLU E 423 -54.86 6.97 58.10
CA GLU E 423 -54.91 6.55 56.70
C GLU E 423 -53.61 6.88 55.98
N ALA E 424 -53.11 8.11 56.17
CA ALA E 424 -51.86 8.50 55.53
C ALA E 424 -50.68 7.69 56.06
N CYS E 425 -50.65 7.42 57.36
CA CYS E 425 -49.57 6.62 57.93
C CYS E 425 -49.57 5.21 57.34
N ASN E 426 -50.76 4.60 57.21
CA ASN E 426 -50.84 3.28 56.61
C ASN E 426 -50.39 3.30 55.16
N LEU E 427 -50.77 4.34 54.41
CA LEU E 427 -50.31 4.46 53.03
C LEU E 427 -48.80 4.59 52.96
N ILE E 428 -48.22 5.38 53.86
CA ILE E 428 -46.77 5.57 53.89
C ILE E 428 -46.07 4.24 54.16
N ALA E 429 -46.57 3.50 55.16
CA ALA E 429 -45.97 2.22 55.51
C ALA E 429 -46.08 1.22 54.38
N ARG E 430 -47.24 1.17 53.70
CA ARG E 430 -47.41 0.22 52.61
C ARG E 430 -46.54 0.58 51.42
N ALA E 431 -46.37 1.88 51.14
CA ALA E 431 -45.47 2.30 50.08
C ALA E 431 -44.04 1.88 50.39
N ARG E 432 -43.61 2.05 51.64
CA ARG E 432 -42.27 1.61 52.01
C ARG E 432 -42.13 0.09 51.92
N HIS E 433 -43.19 -0.64 52.27
CA HIS E 433 -43.16 -2.09 52.13
C HIS E 433 -42.99 -2.51 50.68
N GLN E 434 -43.72 -1.86 49.77
CA GLN E 434 -43.58 -2.16 48.35
C GLN E 434 -42.18 -1.82 47.85
N GLN E 435 -41.62 -0.69 48.32
CA GLN E 435 -40.26 -0.34 47.94
C GLN E 435 -39.26 -1.39 48.41
N THR E 436 -39.43 -1.87 49.65
CA THR E 436 -38.52 -2.89 50.18
C THR E 436 -38.64 -4.19 49.39
N HIS E 437 -39.85 -4.59 49.03
CA HIS E 437 -40.03 -5.82 48.26
C HIS E 437 -39.39 -5.69 46.87
N PHE E 438 -39.57 -4.53 46.23
CA PHE E 438 -38.95 -4.30 44.92
C PHE E 438 -37.43 -4.35 45.03
N ASP E 439 -36.88 -3.72 46.06
CA ASP E 439 -35.43 -3.76 46.26
C ASP E 439 -34.94 -5.18 46.50
N SER E 440 -35.70 -5.97 47.27
CA SER E 440 -35.29 -7.35 47.51
C SER E 440 -35.28 -8.15 46.22
N GLY E 441 -36.30 -7.99 45.38
CA GLY E 441 -36.32 -8.67 44.09
C GLY E 441 -35.14 -8.28 43.22
N ASN E 442 -34.82 -6.98 43.18
CA ASN E 442 -33.67 -6.53 42.41
C ASN E 442 -32.38 -7.14 42.94
N LYS E 443 -32.25 -7.25 44.27
CA LYS E 443 -31.07 -7.86 44.85
C LYS E 443 -30.95 -9.34 44.48
N GLU E 444 -32.08 -10.06 44.48
CA GLU E 444 -32.04 -11.46 44.07
C GLU E 444 -31.58 -11.59 42.63
N TRP E 445 -32.10 -10.74 41.74
CA TRP E 445 -31.67 -10.79 40.34
C TRP E 445 -30.18 -10.47 40.23
N PHE E 446 -29.70 -9.53 41.04
CA PHE E 446 -28.28 -9.17 41.01
C PHE E 446 -27.41 -10.36 41.43
N LEU E 447 -27.82 -11.07 42.48
CA LEU E 447 -27.07 -12.26 42.89
C LEU E 447 -27.08 -13.33 41.82
N VAL E 448 -28.23 -13.50 41.16
CA VAL E 448 -28.32 -14.50 40.09
C VAL E 448 -27.33 -14.16 38.98
N GLY E 449 -27.29 -12.89 38.58
CA GLY E 449 -26.35 -12.47 37.56
C GLY E 449 -24.90 -12.66 37.97
N ARG E 450 -24.58 -12.33 39.23
CA ARG E 450 -23.22 -12.52 39.70
C ARG E 450 -22.81 -13.99 39.67
N VAL E 451 -23.70 -14.87 40.11
CA VAL E 451 -23.37 -16.30 40.11
C VAL E 451 -23.17 -16.79 38.68
N LEU E 452 -24.03 -16.36 37.76
CA LEU E 452 -23.88 -16.77 36.36
C LEU E 452 -22.53 -16.31 35.80
N ASP E 453 -22.17 -15.05 36.08
CA ASP E 453 -20.88 -14.53 35.60
C ASP E 453 -19.73 -15.34 36.18
N ARG E 454 -19.79 -15.66 37.48
CA ARG E 454 -18.70 -16.39 38.10
C ARG E 454 -18.55 -17.80 37.54
N VAL E 455 -19.68 -18.50 37.30
CA VAL E 455 -19.55 -19.86 36.78
C VAL E 455 -19.01 -19.83 35.36
N CYS E 456 -19.43 -18.85 34.55
CA CYS E 456 -18.96 -18.82 33.17
C CYS E 456 -17.52 -18.32 33.05
N PHE E 457 -17.05 -17.55 34.05
CA PHE E 457 -15.65 -17.10 34.04
C PHE E 457 -14.69 -18.28 33.99
N LEU E 458 -14.88 -19.27 34.86
CA LEU E 458 -13.94 -20.39 34.91
C LEU E 458 -13.98 -21.19 33.62
N ALA E 459 -15.17 -21.40 33.05
CA ALA E 459 -15.28 -22.15 31.81
C ALA E 459 -14.55 -21.44 30.67
N MET E 460 -14.74 -20.13 30.55
CA MET E 460 -14.06 -19.42 29.46
C MET E 460 -12.56 -19.31 29.70
N LEU E 461 -12.13 -19.20 30.95
CA LEU E 461 -10.70 -19.21 31.24
C LEU E 461 -10.09 -20.55 30.84
N SER E 462 -10.78 -21.65 31.17
CA SER E 462 -10.28 -22.97 30.78
C SER E 462 -10.22 -23.10 29.26
N LEU E 463 -11.25 -22.61 28.56
CA LEU E 463 -11.24 -22.66 27.10
C LEU E 463 -10.06 -21.89 26.52
N PHE E 464 -9.85 -20.66 26.99
CA PHE E 464 -8.76 -19.83 26.49
C PHE E 464 -7.41 -20.47 26.75
N VAL E 465 -7.18 -20.94 27.98
CA VAL E 465 -5.90 -21.53 28.34
C VAL E 465 -5.66 -22.81 27.55
N CYS E 466 -6.68 -23.66 27.43
CA CYS E 466 -6.52 -24.92 26.72
C CYS E 466 -6.23 -24.68 25.24
N GLY E 467 -6.94 -23.75 24.61
CA GLY E 467 -6.69 -23.47 23.20
C GLY E 467 -5.30 -22.91 22.98
N THR E 468 -4.89 -21.93 23.80
CA THR E 468 -3.56 -21.37 23.67
C THR E 468 -2.49 -22.43 23.86
N ALA E 469 -2.62 -23.25 24.91
CA ALA E 469 -1.61 -24.27 25.18
C ALA E 469 -1.54 -25.28 24.05
N GLY E 470 -2.69 -25.76 23.56
CA GLY E 470 -2.68 -26.74 22.50
C GLY E 470 -2.05 -26.20 21.23
N ILE E 471 -2.44 -24.99 20.82
CA ILE E 471 -1.89 -24.44 19.59
C ILE E 471 -0.40 -24.20 19.72
N PHE E 472 0.04 -23.68 20.88
CA PHE E 472 1.46 -23.39 21.04
C PHE E 472 2.29 -24.66 21.14
N LEU E 473 1.76 -25.72 21.74
CA LEU E 473 2.49 -27.00 21.73
C LEU E 473 2.57 -27.57 20.32
N MET E 474 1.48 -27.44 19.54
CA MET E 474 1.52 -27.86 18.15
C MET E 474 2.61 -27.09 17.39
N ALA E 475 2.72 -25.80 17.64
CA ALA E 475 3.82 -25.02 17.08
C ALA E 475 5.17 -25.55 17.56
N HIS E 476 5.28 -25.83 18.85
CA HIS E 476 6.55 -26.20 19.47
C HIS E 476 7.08 -27.52 18.93
N TYR E 477 6.19 -28.44 18.57
CA TYR E 477 6.59 -29.78 18.14
C TYR E 477 6.79 -29.88 16.63
N ASN E 478 6.82 -28.75 15.91
CA ASN E 478 7.12 -28.75 14.48
C ASN E 478 8.63 -28.56 14.29
N ARG E 479 9.36 -29.65 14.48
CA ARG E 479 10.80 -29.69 14.25
C ARG E 479 11.10 -30.07 12.80
N VAL E 480 12.27 -29.63 12.34
CA VAL E 480 12.75 -29.97 11.01
C VAL E 480 13.09 -31.46 11.02
N PRO E 481 12.91 -32.20 9.91
CA PRO E 481 13.29 -33.61 9.93
C PRO E 481 14.78 -33.80 10.14
N ALA E 482 15.13 -34.91 10.78
CA ALA E 482 16.53 -35.17 11.11
C ALA E 482 17.38 -35.31 9.86
N LEU E 483 16.87 -36.00 8.83
CA LEU E 483 17.59 -36.29 7.60
C LEU E 483 17.02 -35.46 6.44
N PRO E 484 17.84 -35.11 5.44
CA PRO E 484 17.31 -34.25 4.35
C PRO E 484 16.18 -34.87 3.56
N PHE E 485 16.21 -36.18 3.33
CA PHE E 485 15.23 -36.90 2.52
C PHE E 485 14.61 -38.00 3.38
N PRO E 486 13.28 -38.04 3.56
CA PRO E 486 12.70 -39.19 4.27
C PRO E 486 12.98 -40.50 3.52
N GLY E 487 13.35 -41.53 4.29
CA GLY E 487 13.68 -42.82 3.72
C GLY E 487 15.14 -42.96 3.28
N ASP E 488 15.91 -41.88 3.28
CA ASP E 488 17.31 -41.92 2.89
C ASP E 488 18.17 -41.80 4.14
N PRO E 489 18.88 -42.85 4.58
CA PRO E 489 19.68 -42.74 5.81
C PRO E 489 20.80 -41.70 5.75
N ARG E 490 21.17 -41.27 4.54
CA ARG E 490 22.30 -40.33 4.34
C ARG E 490 21.99 -38.93 4.84
N SER E 491 23.00 -38.17 5.27
CA SER E 491 22.85 -36.80 5.74
C SER E 491 23.20 -35.77 4.67
N TYR E 492 23.94 -36.14 3.63
CA TYR E 492 24.33 -35.24 2.54
C TYR E 492 25.08 -34.02 3.07
N LEU E 493 26.00 -34.25 4.01
CA LEU E 493 26.85 -33.21 4.58
C LEU E 493 28.32 -33.51 4.25
N PRO E 494 29.19 -32.50 4.23
CA PRO E 494 30.58 -32.75 3.82
C PRO E 494 31.32 -33.63 4.82
N SER E 495 32.28 -34.39 4.29
CA SER E 495 33.21 -35.14 5.12
C SER E 495 34.36 -34.23 5.58
N SER E 496 35.06 -34.69 6.61
CA SER E 496 36.17 -33.92 7.15
C SER E 496 36.96 -34.75 8.17
C1 NAG F . 32.65 -1.50 9.76
C2 NAG F . 33.82 -1.02 10.62
C3 NAG F . 35.11 -1.10 9.81
C4 NAG F . 35.30 -2.50 9.26
C5 NAG F . 34.08 -2.92 8.45
C6 NAG F . 34.13 -4.35 7.99
C7 NAG F . 33.27 0.63 12.33
C8 NAG F . 33.62 2.01 12.79
N2 NAG F . 33.60 0.34 11.08
O3 NAG F . 36.20 -0.71 10.64
O4 NAG F . 36.43 -2.54 8.39
O5 NAG F . 32.88 -2.80 9.25
O6 NAG F . 34.24 -5.24 9.09
O7 NAG F . 32.71 -0.17 13.06
H2 NAG F . 33.88 -1.58 11.41
H3 NAG F . 35.06 -0.49 9.06
H4 NAG F . 35.43 -3.10 10.00
H5 NAG F . 34.06 -2.32 7.69
H61 NAG F . 33.34 -4.56 7.47
H62 NAG F . 34.90 -4.47 7.40
H81 NAG F . 33.34 2.11 13.71
H82 NAG F . 34.58 2.14 12.72
H83 NAG F . 33.16 2.66 12.23
HN2 NAG F . 33.67 0.98 10.51
HO3 NAG F . 36.91 -0.76 10.20
HO4 NAG F . 36.53 -3.31 8.09
HO6 NAG F . 34.27 -6.03 8.81
C1 NAG F . 37.53 -3.21 9.02
C2 NAG F . 38.23 -4.12 8.01
C3 NAG F . 39.42 -4.78 8.69
C4 NAG F . 40.35 -3.70 9.21
C5 NAG F . 39.58 -2.81 10.18
C6 NAG F . 40.42 -1.66 10.70
C7 NAG F . 36.80 -5.08 6.25
C8 NAG F . 36.78 -3.73 5.59
N2 NAG F . 37.32 -5.11 7.48
O3 NAG F . 40.11 -5.66 7.82
O4 NAG F . 41.44 -4.31 9.90
O5 NAG F . 38.44 -2.24 9.51
O6 NAG F . 39.65 -0.83 11.58
O7 NAG F . 36.34 -6.07 5.71
H2 NAG F . 38.53 -3.59 7.26
H3 NAG F . 39.10 -5.31 9.43
H4 NAG F . 40.70 -3.17 8.49
H5 NAG F . 39.32 -3.38 10.93
H61 NAG F . 41.19 -2.00 11.16
H62 NAG F . 40.74 -1.13 9.95
H81 NAG F . 36.37 -3.82 4.71
H82 NAG F . 36.25 -3.12 6.13
H83 NAG F . 37.68 -3.41 5.51
HN2 NAG F . 37.10 -5.78 7.98
HO3 NAG F . 40.77 -6.00 8.23
HO4 NAG F . 41.96 -3.72 10.20
HO6 NAG F . 40.13 -0.20 11.85
C1 BMA F . 42.69 -4.06 9.24
C2 BMA F . 43.77 -4.52 10.19
C3 BMA F . 45.13 -4.39 9.56
C4 BMA F . 45.18 -5.14 8.25
C5 BMA F . 44.05 -4.67 7.33
C6 BMA F . 43.95 -5.49 6.07
O2 BMA F . 43.52 -5.86 10.59
O3 BMA F . 46.11 -4.93 10.44
O4 BMA F . 46.42 -4.91 7.60
O5 BMA F . 42.78 -4.79 8.00
O6 BMA F . 43.69 -6.86 6.38
H2 BMA F . 43.75 -3.94 10.97
H3 BMA F . 45.32 -3.45 9.40
H4 BMA F . 45.07 -6.08 8.43
H5 BMA F . 44.26 -3.75 7.10
H61 BMA F . 43.24 -5.14 5.51
H62 BMA F . 44.77 -5.42 5.56
HO2 BMA F . 42.77 -5.92 10.94
HO4 BMA F . 47.05 -5.17 8.10
HO6 BMA F . 43.64 -7.30 5.66
C1 MAN F . 43.88 -7.63 5.18
C2 MAN F . 43.31 -9.01 5.33
C3 MAN F . 44.16 -9.87 6.23
C4 MAN F . 45.60 -9.84 5.77
C5 MAN F . 46.11 -8.41 5.61
C6 MAN F . 47.49 -8.37 4.99
O2 MAN F . 43.18 -9.64 4.06
O3 MAN F . 43.70 -11.21 6.15
O4 MAN F . 46.42 -10.53 6.71
O5 MAN F . 45.24 -7.65 4.77
O6 MAN F . 47.53 -9.29 3.90
H2 MAN F . 42.43 -8.94 5.73
H3 MAN F . 44.10 -9.52 7.14
H4 MAN F . 45.64 -10.27 4.91
H5 MAN F . 46.14 -8.05 6.51
H61 MAN F . 47.68 -7.47 4.68
H62 MAN F . 48.16 -8.60 5.65
HO2 MAN F . 42.87 -10.41 4.14
HO4 MAN F . 47.22 -10.51 6.46
HO6 MAN F . 48.29 -9.26 3.55
C1 MAN F . 42.57 -11.48 6.97
C2 MAN F . 42.63 -12.95 7.32
C3 MAN F . 42.45 -13.81 6.10
C4 MAN F . 41.14 -13.46 5.40
C5 MAN F . 41.11 -11.96 5.10
C6 MAN F . 39.77 -11.52 4.56
O2 MAN F . 41.62 -13.27 8.26
O3 MAN F . 42.45 -15.18 6.47
O4 MAN F . 41.02 -14.17 4.18
O5 MAN F . 41.33 -11.20 6.31
O6 MAN F . 39.61 -10.11 4.64
H2 MAN F . 43.51 -13.14 7.70
H3 MAN F . 43.18 -13.65 5.47
H4 MAN F . 40.41 -13.68 6.00
H5 MAN F . 41.80 -11.80 4.44
H61 MAN F . 39.68 -11.81 3.64
H62 MAN F . 39.06 -11.95 5.06
HO2 MAN F . 41.65 -14.08 8.46
HO3 MAN F . 42.35 -15.66 5.78
HO4 MAN F . 40.30 -13.97 3.81
HO6 MAN F . 38.87 -9.90 4.33
C1 MAN F . 42.17 -13.33 9.59
C2 MAN F . 41.13 -13.97 10.48
C3 MAN F . 39.90 -13.09 10.56
C4 MAN F . 40.29 -11.71 11.05
C5 MAN F . 41.36 -11.12 10.14
C6 MAN F . 41.88 -9.79 10.63
O2 MAN F . 41.68 -14.19 11.77
O3 MAN F . 38.95 -13.68 11.43
O4 MAN F . 39.16 -10.85 11.06
O5 MAN F . 42.50 -12.01 10.09
O6 MAN F . 42.52 -9.93 11.91
H2 MAN F . 40.88 -14.82 10.10
H3 MAN F . 39.51 -13.01 9.68
H4 MAN F . 40.64 -11.79 11.95
H5 MAN F . 40.95 -11.00 9.28
H61 MAN F . 42.52 -9.43 9.99
H62 MAN F . 41.16 -9.15 10.70
HO2 MAN F . 41.10 -14.56 12.26
HO3 MAN F . 38.26 -13.19 11.47
HO4 MAN F . 39.39 -10.09 11.34
HO6 MAN F . 42.80 -9.18 12.16
C1 MAN F . 48.87 -9.42 3.43
C2 MAN F . 48.82 -10.22 2.16
C3 MAN F . 48.30 -11.61 2.42
C4 MAN F . 49.19 -12.27 3.45
C5 MAN F . 49.24 -11.43 4.71
C6 MAN F . 50.19 -11.97 5.74
O2 MAN F . 50.12 -10.30 1.59
O3 MAN F . 48.30 -12.35 1.20
O4 MAN F . 48.67 -13.57 3.77
O5 MAN F . 49.70 -10.10 4.39
O6 MAN F . 50.40 -11.04 6.80
H2 MAN F . 48.21 -9.77 1.55
H3 MAN F . 47.40 -11.56 2.76
H4 MAN F . 50.08 -12.37 3.07
H5 MAN F . 48.34 -11.42 5.08
H61 MAN F . 49.84 -12.80 6.11
H62 MAN F . 51.04 -12.18 5.32
HO2 MAN F . 50.09 -10.75 0.88
HO3 MAN F . 48.01 -13.13 1.35
HO4 MAN F . 49.17 -13.93 4.35
HO6 MAN F . 50.94 -11.37 7.36
C1 MAN F . 50.24 -9.37 0.50
C2 MAN F . 51.50 -9.70 -0.24
C3 MAN F . 52.70 -9.47 0.64
C4 MAN F . 52.70 -8.03 1.14
C5 MAN F . 51.38 -7.74 1.85
C6 MAN F . 51.24 -6.29 2.26
O2 MAN F . 51.58 -8.92 -1.43
O3 MAN F . 53.90 -9.74 -0.07
O4 MAN F . 53.77 -7.81 2.04
O5 MAN F . 50.28 -8.02 0.97
O6 MAN F . 51.12 -5.45 1.12
H2 MAN F . 51.50 -10.63 -0.51
H3 MAN F . 52.66 -10.06 1.41
H4 MAN F . 52.78 -7.44 0.38
H5 MAN F . 51.37 -8.30 2.65
H61 MAN F . 50.47 -6.19 2.84
H62 MAN F . 52.01 -6.02 2.78
HO2 MAN F . 52.29 -9.10 -1.85
HO3 MAN F . 54.56 -9.61 0.43
HO4 MAN F . 53.76 -7.02 2.30
HO6 MAN F . 51.03 -4.65 1.37
C1 MAN F . 46.59 -3.89 11.30
C2 MAN F . 48.01 -4.21 11.68
C3 MAN F . 48.08 -5.47 12.49
C4 MAN F . 47.20 -5.32 13.72
C5 MAN F . 45.77 -4.96 13.30
C6 MAN F . 44.86 -4.68 14.46
O2 MAN F . 48.58 -3.13 12.41
O3 MAN F . 49.42 -5.71 12.88
O4 MAN F . 47.20 -6.53 14.46
O5 MAN F . 45.79 -3.77 12.49
O6 MAN F . 44.45 -5.89 15.11
H2 MAN F . 48.52 -4.35 10.86
H3 MAN F . 47.76 -6.23 11.97
H4 MAN F . 47.56 -4.60 14.28
H5 MAN F . 45.44 -5.74 12.81
H61 MAN F . 45.32 -4.11 15.11
H62 MAN F . 44.08 -4.19 14.15
HO2 MAN F . 49.37 -3.31 12.61
HO3 MAN F . 49.47 -6.41 13.34
HO4 MAN F . 46.71 -6.43 15.14
HO6 MAN F . 43.95 -5.70 15.76
C1 MAN F . 49.42 -2.37 11.54
C2 MAN F . 50.19 -1.38 12.37
C3 MAN F . 49.25 -0.35 12.97
C4 MAN F . 48.46 0.32 11.86
C5 MAN F . 47.73 -0.73 11.03
C6 MAN F . 47.00 -0.16 9.83
O2 MAN F . 51.19 -0.75 11.58
O3 MAN F . 49.98 0.61 13.71
O4 MAN F . 47.50 1.22 12.41
O5 MAN F . 48.68 -1.70 10.52
O6 MAN F . 46.33 -1.19 9.10
H2 MAN F . 50.63 -1.84 13.10
H3 MAN F . 48.62 -0.79 13.57
H4 MAN F . 49.08 0.80 11.29
H5 MAN F . 47.08 -1.14 11.62
H61 MAN F . 46.36 0.50 10.13
H62 MAN F . 47.64 0.29 9.26
HO2 MAN F . 51.61 -0.20 12.05
HO3 MAN F . 49.46 1.18 14.03
HO4 MAN F . 47.07 1.59 11.78
HO6 MAN F . 45.94 -0.84 8.44
C1 NAG G . 17.81 27.42 -6.46
C2 NAG G . 17.85 28.88 -6.00
C3 NAG G . 18.98 29.62 -6.69
C4 NAG G . 20.30 28.89 -6.48
C5 NAG G . 20.17 27.44 -6.93
C6 NAG G . 21.40 26.62 -6.61
C7 NAG G . 15.84 30.10 -5.30
C8 NAG G . 16.08 29.63 -3.90
N2 NAG G . 16.59 29.55 -6.26
O3 NAG G . 19.04 30.94 -6.19
O4 NAG G . 21.34 29.52 -7.22
O5 NAG G . 19.06 26.79 -6.26
O6 NAG G . 21.21 25.26 -6.97
O7 NAG G . 15.01 30.97 -5.56
H2 NAG G . 18.00 28.87 -5.04
H3 NAG G . 18.82 29.64 -7.65
H4 NAG G . 20.52 28.92 -5.53
H5 NAG G . 20.04 27.47 -7.89
H61 NAG G . 22.16 26.98 -7.09
H62 NAG G . 21.59 26.68 -5.66
H81 NAG G . 15.48 30.09 -3.30
H82 NAG G . 15.91 28.67 -3.87
H83 NAG G . 17.01 29.81 -3.66
HN2 NAG G . 16.32 29.61 -7.07
HO3 NAG G . 19.66 31.35 -6.57
HO4 NAG G . 22.06 29.11 -7.10
HO6 NAG G . 21.91 24.82 -6.78
C1 NAG G . 22.26 30.18 -6.35
C2 NAG G . 23.61 30.29 -7.06
C3 NAG G . 24.60 30.98 -6.14
C4 NAG G . 24.06 32.34 -5.72
C5 NAG G . 22.70 32.16 -5.06
C6 NAG G . 22.03 33.47 -4.72
C7 NAG G . 24.23 28.65 -8.76
C8 NAG G . 24.99 27.39 -9.04
N2 NAG G . 24.09 29.00 -7.48
O3 NAG G . 25.85 31.13 -6.81
O4 NAG G . 24.95 32.93 -4.77
O5 NAG G . 21.80 31.47 -5.96
O6 NAG G . 21.76 34.22 -5.90
O7 NAG G . 23.74 29.34 -9.66
H2 NAG G . 23.49 30.81 -7.86
H3 NAG G . 24.75 30.46 -5.35
H4 NAG G . 23.97 32.91 -6.50
H5 NAG G . 22.86 31.66 -4.25
H61 NAG G . 21.20 33.31 -4.25
H62 NAG G . 22.60 33.99 -4.13
H81 NAG G . 25.01 27.25 -10.00
H82 NAG G . 25.89 27.48 -8.69
H83 NAG G . 24.54 26.66 -8.61
HN2 NAG G . 24.31 28.42 -6.88
HO3 NAG G . 26.40 31.51 -6.31
HO4 NAG G . 24.65 33.68 -4.54
HO6 NAG G . 21.39 34.95 -5.70
C1 BMA G . 25.58 34.10 -5.33
C2 BMA G . 25.74 35.13 -4.25
C3 BMA G . 26.44 36.36 -4.79
C4 BMA G . 27.77 35.96 -5.40
C5 BMA G . 27.55 34.90 -6.47
C6 BMA G . 28.83 34.36 -7.04
O2 BMA G . 26.45 34.57 -3.14
O3 BMA G . 26.65 37.31 -3.73
O4 BMA G . 28.40 37.10 -6.00
O5 BMA G . 26.85 33.77 -5.91
O6 BMA G . 29.64 33.75 -6.04
H2 BMA G . 24.87 35.41 -3.93
H3 BMA G . 25.89 36.78 -5.47
H4 BMA G . 28.34 35.61 -4.70
H5 BMA G . 27.04 35.32 -7.18
H61 BMA G . 28.63 33.71 -7.74
H62 BMA G . 29.33 35.07 -7.46
HO2 BMA G . 26.04 33.90 -2.86
HO3 BMA G . 25.91 37.52 -3.40
HO4 BMA G . 28.52 37.68 -5.42
HO6 BMA G . 30.35 33.46 -6.38
C1 MAN G . 31.02 33.78 -6.46
C2 MAN G . 31.22 32.85 -7.64
C3 MAN G . 31.03 31.41 -7.21
C4 MAN G . 31.96 31.10 -6.05
C5 MAN G . 31.73 32.08 -4.91
C6 MAN G . 32.72 31.90 -3.78
O2 MAN G . 32.51 33.04 -8.19
O3 MAN G . 31.28 30.54 -8.31
O4 MAN G . 31.73 29.77 -5.58
O5 MAN G . 31.90 33.43 -5.40
O6 MAN G . 32.48 32.83 -2.72
H2 MAN G . 30.55 33.05 -8.31
H3 MAN G . 30.11 31.27 -6.91
H4 MAN G . 32.88 31.17 -6.37
H5 MAN G . 30.84 31.91 -4.58
H61 MAN G . 32.66 30.99 -3.44
H62 MAN G . 33.63 32.01 -4.11
HO2 MAN G . 32.62 32.52 -8.84
HO3 MAN G . 31.17 29.74 -8.06
HO4 MAN G . 32.25 29.60 -4.94
HO6 MAN G . 33.03 32.70 -2.11
C1 NAG H . -13.91 -20.50 -21.97
C2 NAG H . -14.91 -21.60 -22.35
C3 NAG H . -14.49 -22.24 -23.67
C4 NAG H . -14.33 -21.17 -24.75
C5 NAG H . -13.35 -20.10 -24.27
C6 NAG H . -13.25 -18.94 -25.23
C7 NAG H . -16.10 -22.79 -20.58
C8 NAG H . -16.19 -24.09 -19.84
N2 NAG H . -15.00 -22.61 -21.32
O3 NAG H . -15.45 -23.21 -24.05
O4 NAG H . -13.76 -21.74 -25.93
O5 NAG H . -13.78 -19.55 -23.01
O6 NAG H . -12.25 -18.02 -24.81
O7 NAG H . -16.99 -21.95 -20.53
H2 NAG H . -15.78 -21.20 -22.45
H3 NAG H . -13.63 -22.68 -23.56
H4 NAG H . -15.21 -20.80 -24.93
H5 NAG H . -12.49 -20.55 -24.20
H61 NAG H . -13.04 -19.26 -26.12
H62 NAG H . -14.11 -18.49 -25.28
H81 NAG H . -17.03 -24.11 -19.35
H82 NAG H . -16.15 -24.82 -20.48
H83 NAG H . -15.44 -24.14 -19.22
HN2 NAG H . -14.32 -23.10 -21.15
HO3 NAG H . -15.23 -23.56 -24.78
HO4 NAG H . -13.68 -21.16 -26.51
HO6 NAG H . -12.21 -17.38 -25.36
C1 NAG H . -14.75 -21.94 -26.95
C2 NAG H . -14.15 -21.54 -28.29
C3 NAG H . -15.11 -21.87 -29.42
C4 NAG H . -15.52 -23.33 -29.35
C5 NAG H . -16.07 -23.66 -27.97
C6 NAG H . -16.37 -25.13 -27.80
C7 NAG H . -12.55 -19.68 -28.27
C8 NAG H . -11.50 -20.65 -27.82
N2 NAG H . -13.81 -20.13 -28.32
O3 NAG H . -14.53 -21.56 -30.67
O4 NAG H . -16.53 -23.56 -30.32
O5 NAG H . -15.13 -23.31 -26.94
O6 NAG H . -17.03 -25.38 -26.56
O7 NAG H . -12.28 -18.52 -28.59
H2 NAG H . -13.32 -22.04 -28.42
H3 NAG H . -15.91 -21.33 -29.32
H4 NAG H . -14.74 -23.89 -29.53
H5 NAG H . -16.90 -23.15 -27.89
H61 NAG H . -16.93 -25.43 -28.53
H62 NAG H . -15.55 -25.63 -27.85
H81 NAG H . -10.65 -20.20 -27.83
H82 NAG H . -11.72 -20.94 -26.92
H83 NAG H . -11.49 -21.40 -28.42
HN2 NAG H . -14.44 -19.57 -28.37
HO3 NAG H . -15.07 -21.74 -31.29
HO4 NAG H . -16.76 -24.38 -30.30
HO6 NAG H . -17.18 -26.21 -26.49
C1 BMA H . -16.09 -24.49 -31.32
C2 BMA H . -17.32 -25.04 -31.99
C3 BMA H . -16.96 -25.97 -33.12
C4 BMA H . -16.04 -25.26 -34.10
C5 BMA H . -14.81 -24.70 -33.37
C6 BMA H . -13.94 -23.86 -34.26
O2 BMA H . -18.14 -23.97 -32.45
O3 BMA H . -18.13 -26.38 -33.80
O4 BMA H . -15.60 -26.18 -35.10
O5 BMA H . -15.23 -23.85 -32.28
O6 BMA H . -14.67 -22.75 -34.78
H2 BMA H . -17.82 -25.56 -31.34
H3 BMA H . -16.50 -26.75 -32.76
H4 BMA H . -16.53 -24.53 -34.51
H5 BMA H . -14.32 -25.47 -33.06
H61 BMA H . -13.17 -23.55 -33.77
H62 BMA H . -13.61 -24.40 -35.00
HO2 BMA H . -18.33 -23.47 -31.81
HO4 BMA H . -16.27 -26.48 -35.51
HO6 BMA H . -14.17 -22.28 -35.27
C1 MAN H . -13.84 -22.00 -35.69
C2 MAN H . -14.49 -20.67 -35.98
C3 MAN H . -15.80 -20.87 -36.73
C4 MAN H . -15.54 -21.66 -38.00
C5 MAN H . -14.86 -22.98 -37.66
C6 MAN H . -14.45 -23.74 -38.90
O2 MAN H . -13.60 -19.83 -36.70
O3 MAN H . -16.37 -19.60 -37.06
O4 MAN H . -16.77 -21.92 -38.66
O5 MAN H . -13.65 -22.72 -36.92
O6 MAN H . -13.72 -22.90 -39.78
H2 MAN H . -14.71 -20.24 -35.13
H3 MAN H . -16.41 -21.35 -36.17
H4 MAN H . -14.96 -21.13 -38.58
H5 MAN H . -15.50 -23.50 -37.16
H61 MAN H . -13.91 -24.51 -38.65
H62 MAN H . -15.24 -24.09 -39.35
HO2 MAN H . -13.97 -19.10 -36.85
HO4 MAN H . -16.62 -22.36 -39.36
HO6 MAN H . -13.50 -23.34 -40.47
C1 MAN H . -13.53 -23.56 -41.04
C2 MAN H . -12.57 -22.73 -41.86
C3 MAN H . -13.17 -21.39 -42.18
C4 MAN H . -14.48 -21.58 -42.90
C5 MAN H . -15.41 -22.44 -42.05
C6 MAN H . -16.71 -22.78 -42.76
O2 MAN H . -12.27 -23.42 -43.06
O3 MAN H . -12.26 -20.64 -42.98
O4 MAN H . -15.10 -20.32 -43.13
O5 MAN H . -14.77 -23.70 -41.76
O6 MAN H . -17.44 -23.77 -42.05
H2 MAN H . -11.77 -22.60 -41.34
H3 MAN H . -13.32 -20.90 -41.35
H4 MAN H . -14.31 -22.02 -43.75
H5 MAN H . -15.61 -21.93 -41.26
H61 MAN H . -17.24 -21.98 -42.86
H62 MAN H . -16.50 -23.10 -43.66
HO2 MAN H . -11.73 -22.96 -43.52
HO3 MAN H . -12.59 -19.89 -43.15
HO4 MAN H . -15.83 -20.44 -43.53
HO6 MAN H . -18.15 -23.94 -42.47
C1 MAN H . -10.99 -24.05 -42.98
C2 MAN H . -10.58 -24.42 -44.38
C3 MAN H . -11.54 -25.46 -44.94
C4 MAN H . -11.58 -26.66 -44.03
C5 MAN H . -11.95 -26.23 -42.62
C6 MAN H . -11.90 -27.36 -41.61
O2 MAN H . -9.24 -24.91 -44.40
O3 MAN H . -11.13 -25.84 -46.25
O4 MAN H . -12.53 -27.61 -44.50
O5 MAN H . -11.03 -25.22 -42.15
O6 MAN H . -12.21 -26.92 -40.30
H2 MAN H . -10.62 -23.64 -44.95
H3 MAN H . -12.43 -25.08 -45.00
H4 MAN H . -10.70 -27.08 -44.01
H5 MAN H . -12.87 -25.90 -42.66
H61 MAN H . -12.52 -28.06 -41.87
H62 MAN H . -11.01 -27.76 -41.62
HO2 MAN H . -9.02 -25.11 -45.18
HO3 MAN H . -11.66 -26.41 -46.56
HO4 MAN H . -12.54 -28.27 -43.97
HO6 MAN H . -12.17 -27.56 -39.77
C1 MAN H . -16.92 -18.99 -35.88
C2 MAN H . -18.22 -18.32 -36.27
C3 MAN H . -17.96 -17.20 -37.24
C4 MAN H . -16.96 -16.22 -36.65
C5 MAN H . -15.69 -16.95 -36.26
C6 MAN H . -14.69 -16.05 -35.55
O2 MAN H . -18.88 -17.84 -35.09
O3 MAN H . -19.18 -16.54 -37.56
O4 MAN H . -16.64 -15.20 -37.59
O5 MAN H . -16.00 -18.02 -35.35
O6 MAN H . -13.56 -16.80 -35.11
H2 MAN H . -18.79 -18.97 -36.70
H3 MAN H . -17.58 -17.57 -38.06
H4 MAN H . -17.36 -15.81 -35.86
H5 MAN H . -15.29 -17.26 -37.08
H61 MAN H . -14.40 -15.35 -36.16
H62 MAN H . -15.11 -15.62 -34.79
HO2 MAN H . -19.59 -17.47 -35.31
HO3 MAN H . -19.04 -15.92 -38.11
HO4 MAN H . -16.10 -14.66 -37.25
HO6 MAN H . -13.02 -16.29 -34.73
C1 MAN H . -18.67 -27.57 -33.19
C2 MAN H . -19.42 -28.32 -34.26
C3 MAN H . -20.59 -27.52 -34.75
C4 MAN H . -21.49 -27.19 -33.57
C5 MAN H . -20.69 -26.45 -32.51
C6 MAN H . -21.48 -26.16 -31.26
O2 MAN H . -19.85 -29.58 -33.76
O3 MAN H . -21.31 -28.29 -35.71
O4 MAN H . -22.56 -26.36 -34.00
O5 MAN H . -19.55 -27.24 -32.11
O6 MAN H . -21.99 -27.35 -30.67
H2 MAN H . -18.82 -28.47 -35.01
H3 MAN H . -20.28 -26.70 -35.16
H4 MAN H . -21.84 -28.00 -33.20
H5 MAN H . -20.41 -25.61 -32.91
H61 MAN H . -20.92 -25.69 -30.62
H62 MAN H . -22.22 -25.56 -31.48
HO2 MAN H . -20.27 -29.99 -34.35
HO3 MAN H . -21.96 -27.84 -35.99
HO4 MAN H . -23.06 -26.18 -33.35
HO6 MAN H . -22.42 -27.16 -29.99
C1 MAN H . -19.06 -30.60 -34.38
C2 MAN H . -19.70 -31.94 -34.11
C3 MAN H . -19.66 -32.27 -32.65
C4 MAN H . -18.22 -32.23 -32.16
C5 MAN H . -17.60 -30.88 -32.47
C6 MAN H . -16.13 -30.80 -32.14
O2 MAN H . -19.02 -32.95 -34.85
O3 MAN H . -20.23 -33.56 -32.42
O4 MAN H . -18.18 -32.48 -30.76
O5 MAN H . -17.72 -30.61 -33.88
O6 MAN H . -15.91 -30.87 -30.73
H2 MAN H . -20.62 -31.90 -34.39
H3 MAN H . -20.17 -31.62 -32.15
H4 MAN H . -17.71 -32.93 -32.61
H5 MAN H . -18.09 -30.23 -31.93
H61 MAN H . -15.66 -31.52 -32.58
H62 MAN H . -15.76 -29.97 -32.48
HO2 MAN H . -19.38 -33.69 -34.70
HO3 MAN H . -20.20 -33.74 -31.60
HO4 MAN H . -17.38 -32.45 -30.49
HO6 MAN H . -15.08 -30.82 -30.58
C1 NAG I . -11.02 16.82 -25.81
C2 NAG I . -12.09 17.85 -26.20
C3 NAG I . -11.78 18.42 -27.57
C4 NAG I . -10.37 19.00 -27.62
C5 NAG I . -9.37 17.94 -27.17
C6 NAG I . -7.97 18.48 -27.05
C7 NAG I . -14.42 17.60 -25.44
C8 NAG I . -14.08 18.41 -24.23
N2 NAG I . -13.40 17.23 -26.22
O3 NAG I . -12.75 19.41 -27.88
O4 NAG I . -10.04 19.42 -28.94
O5 NAG I . -9.73 17.41 -25.88
O6 NAG I . -7.06 17.46 -26.62
O7 NAG I . -15.57 17.30 -25.71
H2 NAG I . -12.09 18.55 -25.55
H3 NAG I . -11.82 17.72 -28.24
H4 NAG I . -10.34 19.76 -27.01
H5 NAG I . -9.39 17.25 -27.86
H61 NAG I . -7.68 18.84 -27.89
H62 NAG I . -7.96 19.21 -26.41
H81 NAG I . -14.89 18.61 -23.74
H82 NAG I . -13.47 17.89 -23.66
H83 NAG I . -13.64 19.23 -24.51
HN2 NAG I . -13.54 16.58 -26.76
HO3 NAG I . -12.58 19.74 -28.65
HO4 NAG I . -9.27 19.74 -28.94
HO6 NAG I . -6.29 17.78 -26.56
C1 NAG I . -9.99 20.85 -29.02
C2 NAG I . -8.89 21.26 -30.01
C3 NAG I . -8.85 22.77 -30.14
C4 NAG I . -10.22 23.31 -30.51
C5 NAG I . -11.25 22.83 -29.50
C6 NAG I . -12.66 23.24 -29.88
C7 NAG I . -6.89 19.92 -30.36
C8 NAG I . -7.42 19.63 -31.72
N2 NAG I . -7.60 20.77 -29.61
O3 NAG I . -7.88 23.14 -31.11
O4 NAG I . -10.16 24.74 -30.46
O5 NAG I . -11.24 21.40 -29.40
O6 NAG I . -13.59 22.88 -28.86
O7 NAG I . -5.84 19.42 -29.94
H2 NAG I . -9.11 20.86 -30.88
H3 NAG I . -8.59 23.16 -29.29
H4 NAG I . -10.47 23.01 -31.40
H5 NAG I . -11.01 23.25 -28.66
H61 NAG I . -12.70 24.19 -30.03
H62 NAG I . -12.90 22.80 -30.71
H81 NAG I . -6.82 19.02 -32.17
H82 NAG I . -8.30 19.24 -31.63
H83 NAG I . -7.47 20.46 -32.22
HN2 NAG I . -7.28 21.02 -28.85
HO3 NAG I . -7.85 23.98 -31.18
HO4 NAG I . -10.90 25.06 -30.67
HO6 NAG I . -14.35 23.10 -29.10
C1 BMA I . -10.50 25.34 -31.72
C2 BMA I . -10.78 26.80 -31.47
C3 BMA I . -11.12 27.52 -32.74
C4 BMA I . -10.00 27.33 -33.75
C5 BMA I . -9.74 25.84 -33.95
C6 BMA I . -8.55 25.57 -34.86
O2 BMA I . -9.66 27.40 -30.83
O3 BMA I . -11.30 28.90 -32.47
O4 BMA I . -10.37 27.91 -35.00
O5 BMA I . -9.45 25.20 -32.69
O6 BMA I . -7.47 26.44 -34.55
H2 BMA I . -11.56 26.87 -30.88
H3 BMA I . -11.95 27.16 -33.11
H4 BMA I . -9.21 27.75 -33.41
H5 BMA I . -10.54 25.48 -34.37
H61 BMA I . -8.27 24.65 -34.77
H62 BMA I . -8.82 25.70 -35.78
HO2 BMA I . -9.49 26.99 -30.11
HO4 BMA I . -10.52 28.73 -34.88
HO6 BMA I . -6.83 26.28 -35.06
C1 MAN I . -12.70 29.24 -32.47
C2 MAN I . -12.82 30.74 -32.62
C3 MAN I . -12.23 31.44 -31.42
C4 MAN I . -12.92 30.95 -30.17
C5 MAN I . -12.79 29.44 -30.07
C6 MAN I . -13.54 28.86 -28.91
O2 MAN I . -14.20 31.08 -32.73
O3 MAN I . -12.39 32.85 -31.56
O4 MAN I . -12.34 31.55 -29.02
O5 MAN I . -13.34 28.83 -31.26
O6 MAN I . -13.48 27.44 -28.90
H2 MAN I . -12.34 31.01 -33.42
H3 MAN I . -11.28 31.25 -31.37
H4 MAN I . -13.86 31.19 -30.21
H5 MAN I . -11.85 29.25 -29.97
H61 MAN I . -13.18 29.21 -28.07
H62 MAN I . -14.48 29.13 -28.95
HO2 MAN I . -14.28 31.91 -32.80
HO3 MAN I . -12.07 33.24 -30.89
HO4 MAN I . -12.72 31.27 -28.32
HO6 MAN I . -13.90 27.13 -28.24
C1 MAN I . -14.40 32.00 -33.80
C2 MAN I . -15.84 32.49 -33.74
C3 MAN I . -16.79 31.34 -34.02
C4 MAN I . -16.46 30.72 -35.36
C5 MAN I . -14.99 30.27 -35.38
C6 MAN I . -14.55 29.74 -36.73
O2 MAN I . -16.02 33.54 -34.67
O3 MAN I . -18.13 31.82 -34.02
O4 MAN I . -17.30 29.58 -35.59
O5 MAN I . -14.14 31.40 -35.07
O6 MAN I . -15.13 28.47 -37.01
H2 MAN I . -16.02 32.81 -32.86
H3 MAN I . -16.69 30.67 -33.33
H4 MAN I . -16.60 31.37 -36.06
H5 MAN I . -14.92 29.56 -34.72
H61 MAN I . -14.79 30.37 -37.42
H62 MAN I . -13.58 29.67 -36.74
HO2 MAN I . -16.83 33.81 -34.64
HO3 MAN I . -18.65 31.18 -34.16
HO4 MAN I . -17.11 29.25 -36.33
HO6 MAN I . -14.87 28.20 -37.75
C1 MAN I . -6.27 25.69 -34.30
C2 MAN I . -5.38 26.55 -33.43
C3 MAN I . -4.98 27.81 -34.17
C4 MAN I . -4.29 27.43 -35.46
C5 MAN I . -5.21 26.54 -36.29
C6 MAN I . -4.55 26.04 -37.55
O2 MAN I . -4.24 25.82 -33.01
O3 MAN I . -4.13 28.61 -33.36
O4 MAN I . -3.98 28.60 -36.21
O5 MAN I . -5.58 25.38 -35.52
O6 MAN I . -5.44 25.20 -38.29
H2 MAN I . -5.88 26.81 -32.63
H3 MAN I . -5.78 28.32 -34.38
H4 MAN I . -3.47 26.95 -35.26
H5 MAN I . -5.97 27.09 -36.52
H61 MAN I . -4.28 26.79 -38.11
H62 MAN I . -3.75 25.55 -37.33
HO2 MAN I . -3.75 26.30 -32.54
HO3 MAN I . -3.92 29.31 -33.77
HO4 MAN I . -3.60 28.39 -36.92
HO6 MAN I . -5.05 24.93 -38.99
C1 MAN I . -4.83 29.85 -33.12
C2 MAN I . -3.87 30.86 -32.54
C3 MAN I . -3.43 30.43 -31.16
C4 MAN I . -4.64 30.22 -30.27
C5 MAN I . -5.58 29.21 -30.92
C6 MAN I . -6.87 29.04 -30.16
O2 MAN I . -4.49 32.15 -32.50
O3 MAN I . -2.56 31.42 -30.60
O4 MAN I . -4.23 29.73 -29.00
O5 MAN I . -5.94 29.67 -32.24
O6 MAN I . -7.64 30.24 -30.14
H2 MAN I . -3.09 30.92 -33.11
H3 MAN I . -2.93 29.59 -31.23
H4 MAN I . -5.09 31.07 -30.16
H5 MAN I . -5.11 28.37 -30.94
H61 MAN I . -7.40 28.33 -30.55
H62 MAN I . -6.68 28.78 -29.24
HO2 MAN I . -3.96 32.71 -32.17
HO3 MAN I . -2.32 31.17 -29.84
HO4 MAN I . -4.91 29.62 -28.52
HO6 MAN I . -8.35 30.12 -29.71
C1 NAG J . 0.96 -15.27 -64.98
C2 NAG J . 0.82 -16.74 -65.36
C3 NAG J . 0.74 -16.86 -66.87
C4 NAG J . -0.40 -16.00 -67.42
C5 NAG J . -0.20 -14.56 -66.96
C6 NAG J . -1.35 -13.64 -67.32
C7 NAG J . 3.02 -17.13 -64.31
C8 NAG J . 3.19 -17.51 -62.87
N2 NAG J . 1.90 -17.59 -64.88
O3 NAG J . 0.56 -18.23 -67.19
O4 NAG J . -0.38 -16.04 -68.84
O5 NAG J . -0.09 -14.51 -65.52
O6 NAG J . -2.51 -13.96 -66.57
O7 NAG J . 3.83 -16.44 -64.91
H2 NAG J . 0.02 -17.06 -64.92
H3 NAG J . 1.55 -16.54 -67.30
H4 NAG J . -1.24 -16.34 -67.08
H5 NAG J . 0.60 -14.26 -67.40
H61 NAG J . -1.09 -12.73 -67.16
H62 NAG J . -1.53 -13.73 -68.27
H81 NAG J . 4.03 -17.13 -62.54
H82 NAG J . 2.45 -17.16 -62.35
H83 NAG J . 3.22 -18.48 -62.80
HN2 NAG J . 1.81 -18.44 -64.98
HO3 NAG J . 0.51 -18.32 -68.03
HO4 NAG J . -1.00 -15.56 -69.14
HO6 NAG J . -3.14 -13.44 -66.80
C1 NAG J . -1.43 -17.02 -69.21
C2 NAG J . -2.22 -16.44 -70.39
C3 NAG J . -3.24 -17.48 -70.86
C4 NAG J . -2.54 -18.77 -71.24
C5 NAG J . -1.75 -19.26 -70.03
C6 NAG J . -0.93 -20.49 -70.33
C7 NAG J . -3.83 -15.03 -69.18
C8 NAG J . -4.60 -13.75 -69.31
N2 NAG J . -2.84 -15.19 -70.06
O3 NAG J . -3.96 -16.95 -71.97
O4 NAG J . -3.51 -19.75 -71.59
O5 NAG J . -0.81 -18.25 -69.60
O6 NAG J . 0.03 -20.74 -69.30
O7 NAG J . -4.08 -15.85 -68.31
H2 NAG J . -1.59 -16.27 -71.11
H3 NAG J . -3.87 -17.66 -70.16
H4 NAG J . -1.93 -18.62 -71.98
H5 NAG J . -2.40 -19.47 -69.34
H61 NAG J . -1.52 -21.26 -70.41
H62 NAG J . -0.48 -20.39 -71.18
H81 NAG J . -5.30 -13.74 -68.63
H82 NAG J . -4.00 -13.01 -69.19
H83 NAG J . -5.00 -13.71 -70.19
HN2 NAG J . -2.55 -14.49 -70.47
HO3 NAG J . -4.52 -17.51 -72.23
HO4 NAG J . -3.11 -20.46 -71.80
HO6 NAG J . 0.48 -21.43 -69.48
C1 NAG K . 12.25 -31.59 -0.16
C2 NAG K . 11.91 -32.92 0.51
C3 NAG K . 12.54 -34.08 -0.26
C4 NAG K . 12.10 -34.05 -1.71
C5 NAG K . 12.43 -32.69 -2.32
C6 NAG K . 11.92 -32.51 -3.73
C7 NAG K . 11.62 -33.06 2.95
C8 NAG K . 10.17 -32.75 2.77
N2 NAG K . 12.39 -32.94 1.87
O3 NAG K . 12.19 -35.31 0.35
O4 NAG K . 12.77 -35.08 -2.42
O5 NAG K . 11.83 -31.64 -1.53
O6 NAG K . 10.49 -32.48 -3.74
O7 NAG K . 12.09 -33.42 4.03
H2 NAG K . 10.95 -33.01 0.51
H3 NAG K . 13.51 -33.98 -0.24
H4 NAG K . 11.14 -34.19 -1.77
H5 NAG K . 13.41 -32.64 -2.33
H61 NAG K . 12.27 -31.69 -4.11
H62 NAG K . 12.23 -33.24 -4.28
H81 NAG K . 9.72 -32.87 3.62
H82 NAG K . 10.09 -31.83 2.48
H83 NAG K . 9.80 -33.34 2.10
HN2 NAG K . 13.25 -32.88 1.99
HO3 NAG K . 12.54 -35.93 -0.07
HO4 NAG K . 12.52 -35.07 -3.22
HO6 NAG K . 10.22 -32.38 -4.53
C1 NAG K . 11.91 -35.74 -3.38
C2 NAG K . 12.74 -36.83 -4.06
C3 NAG K . 11.90 -37.53 -5.12
C4 NAG K . 10.64 -38.09 -4.46
C5 NAG K . 9.89 -36.96 -3.77
C6 NAG K . 8.67 -37.46 -3.01
C7 NAG K . 14.15 -35.44 -5.59
C8 NAG K . 12.95 -34.61 -5.93
N2 NAG K . 13.99 -36.33 -4.60
O3 NAG K . 12.66 -38.55 -5.73
O4 NAG K . 9.81 -38.69 -5.45
O5 NAG K . 10.74 -36.31 -2.80
O6 NAG K . 7.95 -36.37 -2.44
O7 NAG K . 15.22 -35.30 -6.18
H2 NAG K . 13.01 -37.47 -3.39
H3 NAG K . 11.63 -36.89 -5.80
H4 NAG K . 10.90 -38.76 -3.81
H5 NAG K . 9.61 -36.36 -4.47
H61 NAG K . 8.10 -37.95 -3.61
H62 NAG K . 8.95 -38.07 -2.31
H81 NAG K . 13.17 -33.99 -6.66
H82 NAG K . 12.23 -35.18 -6.21
H83 NAG K . 12.67 -34.10 -5.15
HN2 NAG K . 14.72 -36.64 -4.26
HO3 NAG K . 12.18 -38.94 -6.32
HO4 NAG K . 9.11 -38.99 -5.08
HO6 NAG K . 7.28 -36.68 -2.03
C1 BMA K . 9.74 -40.11 -5.23
C2 BMA K . 8.35 -40.61 -5.60
C3 BMA K . 8.27 -42.11 -5.41
C4 BMA K . 9.36 -42.79 -6.20
C5 BMA K . 10.73 -42.22 -5.80
C6 BMA K . 11.86 -42.77 -6.65
O2 BMA K . 8.05 -40.24 -6.94
O3 BMA K . 7.00 -42.59 -5.82
O4 BMA K . 9.36 -44.19 -5.95
O5 BMA K . 10.73 -40.79 -5.98
O6 BMA K . 11.72 -42.43 -8.02
H2 BMA K . 7.70 -40.21 -5.01
H3 BMA K . 8.39 -42.32 -4.47
H4 BMA K . 9.21 -42.63 -7.14
H5 BMA K . 10.87 -42.48 -4.88
H61 BMA K . 12.71 -42.43 -6.31
H62 BMA K . 11.89 -43.74 -6.56
HO2 BMA K . 8.10 -39.41 -7.02
HO3 BMA K . 6.39 -42.21 -5.38
HO4 BMA K . 8.61 -44.51 -6.17
HO6 BMA K . 12.37 -42.74 -8.45
C1 MAN K . 12.74 -43.12 -8.76
C2 MAN K . 13.86 -42.16 -9.12
C3 MAN K . 13.36 -41.12 -10.10
C4 MAN K . 12.78 -41.80 -11.33
C5 MAN K . 11.68 -42.78 -10.90
C6 MAN K . 11.14 -43.60 -12.05
O2 MAN K . 14.96 -42.87 -9.65
O3 MAN K . 14.43 -40.26 -10.48
O4 MAN K . 12.24 -40.84 -12.21
O5 MAN K . 12.20 -43.72 -9.93
O6 MAN K . 10.37 -42.80 -12.94
H2 MAN K . 14.14 -41.69 -8.31
H3 MAN K . 12.66 -40.59 -9.68
H4 MAN K . 13.49 -42.29 -11.77
H5 MAN K . 10.97 -42.24 -10.53
H61 MAN K . 11.87 -44.01 -12.53
H62 MAN K . 10.59 -44.32 -11.70
HO2 MAN K . 15.58 -42.34 -9.84
HO3 MAN K . 14.15 -39.68 -11.03
HO4 MAN K . 11.91 -41.23 -12.88
HO6 MAN K . 10.07 -43.28 -13.57
C1 NAG L . 31.07 -39.21 -17.24
C2 NAG L . 32.37 -39.98 -17.06
C3 NAG L . 32.05 -41.45 -16.80
C4 NAG L . 31.11 -41.57 -15.61
C5 NAG L . 29.85 -40.73 -15.85
C6 NAG L . 28.93 -40.68 -14.65
C7 NAG L . 34.02 -38.82 -18.46
C8 NAG L . 33.77 -38.15 -19.78
N2 NAG L . 33.26 -39.89 -18.21
O3 NAG L . 33.26 -42.16 -16.58
O4 NAG L . 30.72 -42.93 -15.50
O5 NAG L . 30.22 -39.36 -16.12
O6 NAG L . 29.42 -39.76 -13.67
O7 NAG L . 34.85 -38.41 -17.67
H2 NAG L . 32.85 -39.59 -16.32
H3 NAG L . 31.59 -41.83 -17.57
H4 NAG L . 31.54 -41.25 -14.80
H5 NAG L . 29.39 -41.15 -16.59
H61 NAG L . 28.04 -40.42 -14.93
H62 NAG L . 28.86 -41.56 -14.27
H81 NAG L . 34.37 -37.39 -19.86
H82 NAG L . 33.95 -38.79 -20.49
H83 NAG L . 32.85 -37.86 -19.83
HN2 NAG L . 33.30 -40.55 -18.75
HO3 NAG L . 33.08 -42.97 -16.43
HO4 NAG L . 30.20 -43.03 -14.85
HO6 NAG L . 28.89 -39.76 -13.02
C1 NAG L . 31.19 -43.34 -14.15
C2 NAG L . 30.46 -44.64 -13.82
C3 NAG L . 30.97 -45.19 -12.49
C4 NAG L . 32.48 -45.37 -12.55
C5 NAG L . 33.13 -44.04 -12.91
C6 NAG L . 34.62 -44.13 -13.13
C7 NAG L . 28.23 -44.45 -14.84
C8 NAG L . 28.49 -45.47 -15.91
N2 NAG L . 29.02 -44.50 -13.77
O3 NAG L . 30.32 -46.42 -12.20
O4 NAG L . 32.95 -45.79 -11.28
O5 NAG L . 32.59 -43.56 -14.17
O6 NAG L . 34.93 -44.80 -14.35
O7 NAG L . 27.34 -43.60 -14.96
H2 NAG L . 30.66 -45.27 -14.54
H3 NAG L . 30.78 -44.55 -11.78
H4 NAG L . 32.71 -46.04 -13.22
H5 NAG L . 32.95 -43.44 -12.17
H61 NAG L . 35.01 -43.25 -13.13
H62 NAG L . 35.02 -44.61 -12.38
H81 NAG L . 27.86 -45.34 -16.63
H82 NAG L . 29.39 -45.37 -16.23
H83 NAG L . 28.37 -46.36 -15.53
HN2 NAG L . 28.65 -44.45 -13.00
HO3 NAG L . 30.60 -46.71 -11.47
HO4 NAG L . 33.78 -45.89 -11.30
HO6 NAG L . 35.76 -44.85 -14.44
N POV M . -2.29 12.57 48.18
P POV M . -6.23 14.37 49.09
C1 POV M . -6.12 15.94 46.98
C2 POV M . -5.38 16.20 45.69
C3 POV M . -5.99 17.31 44.87
C310 POV M . -6.08 24.81 37.95
C11 POV M . -4.54 12.35 49.36
O11 POV M . -5.67 14.71 47.63
C311 POV M . -6.90 26.05 37.71
C12 POV M . -3.76 12.92 48.21
O12 POV M . -5.92 12.81 49.28
C13 POV M . -2.04 11.36 49.00
O13 POV M . -7.72 14.54 49.06
C14 POV M . -1.50 13.71 48.75
O14 POV M . -5.40 15.12 50.08
C15 POV M . -1.84 12.32 46.79
C21 POV M . -4.23 14.28 44.81
O21 POV M . -5.36 15.00 44.86
C22 POV M . -2.99 15.08 44.52
O22 POV M . -4.23 13.09 44.99
C23 POV M . -3.00 15.71 43.16
C24 POV M . -3.22 14.70 42.06
C25 POV M . -3.34 15.30 40.67
C26 POV M . -3.78 14.32 39.61
C27 POV M . -3.93 14.92 38.23
C28 POV M . -2.64 15.34 37.59
C31 POV M . -6.81 19.22 46.01
O31 POV M . -5.75 18.58 45.54
C32 POV M . -7.22 20.36 45.12
O32 POV M . -7.36 18.91 47.03
C33 POV M . -7.66 19.93 43.76
C34 POV M . -7.64 21.07 42.76
C35 POV M . -8.71 22.10 42.96
C36 POV M . -8.56 23.31 42.07
C37 POV M . -8.10 22.94 40.67
C38 POV M . -7.47 24.09 39.92
C39 POV M . -6.84 23.69 38.62
H1 POV M . -5.99 16.69 47.59
H1A POV M . -7.07 15.87 46.80
H2 POV M . -4.48 16.46 45.95
H3 POV M . -5.61 17.33 43.98
H3A POV M . -6.95 17.18 44.76
H310 POV M . -5.75 24.49 37.09
H31A POV M . -5.30 25.04 38.48
H11 POV M . -4.51 11.38 49.36
H11A POV M . -4.15 12.64 50.21
H12 POV M . -3.85 13.88 48.21
H12A POV M . -4.16 12.60 47.38
H22 POV M . -2.91 15.78 45.19
H22A POV M . -2.21 14.51 44.59
H32 POV M . -7.94 20.85 45.55
H32A POV M . -6.47 20.97 45.03
H13 POV M . -1.09 11.15 48.99
H13A POV M . -2.32 11.53 49.91
H13B POV M . -2.54 10.62 48.63
H23 POV M . -3.70 16.39 43.13
H23A POV M . -2.16 16.17 43.02
H33 POV M . -7.08 19.22 43.45
H33A POV M . -8.55 19.56 43.81
H14 POV M . -0.55 13.48 48.72
H14A POV M . -1.66 14.50 48.20
H14B POV M . -1.78 13.87 49.66
H24 POV M . -2.48 14.07 42.06
H24A POV M . -4.03 14.19 42.24
H34 POV M . -6.77 21.50 42.79
H34A POV M . -7.74 20.69 41.86
H15 POV M . -0.90 12.11 46.80
H15A POV M . -2.34 11.58 46.42
H15B POV M . -1.99 13.11 46.25
H25 POV M . -3.97 16.03 40.70
H25A POV M . -2.48 15.68 40.42
H35 POV M . -9.58 21.70 42.81
H35A POV M . -8.70 22.40 43.89
H26 POV M . -3.13 13.60 39.57
H26A POV M . -4.61 13.93 39.88
H36 POV M . -9.40 23.77 42.02
H36A POV M . -7.91 23.91 42.46
H27 POV M . -4.37 14.28 37.64
H27A POV M . -4.51 15.70 38.28
H37 POV M . -7.47 22.21 40.73
H37A POV M . -8.87 22.62 40.17
H38 POV M . -8.15 24.76 39.75
H38A POV M . -6.80 24.51 40.49
H39 POV M . -7.53 23.37 38.02
H39A POV M . -6.23 22.95 38.78
N POV N . -6.43 29.73 -1.95
P POV N . -7.80 29.99 2.16
C1 POV N . -6.26 28.82 3.95
C2 POV N . -6.66 27.90 5.09
C3 POV N . -8.11 28.06 5.49
C310 POV N . -10.47 27.89 -1.82
C11 POV N . -5.75 29.68 0.52
O11 POV N . -7.20 28.66 2.85
C311 POV N . -11.67 27.71 -2.72
C12 POV N . -5.56 30.29 -0.84
O12 POV N . -6.54 30.57 1.35
C13 POV N . -6.96 28.40 -1.57
O13 POV N . -8.84 29.55 1.17
C14 POV N . -5.63 29.60 -3.19
O14 POV N . -8.16 30.96 3.25
C15 POV N . -7.57 30.65 -2.22
C21 POV N . -4.52 27.81 6.18
O21 POV N . -5.80 28.18 6.24
C22 POV N . -4.27 26.42 6.71
O22 POV N . -3.65 28.52 5.75
C23 POV N . -2.82 26.08 6.75
C24 POV N . -2.45 25.24 7.98
C25 POV N . -0.97 25.06 8.17
C26 POV N . -0.58 23.72 8.74
C31 POV N . -8.95 25.88 5.75
O31 POV N . -8.48 26.97 6.36
C32 POV N . -9.93 26.22 4.67
O32 POV N . -8.64 24.77 6.06
C33 POV N . -11.15 25.35 4.67
C34 POV N . -11.03 24.18 3.72
C35 POV N . -10.87 24.56 2.28
C36 POV N . -12.16 24.56 1.51
C37 POV N . -12.37 25.79 0.65
C38 POV N . -11.34 25.95 -0.45
C39 POV N . -10.63 27.27 -0.45
H1 POV N . -6.24 29.74 4.26
H1A POV N . -5.36 28.59 3.66
H2 POV N . -6.55 27.00 4.79
H3 POV N . -8.24 28.91 5.95
H3A POV N . -8.67 28.08 4.70
H310 POV N . -9.70 27.50 -2.25
H31A POV N . -10.29 28.84 -1.71
H11 POV N . -6.20 28.81 0.43
H11A POV N . -4.89 29.51 0.93
H12 POV N . -4.63 30.19 -1.10
H12A POV N . -5.73 31.25 -0.77
H22 POV N . -4.64 26.35 7.60
H22A POV N . -4.73 25.78 6.16
H32 POV N . -10.20 27.15 4.76
H32A POV N . -9.49 26.15 3.81
H13 POV N . -7.52 28.06 -2.28
H13A POV N . -6.21 27.80 -1.40
H13B POV N . -7.49 28.50 -0.75
H23 POV N . -2.57 25.59 5.96
H23A POV N . -2.29 26.90 6.76
H33 POV N . -11.30 25.03 5.57
H33A POV N . -11.92 25.89 4.43
H14 POV N . -6.20 29.23 -3.90
H14A POV N . -5.29 30.46 -3.45
H14B POV N . -4.88 28.98 -3.03
H24 POV N . -2.82 25.67 8.77
H24A POV N . -2.87 24.37 7.89
H34 POV N . -10.27 23.64 3.99
H34A POV N . -11.81 23.62 3.82
H15 POV N . -8.12 30.28 -2.93
H15A POV N . -8.10 30.74 -1.41
H15B POV N . -7.23 31.52 -2.47
H25 POV N . -0.52 25.18 7.31
H25A POV N . -0.64 25.76 8.75
H35 POV N . -10.47 25.45 2.23
H35A POV N . -10.25 23.95 1.85
H36 POV N . -12.19 23.79 0.93
H36A POV N . -12.90 24.49 2.13
H37 POV N . -13.25 25.76 0.25
H37A POV N . -12.33 26.58 1.22
H38 POV N . -10.69 25.24 -0.37
H38A POV N . -11.79 25.83 -1.31
H39 POV N . -9.75 27.16 -0.06
H39A POV N . -11.12 27.90 0.11
N1 ACH O . -3.99 -8.79 -37.83
C2 ACH O . -3.12 -7.56 -37.76
C3 ACH O . -1.73 -7.55 -38.37
O4 ACH O . -1.82 -7.60 -39.79
C5 ACH O . -0.71 -7.37 -40.49
O7 ACH O . 0.36 -7.16 -39.98
C6 ACH O . -0.96 -7.41 -41.96
C8 ACH O . -5.22 -8.56 -37.04
C9 ACH O . -4.39 -9.03 -39.26
C10 ACH O . -3.34 -10.03 -37.32
H21 ACH O . -3.61 -6.83 -38.16
H22 ACH O . -3.01 -7.34 -36.82
H31 ACH O . -1.26 -6.74 -38.10
H32 ACH O . -1.22 -8.30 -38.05
H61 ACH O . -0.13 -7.24 -42.44
H62 ACH O . -1.30 -8.28 -42.21
H63 ACH O . -1.62 -6.73 -42.18
H81 ACH O . -5.78 -9.36 -37.09
H82 ACH O . -4.97 -8.39 -36.11
H83 ACH O . -5.69 -7.80 -37.40
H91 ACH O . -4.95 -9.82 -39.30
H92 ACH O . -4.87 -8.25 -39.58
H93 ACH O . -3.59 -9.16 -39.79
H101 ACH O . -3.97 -10.76 -37.40
H102 ACH O . -2.55 -10.21 -37.84
H103 ACH O . -3.11 -9.90 -36.39
N1 ACH P . 35.99 -15.79 -6.92
C2 ACH P . 35.22 -16.50 -8.01
C3 ACH P . 35.64 -16.27 -9.44
O4 ACH P . 35.70 -17.51 -10.13
C5 ACH P . 36.40 -17.54 -11.26
O7 ACH P . 35.96 -17.14 -12.30
C6 ACH P . 37.75 -18.12 -11.04
C8 ACH P . 36.02 -14.32 -7.12
C9 ACH P . 35.25 -16.03 -5.64
C10 ACH P . 37.37 -16.31 -6.76
H21 ACH P . 35.26 -17.45 -7.83
H22 ACH P . 34.28 -16.23 -7.93
H31 ACH P . 35.02 -15.67 -9.88
H32 ACH P . 36.51 -15.85 -9.47
H61 ACH P . 38.24 -18.12 -11.88
H62 ACH P . 38.23 -17.57 -10.38
H63 ACH P . 37.67 -19.03 -10.70
H81 ACH P . 36.52 -13.91 -6.40
H82 ACH P . 36.45 -14.12 -7.97
H83 ACH P . 35.12 -13.97 -7.12
H91 ACH P . 35.73 -15.60 -4.91
H92 ACH P . 34.35 -15.68 -5.72
H93 ACH P . 35.21 -16.99 -5.48
H101 ACH P . 37.81 -15.81 -6.04
H102 ACH P . 37.34 -17.25 -6.53
H103 ACH P . 37.85 -16.18 -7.59
#